data_7LNE
# 
_entry.id   7LNE 
# 
_audit_conform.dict_name       mmcif_pdbx.dic 
_audit_conform.dict_version    5.380 
_audit_conform.dict_location   http://mmcif.pdb.org/dictionaries/ascii/mmcif_pdbx.dic 
# 
loop_
_database_2.database_id 
_database_2.database_code 
_database_2.pdbx_database_accession 
_database_2.pdbx_DOI 
PDB   7LNE         pdb_00007lne 10.2210/pdb7lne/pdb 
WWPDB D_1000254667 ?            ?                   
# 
_pdbx_database_status.status_code                     REL 
_pdbx_database_status.status_code_sf                  REL 
_pdbx_database_status.status_code_mr                  ? 
_pdbx_database_status.entry_id                        7LNE 
_pdbx_database_status.recvd_initial_deposition_date   2021-02-07 
_pdbx_database_status.SG_entry                        N 
_pdbx_database_status.deposit_site                    RCSB 
_pdbx_database_status.process_site                    RCSB 
_pdbx_database_status.status_code_cs                  ? 
_pdbx_database_status.status_code_nmr_data            ? 
_pdbx_database_status.methods_development_category    ? 
_pdbx_database_status.pdb_format_compatible           Y 
# 
loop_
_audit_author.name 
_audit_author.pdbx_ordinal 
_audit_author.identifier_ORCID 
'Fang, Z.'      1 0000-0001-8679-6633 
'Giurgiu, C.'   2 0000-0003-0145-0110 
'Szostak, J.W.' 3 0000-0003-4131-1203 
# 
_citation.abstract                  ? 
_citation.abstract_id_CAS           ? 
_citation.book_id_ISBN              ? 
_citation.book_publisher            ? 
_citation.book_publisher_city       ? 
_citation.book_title                ? 
_citation.coordinate_linkage        ? 
_citation.country                   GE 
_citation.database_id_Medline       ? 
_citation.details                   ? 
_citation.id                        primary 
_citation.journal_abbrev            Angew.Chem.Int.Ed.Engl. 
_citation.journal_id_ASTM           ACIEAY 
_citation.journal_id_CSD            0179 
_citation.journal_id_ISSN           1521-3773 
_citation.journal_full              ? 
_citation.journal_issue             ? 
_citation.journal_volume            60 
_citation.language                  ? 
_citation.page_first                22925 
_citation.page_last                 22932 
_citation.title                     'Structure-Activity Relationships in Nonenzymatic Template-Directed RNA Synthesis.' 
_citation.year                      2021 
_citation.database_id_CSD           ? 
_citation.pdbx_database_id_DOI      10.1002/anie.202109714 
_citation.pdbx_database_id_PubMed   34428345 
_citation.unpublished_flag          ? 
# 
loop_
_citation_author.citation_id 
_citation_author.name 
_citation_author.ordinal 
_citation_author.identifier_ORCID 
primary 'Giurgiu, C.'    1 0000-0003-0145-0110 
primary 'Fang, Z.'       2 ?                   
primary 'Aitken, H.R.M.' 3 ?                   
primary 'Kim, S.C.'      4 ?                   
primary 'Pazienza, L.'   5 ?                   
primary 'Mittal, S.'     6 ?                   
primary 'Szostak, J.W.'  7 0000-0003-4131-1203 
# 
_cell.angle_alpha                  90.000 
_cell.angle_alpha_esd              ? 
_cell.angle_beta                   90.000 
_cell.angle_beta_esd               ? 
_cell.angle_gamma                  120.000 
_cell.angle_gamma_esd              ? 
_cell.entry_id                     7LNE 
_cell.details                      ? 
_cell.formula_units_Z              ? 
_cell.length_a                     43.408 
_cell.length_a_esd                 ? 
_cell.length_b                     43.408 
_cell.length_b_esd                 ? 
_cell.length_c                     86.554 
_cell.length_c_esd                 ? 
_cell.volume                       ? 
_cell.volume_esd                   ? 
_cell.Z_PDB                        12 
_cell.reciprocal_angle_alpha       ? 
_cell.reciprocal_angle_beta        ? 
_cell.reciprocal_angle_gamma       ? 
_cell.reciprocal_angle_alpha_esd   ? 
_cell.reciprocal_angle_beta_esd    ? 
_cell.reciprocal_angle_gamma_esd   ? 
_cell.reciprocal_length_a          ? 
_cell.reciprocal_length_b          ? 
_cell.reciprocal_length_c          ? 
_cell.reciprocal_length_a_esd      ? 
_cell.reciprocal_length_b_esd      ? 
_cell.reciprocal_length_c_esd      ? 
_cell.pdbx_unique_axis             ? 
# 
_symmetry.entry_id                         7LNE 
_symmetry.cell_setting                     ? 
_symmetry.Int_Tables_number                150 
_symmetry.space_group_name_Hall            ? 
_symmetry.space_group_name_H-M             'P 3 2 1' 
_symmetry.pdbx_full_space_group_name_H-M   ? 
# 
loop_
_entity.id 
_entity.type 
_entity.src_method 
_entity.pdbx_description 
_entity.formula_weight 
_entity.pdbx_number_of_molecules 
_entity.pdbx_ec 
_entity.pdbx_mutation 
_entity.pdbx_fragment 
_entity.details 
1 polymer     syn 
;RNA (5'-R(*(LCC)P*(LCC)P*(LCC)P*(LCG)P*AP*CP*UP*UP*AP*AP*GP*UP*CP*(GAO))-3')
;
4422.683 2   ? ? ? ? 
2 non-polymer syn '[(1R,3R,4R,7S)-7-HYDROXY-3-(5-METHYLCYTOSIN-1-YL)-2,5-DIOXABICYCLO[2.2.1]HEPT-1-YL]METHYL DIHYDROGEN PHOSPHATE' 
349.234  4   ? ? ? ? 
3 non-polymer syn '[(1R,3R,4R,7S)-7-HYDROXY-3-(GUANIN-9-YL)-2,5-DIOXABICYCLO[2.2.1]HEPT-1-YL]METHYL DIHYDROGEN PHOSPHATE' 375.231  
2   ? ? ? ? 
4 non-polymer syn 
;GUANINE ARABINOSE-5'-PHOSPHATE
;
363.221  2   ? ? ? ? 
5 non-polymer syn "DIGUANOSINE-5'-TRIPHOSPHATE" 788.406  2   ? ? ? ? 
6 non-polymer syn 
'4-AMINO-1-[(1S,3R,4R,7S)-7-HYDROXY-1-(HYDROXYMETHYL)-2,5-DIOXABICYCLO[2.2.1]HEPT-3-YL]-5-METHYLPYRIMIDIN-2(1H)-ONE' 269.254  2   
? ? ? ? 
7 non-polymer nat 'SULFATE ION' 96.063   2   ? ? ? ? 
8 water       nat water 18.015   101 ? ? ? ? 
# 
_entity_poly.entity_id                      1 
_entity_poly.type                           polyribonucleotide 
_entity_poly.nstd_linkage                   no 
_entity_poly.nstd_monomer                   no 
_entity_poly.pdbx_seq_one_letter_code       CCCGACUUAAGUCG 
_entity_poly.pdbx_seq_one_letter_code_can   CCCGACUUAAGUCG 
_entity_poly.pdbx_strand_id                 A,B 
_entity_poly.pdbx_target_identifier         ? 
# 
loop_
_entity_poly_seq.entity_id 
_entity_poly_seq.num 
_entity_poly_seq.mon_id 
_entity_poly_seq.hetero 
1 1  C n 
1 2  C n 
1 3  C n 
1 4  G n 
1 5  A n 
1 6  C n 
1 7  U n 
1 8  U n 
1 9  A n 
1 10 A n 
1 11 G n 
1 12 U n 
1 13 C n 
1 14 G n 
# 
_pdbx_entity_src_syn.entity_id              1 
_pdbx_entity_src_syn.pdbx_src_id            1 
_pdbx_entity_src_syn.pdbx_alt_source_flag   sample 
_pdbx_entity_src_syn.pdbx_beg_seq_num       ? 
_pdbx_entity_src_syn.pdbx_end_seq_num       ? 
_pdbx_entity_src_syn.organism_scientific    'synthetic construct' 
_pdbx_entity_src_syn.organism_common_name   ? 
_pdbx_entity_src_syn.ncbi_taxonomy_id       32630 
_pdbx_entity_src_syn.details                ? 
# 
_struct_ref.id                         1 
_struct_ref.db_name                    PDB 
_struct_ref.db_code                    7LNE 
_struct_ref.pdbx_db_accession          7LNE 
_struct_ref.pdbx_db_isoform            ? 
_struct_ref.entity_id                  1 
_struct_ref.pdbx_seq_one_letter_code   ? 
_struct_ref.pdbx_align_begin           1 
# 
loop_
_struct_ref_seq.align_id 
_struct_ref_seq.ref_id 
_struct_ref_seq.pdbx_PDB_id_code 
_struct_ref_seq.pdbx_strand_id 
_struct_ref_seq.seq_align_beg 
_struct_ref_seq.pdbx_seq_align_beg_ins_code 
_struct_ref_seq.seq_align_end 
_struct_ref_seq.pdbx_seq_align_end_ins_code 
_struct_ref_seq.pdbx_db_accession 
_struct_ref_seq.db_align_beg 
_struct_ref_seq.pdbx_db_align_beg_ins_code 
_struct_ref_seq.db_align_end 
_struct_ref_seq.pdbx_db_align_end_ins_code 
_struct_ref_seq.pdbx_auth_seq_align_beg 
_struct_ref_seq.pdbx_auth_seq_align_end 
1 1 7LNE A 1 ? 14 ? 7LNE 1 ? 14 ? 1 14 
2 1 7LNE B 1 ? 14 ? 7LNE 1 ? 14 ? 1 14 
# 
loop_
_chem_comp.id 
_chem_comp.type 
_chem_comp.mon_nstd_flag 
_chem_comp.name 
_chem_comp.pdbx_synonyms 
_chem_comp.formula 
_chem_comp.formula_weight 
A   'RNA linking' y "ADENOSINE-5'-MONOPHOSPHATE" ? 'C10 H14 N5 O7 P'    347.221 
C   'RNA linking' y "CYTIDINE-5'-MONOPHOSPHATE" ? 'C9 H14 N3 O8 P'     323.197 
G   'RNA linking' y "GUANOSINE-5'-MONOPHOSPHATE" ? 'C10 H14 N5 O8 P'    363.221 
GAO 'RNA linking' n 
;GUANINE ARABINOSE-5'-PHOSPHATE
;
? 'C10 H14 N5 O8 P'    363.221 
GP3 non-polymer   . "DIGUANOSINE-5'-TRIPHOSPHATE" ? 'C20 H27 N10 O18 P3' 788.406 
HOH non-polymer   . WATER ? 'H2 O'               18.015  
LCC 'RNA linking' . 
'[(1R,3R,4R,7S)-7-HYDROXY-3-(5-METHYLCYTOSIN-1-YL)-2,5-DIOXABICYCLO[2.2.1]HEPT-1-YL]METHYL DIHYDROGEN PHOSPHATE'     ? 
'C11 H16 N3 O8 P'    349.234 
LCG 'RNA linking' n '[(1R,3R,4R,7S)-7-HYDROXY-3-(GUANIN-9-YL)-2,5-DIOXABICYCLO[2.2.1]HEPT-1-YL]METHYL DIHYDROGEN PHOSPHATE' ? 
'C11 H14 N5 O8 P'    375.231 
LKC 'RNA linking' . 
'4-AMINO-1-[(1S,3R,4R,7S)-7-HYDROXY-1-(HYDROXYMETHYL)-2,5-DIOXABICYCLO[2.2.1]HEPT-3-YL]-5-METHYLPYRIMIDIN-2(1H)-ONE' ? 
'C11 H15 N3 O5'      269.254 
SO4 non-polymer   . 'SULFATE ION' ? 'O4 S -2'            96.063  
U   'RNA linking' y "URIDINE-5'-MONOPHOSPHATE" ? 'C9 H13 N2 O9 P'     324.181 
# 
_exptl.absorpt_coefficient_mu     ? 
_exptl.absorpt_correction_T_max   ? 
_exptl.absorpt_correction_T_min   ? 
_exptl.absorpt_correction_type    ? 
_exptl.absorpt_process_details    ? 
_exptl.entry_id                   7LNE 
_exptl.crystals_number            1 
_exptl.details                    ? 
_exptl.method                     'X-RAY DIFFRACTION' 
_exptl.method_details             ? 
# 
_exptl_crystal.colour                      ? 
_exptl_crystal.density_diffrn              ? 
_exptl_crystal.density_Matthews            2.66 
_exptl_crystal.density_method              ? 
_exptl_crystal.density_percent_sol         53.78 
_exptl_crystal.description                 ? 
_exptl_crystal.F_000                       ? 
_exptl_crystal.id                          1 
_exptl_crystal.preparation                 ? 
_exptl_crystal.size_max                    ? 
_exptl_crystal.size_mid                    ? 
_exptl_crystal.size_min                    ? 
_exptl_crystal.size_rad                    ? 
_exptl_crystal.colour_lustre               ? 
_exptl_crystal.colour_modifier             ? 
_exptl_crystal.colour_primary              ? 
_exptl_crystal.density_meas                ? 
_exptl_crystal.density_meas_esd            ? 
_exptl_crystal.density_meas_gt             ? 
_exptl_crystal.density_meas_lt             ? 
_exptl_crystal.density_meas_temp           ? 
_exptl_crystal.density_meas_temp_esd       ? 
_exptl_crystal.density_meas_temp_gt        ? 
_exptl_crystal.density_meas_temp_lt        ? 
_exptl_crystal.pdbx_crystal_image_url      ? 
_exptl_crystal.pdbx_crystal_image_format   ? 
_exptl_crystal.pdbx_mosaicity              ? 
_exptl_crystal.pdbx_mosaicity_esd          ? 
# 
_exptl_crystal_grow.apparatus       ? 
_exptl_crystal_grow.atmosphere      ? 
_exptl_crystal_grow.crystal_id      1 
_exptl_crystal_grow.details         ? 
_exptl_crystal_grow.method          'VAPOR DIFFUSION, SITTING DROP' 
_exptl_crystal_grow.method_ref      ? 
_exptl_crystal_grow.pH              ? 
_exptl_crystal_grow.pressure        ? 
_exptl_crystal_grow.pressure_esd    ? 
_exptl_crystal_grow.seeding         ? 
_exptl_crystal_grow.seeding_ref     ? 
_exptl_crystal_grow.temp            293 
_exptl_crystal_grow.temp_details    ? 
_exptl_crystal_grow.temp_esd        ? 
_exptl_crystal_grow.time            ? 
_exptl_crystal_grow.pdbx_details    '1.7 M Lithium sulfate, 10 % w/v Glycerol' 
_exptl_crystal_grow.pdbx_pH_range   ? 
# 
_diffrn.ambient_environment              ? 
_diffrn.ambient_temp                     99 
_diffrn.ambient_temp_details             ? 
_diffrn.ambient_temp_esd                 ? 
_diffrn.crystal_id                       1 
_diffrn.crystal_support                  ? 
_diffrn.crystal_treatment                ? 
_diffrn.details                          ? 
_diffrn.id                               1 
_diffrn.ambient_pressure                 ? 
_diffrn.ambient_pressure_esd             ? 
_diffrn.ambient_pressure_gt              ? 
_diffrn.ambient_pressure_lt              ? 
_diffrn.ambient_temp_gt                  ? 
_diffrn.ambient_temp_lt                  ? 
_diffrn.pdbx_serial_crystal_experiment   N 
# 
_diffrn_detector.details                      ? 
_diffrn_detector.detector                     PIXEL 
_diffrn_detector.diffrn_id                    1 
_diffrn_detector.type                         'DECTRIS EIGER X 16M' 
_diffrn_detector.area_resol_mean              ? 
_diffrn_detector.dtime                        ? 
_diffrn_detector.pdbx_frames_total            ? 
_diffrn_detector.pdbx_collection_time_total   ? 
_diffrn_detector.pdbx_collection_date         2021-02-05 
_diffrn_detector.pdbx_frequency               ? 
# 
_diffrn_radiation.collimation                      ? 
_diffrn_radiation.diffrn_id                        1 
_diffrn_radiation.filter_edge                      ? 
_diffrn_radiation.inhomogeneity                    ? 
_diffrn_radiation.monochromator                    ? 
_diffrn_radiation.polarisn_norm                    ? 
_diffrn_radiation.polarisn_ratio                   ? 
_diffrn_radiation.probe                            ? 
_diffrn_radiation.type                             ? 
_diffrn_radiation.xray_symbol                      ? 
_diffrn_radiation.wavelength_id                    1 
_diffrn_radiation.pdbx_monochromatic_or_laue_m_l   M 
_diffrn_radiation.pdbx_wavelength_list             ? 
_diffrn_radiation.pdbx_wavelength                  ? 
_diffrn_radiation.pdbx_diffrn_protocol             'SINGLE WAVELENGTH' 
_diffrn_radiation.pdbx_analyzer                    ? 
_diffrn_radiation.pdbx_scattering_type             x-ray 
# 
_diffrn_radiation_wavelength.id           1 
_diffrn_radiation_wavelength.wavelength   1.033175 
_diffrn_radiation_wavelength.wt           1.0 
# 
_diffrn_source.current                     ? 
_diffrn_source.details                     ? 
_diffrn_source.diffrn_id                   1 
_diffrn_source.power                       ? 
_diffrn_source.size                        ? 
_diffrn_source.source                      SYNCHROTRON 
_diffrn_source.target                      ? 
_diffrn_source.type                        'APS BEAMLINE 23-ID-B' 
_diffrn_source.voltage                     ? 
_diffrn_source.take-off_angle              ? 
_diffrn_source.pdbx_wavelength_list        1.033175 
_diffrn_source.pdbx_wavelength             ? 
_diffrn_source.pdbx_synchrotron_beamline   23-ID-B 
_diffrn_source.pdbx_synchrotron_site       APS 
# 
_reflns.B_iso_Wilson_estimate            ? 
_reflns.entry_id                         7LNE 
_reflns.data_reduction_details           ? 
_reflns.data_reduction_method            ? 
_reflns.d_resolution_high                1.53 
_reflns.d_resolution_low                 50 
_reflns.details                          ? 
_reflns.limit_h_max                      ? 
_reflns.limit_h_min                      ? 
_reflns.limit_k_max                      ? 
_reflns.limit_k_min                      ? 
_reflns.limit_l_max                      ? 
_reflns.limit_l_min                      ? 
_reflns.number_all                       ? 
_reflns.number_obs                       14626 
_reflns.observed_criterion               ? 
_reflns.observed_criterion_F_max         ? 
_reflns.observed_criterion_F_min         ? 
_reflns.observed_criterion_I_max         ? 
_reflns.observed_criterion_I_min         ? 
_reflns.observed_criterion_sigma_F       ? 
_reflns.observed_criterion_sigma_I       ? 
_reflns.percent_possible_obs             98.7 
_reflns.R_free_details                   ? 
_reflns.Rmerge_F_all                     ? 
_reflns.Rmerge_F_obs                     ? 
_reflns.Friedel_coverage                 ? 
_reflns.number_gt                        ? 
_reflns.threshold_expression             ? 
_reflns.pdbx_redundancy                  5.8 
_reflns.pdbx_Rmerge_I_obs                0.066 
_reflns.pdbx_Rmerge_I_all                ? 
_reflns.pdbx_Rsym_value                  ? 
_reflns.pdbx_netI_over_av_sigmaI         ? 
_reflns.pdbx_netI_over_sigmaI            19.9 
_reflns.pdbx_res_netI_over_av_sigmaI_2   ? 
_reflns.pdbx_res_netI_over_sigmaI_2      ? 
_reflns.pdbx_chi_squared                 0.923 
_reflns.pdbx_scaling_rejects             ? 
_reflns.pdbx_d_res_high_opt              ? 
_reflns.pdbx_d_res_low_opt               ? 
_reflns.pdbx_d_res_opt_method            ? 
_reflns.phase_calculation_details        ? 
_reflns.pdbx_Rrim_I_all                  0.073 
_reflns.pdbx_Rpim_I_all                  0.031 
_reflns.pdbx_d_opt                       ? 
_reflns.pdbx_number_measured_all         ? 
_reflns.pdbx_diffrn_id                   1 
_reflns.pdbx_ordinal                     1 
_reflns.pdbx_CC_half                     0.999 
_reflns.pdbx_CC_star                     1.000 
_reflns.pdbx_R_split                     ? 
# 
_reflns_shell.d_res_high                  1.53 
_reflns_shell.d_res_low                   1.56 
_reflns_shell.meanI_over_sigI_all         ? 
_reflns_shell.meanI_over_sigI_obs         6.1 
_reflns_shell.number_measured_all         ? 
_reflns_shell.number_measured_obs         ? 
_reflns_shell.number_possible             ? 
_reflns_shell.number_unique_all           ? 
_reflns_shell.number_unique_obs           691 
_reflns_shell.percent_possible_all        96.9 
_reflns_shell.percent_possible_obs        ? 
_reflns_shell.Rmerge_F_all                ? 
_reflns_shell.Rmerge_F_obs                ? 
_reflns_shell.Rmerge_I_all                ? 
_reflns_shell.Rmerge_I_obs                0.198 
_reflns_shell.meanI_over_sigI_gt          ? 
_reflns_shell.meanI_over_uI_all           ? 
_reflns_shell.meanI_over_uI_gt            ? 
_reflns_shell.number_measured_gt          ? 
_reflns_shell.number_unique_gt            ? 
_reflns_shell.percent_possible_gt         ? 
_reflns_shell.Rmerge_F_gt                 ? 
_reflns_shell.Rmerge_I_gt                 ? 
_reflns_shell.pdbx_redundancy             3.4 
_reflns_shell.pdbx_Rsym_value             ? 
_reflns_shell.pdbx_chi_squared            0.800 
_reflns_shell.pdbx_netI_over_sigmaI_all   ? 
_reflns_shell.pdbx_netI_over_sigmaI_obs   ? 
_reflns_shell.pdbx_Rrim_I_all             0.226 
_reflns_shell.pdbx_Rpim_I_all             0.106 
_reflns_shell.pdbx_rejects                ? 
_reflns_shell.pdbx_ordinal                1 
_reflns_shell.pdbx_diffrn_id              1 
_reflns_shell.pdbx_CC_half                0.973 
_reflns_shell.pdbx_CC_star                0.993 
_reflns_shell.pdbx_R_split                ? 
# 
_refine.aniso_B[1][1]                            -0.001 
_refine.aniso_B[1][2]                            -0.001 
_refine.aniso_B[1][3]                            -0.000 
_refine.aniso_B[2][2]                            -0.001 
_refine.aniso_B[2][3]                            0.000 
_refine.aniso_B[3][3]                            0.005 
_refine.B_iso_max                                ? 
_refine.B_iso_mean                               16.202 
_refine.B_iso_min                                ? 
_refine.correlation_coeff_Fo_to_Fc               0.950 
_refine.correlation_coeff_Fo_to_Fc_free          0.938 
_refine.details                                  'Hydrogens have been added in their riding positions' 
_refine.diff_density_max                         ? 
_refine.diff_density_max_esd                     ? 
_refine.diff_density_min                         ? 
_refine.diff_density_min_esd                     ? 
_refine.diff_density_rms                         ? 
_refine.diff_density_rms_esd                     ? 
_refine.entry_id                                 7LNE 
_refine.pdbx_refine_id                           'X-RAY DIFFRACTION' 
_refine.ls_abs_structure_details                 ? 
_refine.ls_abs_structure_Flack                   ? 
_refine.ls_abs_structure_Flack_esd               ? 
_refine.ls_abs_structure_Rogers                  ? 
_refine.ls_abs_structure_Rogers_esd              ? 
_refine.ls_d_res_high                            1.53 
_refine.ls_d_res_low                             37.621 
_refine.ls_extinction_coef                       ? 
_refine.ls_extinction_coef_esd                   ? 
_refine.ls_extinction_expression                 ? 
_refine.ls_extinction_method                     ? 
_refine.ls_goodness_of_fit_all                   ? 
_refine.ls_goodness_of_fit_all_esd               ? 
_refine.ls_goodness_of_fit_obs                   ? 
_refine.ls_goodness_of_fit_obs_esd               ? 
_refine.ls_hydrogen_treatment                    ? 
_refine.ls_matrix_type                           ? 
_refine.ls_number_constraints                    ? 
_refine.ls_number_parameters                     ? 
_refine.ls_number_reflns_all                     ? 
_refine.ls_number_reflns_obs                     14547 
_refine.ls_number_reflns_R_free                  756 
_refine.ls_number_reflns_R_work                  13791 
_refine.ls_number_restraints                     ? 
_refine.ls_percent_reflns_obs                    98.151 
_refine.ls_percent_reflns_R_free                 5.197 
_refine.ls_R_factor_all                          0.193 
_refine.ls_R_factor_obs                          ? 
_refine.ls_R_factor_R_free                       0.2254 
_refine.ls_R_factor_R_free_error                 ? 
_refine.ls_R_factor_R_free_error_details         ? 
_refine.ls_R_factor_R_work                       0.1913 
_refine.ls_R_Fsqd_factor_obs                     ? 
_refine.ls_R_I_factor_obs                        ? 
_refine.ls_redundancy_reflns_all                 ? 
_refine.ls_redundancy_reflns_obs                 ? 
_refine.ls_restrained_S_all                      ? 
_refine.ls_restrained_S_obs                      ? 
_refine.ls_shift_over_esd_max                    ? 
_refine.ls_shift_over_esd_mean                   ? 
_refine.ls_structure_factor_coef                 ? 
_refine.ls_weighting_details                     ? 
_refine.ls_weighting_scheme                      ? 
_refine.ls_wR_factor_all                         ? 
_refine.ls_wR_factor_obs                         ? 
_refine.ls_wR_factor_R_free                      ? 
_refine.ls_wR_factor_R_work                      ? 
_refine.occupancy_max                            ? 
_refine.occupancy_min                            ? 
_refine.solvent_model_details                    'MASK BULK SOLVENT' 
_refine.solvent_model_param_bsol                 ? 
_refine.solvent_model_param_ksol                 ? 
_refine.pdbx_R_complete                          ? 
_refine.ls_R_factor_gt                           ? 
_refine.ls_goodness_of_fit_gt                    ? 
_refine.ls_goodness_of_fit_ref                   ? 
_refine.ls_shift_over_su_max                     ? 
_refine.ls_shift_over_su_max_lt                  ? 
_refine.ls_shift_over_su_mean                    ? 
_refine.ls_shift_over_su_mean_lt                 ? 
_refine.pdbx_ls_sigma_I                          ? 
_refine.pdbx_ls_sigma_F                          ? 
_refine.pdbx_ls_sigma_Fsqd                       ? 
_refine.pdbx_data_cutoff_high_absF               ? 
_refine.pdbx_data_cutoff_high_rms_absF           ? 
_refine.pdbx_data_cutoff_low_absF                ? 
_refine.pdbx_isotropic_thermal_model             ? 
_refine.pdbx_ls_cross_valid_method               THROUGHOUT 
_refine.pdbx_method_to_determine_struct          'MOLECULAR REPLACEMENT' 
_refine.pdbx_starting_model                      5UEE 
_refine.pdbx_stereochemistry_target_values       ? 
_refine.pdbx_R_Free_selection_details            ? 
_refine.pdbx_stereochem_target_val_spec_case     ? 
_refine.pdbx_overall_ESU_R                       0.083 
_refine.pdbx_overall_ESU_R_Free                  0.086 
_refine.pdbx_solvent_vdw_probe_radii             1.200 
_refine.pdbx_solvent_ion_probe_radii             0.800 
_refine.pdbx_solvent_shrinkage_radii             0.800 
_refine.pdbx_real_space_R                        ? 
_refine.pdbx_density_correlation                 ? 
_refine.pdbx_pd_number_of_powder_patterns        ? 
_refine.pdbx_pd_number_of_points                 ? 
_refine.pdbx_pd_meas_number_of_points            ? 
_refine.pdbx_pd_proc_ls_prof_R_factor            ? 
_refine.pdbx_pd_proc_ls_prof_wR_factor           ? 
_refine.pdbx_pd_Marquardt_correlation_coeff      ? 
_refine.pdbx_pd_Fsqrd_R_factor                   ? 
_refine.pdbx_pd_ls_matrix_band_width             ? 
_refine.pdbx_overall_phase_error                 ? 
_refine.pdbx_overall_SU_R_free_Cruickshank_DPI   ? 
_refine.pdbx_overall_SU_R_free_Blow_DPI          ? 
_refine.pdbx_overall_SU_R_Blow_DPI               ? 
_refine.pdbx_TLS_residual_ADP_flag               ? 
_refine.pdbx_diffrn_id                           1 
_refine.overall_SU_B                             1.279 
_refine.overall_SU_ML                            0.048 
_refine.overall_SU_R_Cruickshank_DPI             ? 
_refine.overall_SU_R_free                        ? 
_refine.overall_FOM_free_R_set                   ? 
_refine.overall_FOM_work_R_set                   ? 
_refine.pdbx_average_fsc_overall                 ? 
_refine.pdbx_average_fsc_work                    ? 
_refine.pdbx_average_fsc_free                    ? 
# 
_refine_hist.pdbx_refine_id                   'X-RAY DIFFRACTION' 
_refine_hist.cycle_id                         LAST 
_refine_hist.details                          ? 
_refine_hist.d_res_high                       1.53 
_refine_hist.d_res_low                        37.621 
_refine_hist.number_atoms_solvent             101 
_refine_hist.number_atoms_total               811 
_refine_hist.number_reflns_all                ? 
_refine_hist.number_reflns_obs                ? 
_refine_hist.number_reflns_R_free             ? 
_refine_hist.number_reflns_R_work             ? 
_refine_hist.R_factor_all                     ? 
_refine_hist.R_factor_obs                     ? 
_refine_hist.R_factor_R_free                  ? 
_refine_hist.R_factor_R_work                  ? 
_refine_hist.pdbx_number_residues_total       ? 
_refine_hist.pdbx_B_iso_mean_ligand           ? 
_refine_hist.pdbx_B_iso_mean_solvent          ? 
_refine_hist.pdbx_number_atoms_protein        0 
_refine_hist.pdbx_number_atoms_nucleic_acid   378 
_refine_hist.pdbx_number_atoms_ligand         332 
_refine_hist.pdbx_number_atoms_lipid          ? 
_refine_hist.pdbx_number_atoms_carb           ? 
_refine_hist.pdbx_pseudo_atom_details         ? 
# 
loop_
_refine_ls_restr.pdbx_refine_id 
_refine_ls_restr.criterion 
_refine_ls_restr.dev_ideal 
_refine_ls_restr.dev_ideal_target 
_refine_ls_restr.number 
_refine_ls_restr.rejects 
_refine_ls_restr.type 
_refine_ls_restr.weight 
_refine_ls_restr.pdbx_restraint_function 
'X-RAY DIFFRACTION' ? 0.025 0.018  792  ? r_bond_refined_d               ? ? 
'X-RAY DIFFRACTION' ? 0.033 0.025  346  ? r_bond_other_d                 ? ? 
'X-RAY DIFFRACTION' ? 3.091 2.131  1208 ? r_angle_refined_deg            ? ? 
'X-RAY DIFFRACTION' ? 3.850 3.211  818  ? r_angle_other_deg              ? ? 
'X-RAY DIFFRACTION' ? 0.505 0.200  142  ? r_chiral_restr                 ? ? 
'X-RAY DIFFRACTION' ? 1.751 0.200  22   ? r_chiral_restr_other           ? ? 
'X-RAY DIFFRACTION' ? 0.023 0.021  400  ? r_gen_planes_refined           ? ? 
'X-RAY DIFFRACTION' ? 0.002 0.023  148  ? r_gen_planes_other             ? ? 
'X-RAY DIFFRACTION' ? 0.156 0.200  75   ? r_nbd_refined                  ? ? 
'X-RAY DIFFRACTION' ? 0.212 0.200  478  ? r_symmetry_nbd_other           ? ? 
'X-RAY DIFFRACTION' ? 0.252 0.200  295  ? r_nbtor_refined                ? ? 
'X-RAY DIFFRACTION' ? 0.300 0.200  154  ? r_symmetry_nbtor_other         ? ? 
'X-RAY DIFFRACTION' ? 0.206 0.200  53   ? r_xyhbond_nbd_refined          ? ? 
'X-RAY DIFFRACTION' ? 0.176 0.200  15   ? r_symmetry_nbd_refined         ? ? 
'X-RAY DIFFRACTION' ? 0.247 0.200  63   ? r_nbd_other                    ? ? 
'X-RAY DIFFRACTION' ? 0.258 0.200  21   ? r_symmetry_xyhbond_nbd_refined ? ? 
'X-RAY DIFFRACTION' ? 2.141 1.606  792  ? r_scbond_it                    ? ? 
'X-RAY DIFFRACTION' ? 2.044 1.583  785  ? r_scbond_other                 ? ? 
'X-RAY DIFFRACTION' ? 3.160 2.430  1208 ? r_scangle_it                   ? ? 
'X-RAY DIFFRACTION' ? 3.050 2.393  1197 ? r_scangle_other                ? ? 
'X-RAY DIFFRACTION' ? 4.882 15.478 1063 ? r_lrange_it                    ? ? 
'X-RAY DIFFRACTION' ? 4.804 15.126 1049 ? r_lrange_other                 ? ? 
# 
loop_
_refine_ls_shell.pdbx_refine_id 
_refine_ls_shell.d_res_high 
_refine_ls_shell.d_res_low 
_refine_ls_shell.number_reflns_all 
_refine_ls_shell.number_reflns_obs 
_refine_ls_shell.number_reflns_R_free 
_refine_ls_shell.number_reflns_R_work 
_refine_ls_shell.percent_reflns_obs 
_refine_ls_shell.percent_reflns_R_free 
_refine_ls_shell.R_factor_all 
_refine_ls_shell.R_factor_obs 
_refine_ls_shell.R_factor_R_free 
_refine_ls_shell.R_factor_R_free_error 
_refine_ls_shell.R_factor_R_work 
_refine_ls_shell.redundancy_reflns_all 
_refine_ls_shell.redundancy_reflns_obs 
_refine_ls_shell.wR_factor_all 
_refine_ls_shell.wR_factor_obs 
_refine_ls_shell.wR_factor_R_free 
_refine_ls_shell.wR_factor_R_work 
_refine_ls_shell.pdbx_R_complete 
_refine_ls_shell.pdbx_total_number_of_bins_used 
_refine_ls_shell.pdbx_phase_error 
_refine_ls_shell.pdbx_fsc_work 
_refine_ls_shell.pdbx_fsc_free 
'X-RAY DIFFRACTION' 1.532 1.572  . . 49 963  95.3817 . . . 0.278 . 0.210 . . . . . . . . . . . 
'X-RAY DIFFRACTION' 1.572 1.615  . . 54 1001 99.3409 . . . 0.200 . 0.192 . . . . . . . . . . . 
'X-RAY DIFFRACTION' 1.615 1.662  . . 63 934  99.6004 . . . 0.247 . 0.170 . . . . . . . . . . . 
'X-RAY DIFFRACTION' 1.662 1.713  . . 46 937  98.7940 . . . 0.155 . .     . . . . . . . . . . . 
'X-RAY DIFFRACTION' 1.713 1.769  . . 48 891  98.9463 . . . 0.234 . 0.167 . . . . . . . . . . . 
'X-RAY DIFFRACTION' 1.769 1.831  . . 31 898  99.3583 . . . 0.197 . 0.166 . . . . . . . . . . . 
'X-RAY DIFFRACTION' 1.831 1.900  . . 64 820  97.6796 . . . 0.213 . 0.181 . . . . . . . . . . . 
'X-RAY DIFFRACTION' 1.900 1.978  . . 58 822  99.0991 . . . 0.220 . 0.175 . . . . . . . . . . . 
'X-RAY DIFFRACTION' 1.978 2.066  . . 39 779  99.6346 . . . 0.169 . .     . . . . . . . . . . . 
'X-RAY DIFFRACTION' 2.066 2.166  . . 50 741  98.3831 . . . 0.271 . 0.182 . . . . . . . . . . . 
'X-RAY DIFFRACTION' 2.166 2.283  . . 31 721  98.1723 . . . 0.194 . 0.187 . . . . . . . . . . . 
'X-RAY DIFFRACTION' 2.283 2.422  . . 27 677  97.7778 . . . 0.260 . 0.221 . . . . . . . . . . . 
'X-RAY DIFFRACTION' 2.422 2.589  . . 35 634  98.0938 . . . 0.300 . 0.210 . . . . . . . . . . . 
'X-RAY DIFFRACTION' 2.589 2.796  . . 37 587  97.1963 . . . 0.301 . 0.233 . . . . . . . . . . . 
'X-RAY DIFFRACTION' 2.796 3.063  . . 31 549  97.9730 . . . 0.241 . 0.206 . . . . . . . . . . . 
'X-RAY DIFFRACTION' 3.063 3.424  . . 25 486  94.2804 . . . 0.252 . 0.203 . . . . . . . . . . . 
'X-RAY DIFFRACTION' 3.424 3.952  . . 33 448  97.5659 . . . 0.165 . .     . . . . . . . . . . . 
'X-RAY DIFFRACTION' 3.952 4.838  . . 11 386  95.6627 . . . 0.246 . 0.173 . . . . . . . . . . . 
'X-RAY DIFFRACTION' 4.838 6.831  . . 16 315  99.6988 . . . 0.140 . .     . . . . . . . . . . . 
'X-RAY DIFFRACTION' 6.831 37.621 . . 8  202  97.2222 . . . 0.535 . 0.296 . . . . . . . . . . . 
# 
_struct.entry_id                     7LNE 
_struct.title                        
;ANA modification at 3' end of RNA primer complex with guanosine dinucleotide ligand G(5')ppp(5')G
;
_struct.pdbx_model_details           ? 
_struct.pdbx_formula_weight          ? 
_struct.pdbx_formula_weight_method   ? 
_struct.pdbx_model_type_details      ? 
_struct.pdbx_CASP_flag               N 
# 
_struct_keywords.entry_id        7LNE 
_struct_keywords.text            'RNA, nonenzymatic RNA extension' 
_struct_keywords.pdbx_keywords   RNA 
# 
loop_
_struct_asym.id 
_struct_asym.pdbx_blank_PDB_chainid_flag 
_struct_asym.pdbx_modified 
_struct_asym.entity_id 
_struct_asym.details 
A N N 1 ? 
B N N 1 ? 
C N N 2 ? 
D N N 3 ? 
E N N 4 ? 
F N N 5 ? 
G N N 6 ? 
H N N 2 ? 
I N N 7 ? 
J N N 6 ? 
K N N 2 ? 
L N N 2 ? 
M N N 3 ? 
N N N 4 ? 
O N N 5 ? 
P N N 7 ? 
Q N N 8 ? 
R N N 8 ? 
# 
loop_
_struct_conn.id 
_struct_conn.conn_type_id 
_struct_conn.pdbx_leaving_atom_flag 
_struct_conn.pdbx_PDB_id 
_struct_conn.ptnr1_label_asym_id 
_struct_conn.ptnr1_label_comp_id 
_struct_conn.ptnr1_label_seq_id 
_struct_conn.ptnr1_label_atom_id 
_struct_conn.pdbx_ptnr1_label_alt_id 
_struct_conn.pdbx_ptnr1_PDB_ins_code 
_struct_conn.pdbx_ptnr1_standard_comp_id 
_struct_conn.ptnr1_symmetry 
_struct_conn.ptnr2_label_asym_id 
_struct_conn.ptnr2_label_comp_id 
_struct_conn.ptnr2_label_seq_id 
_struct_conn.ptnr2_label_atom_id 
_struct_conn.pdbx_ptnr2_label_alt_id 
_struct_conn.pdbx_ptnr2_PDB_ins_code 
_struct_conn.ptnr1_auth_asym_id 
_struct_conn.ptnr1_auth_comp_id 
_struct_conn.ptnr1_auth_seq_id 
_struct_conn.ptnr2_auth_asym_id 
_struct_conn.ptnr2_auth_comp_id 
_struct_conn.ptnr2_auth_seq_id 
_struct_conn.ptnr2_symmetry 
_struct_conn.pdbx_ptnr3_label_atom_id 
_struct_conn.pdbx_ptnr3_label_seq_id 
_struct_conn.pdbx_ptnr3_label_comp_id 
_struct_conn.pdbx_ptnr3_label_asym_id 
_struct_conn.pdbx_ptnr3_label_alt_id 
_struct_conn.pdbx_ptnr3_PDB_ins_code 
_struct_conn.details 
_struct_conn.pdbx_dist_value 
_struct_conn.pdbx_value_order 
_struct_conn.pdbx_role 
covale1  covale both ? A A   5  P     ? ? ? 1_555 D LCG .  "O3'" ? ? A A   5   A LCG 102 1_555 ? ? ? ? ? ? ?            1.513 ? ? 
covale2  covale both ? A C   13 "O3'" ? ? ? 1_555 E GAO .  P     ? ? A C   13  A GAO 103 1_555 ? ? ? ? ? ? ?            1.603 ? ? 
covale3  covale both ? C LCC .  "O3'" ? ? ? 1_555 D LCG .  P     ? ? A LCC 101 A LCG 102 1_555 ? ? ? ? ? ? ?            1.571 ? ? 
covale4  covale both ? C LCC .  P     ? ? ? 1_555 K LCC .  "O3'" ? ? A LCC 101 B LCC 102 1_555 ? ? ? ? ? ? ?            1.554 ? ? 
covale5  covale both ? G LKC .  "O3'" ? ? ? 1_555 H LCC .  P     ? ? A LKC 105 A LCC 106 1_555 ? ? ? ? ? ? ?            1.604 ? ? 
covale6  covale both ? H LCC .  "O3'" ? ? ? 1_555 L LCC .  P     ? ? A LCC 106 B LCC 103 1_555 ? ? ? ? ? ? ?            1.588 ? ? 
covale7  covale both ? B A   5  P     ? ? ? 1_555 M LCG .  "O3'" ? ? B A   5   B LCG 104 1_555 ? ? ? ? ? ? ?            1.582 ? ? 
covale8  covale both ? B C   13 "O3'" ? ? ? 1_555 N GAO .  P     ? ? B C   13  B GAO 105 1_555 ? ? ? ? ? ? ?            1.620 ? ? 
covale9  covale both ? J LKC .  "O3'" ? ? ? 1_555 K LCC .  P     ? ? B LKC 101 B LCC 102 1_555 ? ? ? ? ? ? ?            1.633 ? ? 
covale10 covale both ? L LCC .  "O3'" ? ? ? 1_555 M LCG .  P     ? ? B LCC 103 B LCG 104 1_555 ? ? ? ? ? ? ?            1.602 ? ? 
hydrog1  hydrog ?    ? A A   5  N1    ? ? ? 1_555 B U   12 N3    ? ? A A   5   B U   12  1_555 ? ? ? ? ? ? WATSON-CRICK ?     ? ? 
hydrog2  hydrog ?    ? A A   5  N6    ? ? ? 1_555 B U   12 O4    ? ? A A   5   B U   12  1_555 ? ? ? ? ? ? WATSON-CRICK ?     ? ? 
hydrog3  hydrog ?    ? A C   6  N3    ? ? ? 1_555 B G   11 N1    ? ? A C   6   B G   11  1_555 ? ? ? ? ? ? WATSON-CRICK ?     ? ? 
hydrog4  hydrog ?    ? A C   6  N4    ? ? ? 1_555 B G   11 O6    ? ? A C   6   B G   11  1_555 ? ? ? ? ? ? WATSON-CRICK ?     ? ? 
hydrog5  hydrog ?    ? A C   6  O2    ? ? ? 1_555 B G   11 N2    ? ? A C   6   B G   11  1_555 ? ? ? ? ? ? WATSON-CRICK ?     ? ? 
hydrog6  hydrog ?    ? A U   7  N3    ? ? ? 1_555 B A   10 N1    ? ? A U   7   B A   10  1_555 ? ? ? ? ? ? WATSON-CRICK ?     ? ? 
hydrog7  hydrog ?    ? A U   7  O4    ? ? ? 1_555 B A   10 N6    ? ? A U   7   B A   10  1_555 ? ? ? ? ? ? WATSON-CRICK ?     ? ? 
hydrog8  hydrog ?    ? A U   8  N3    ? ? ? 1_555 B A   9  N1    ? ? A U   8   B A   9   1_555 ? ? ? ? ? ? WATSON-CRICK ?     ? ? 
hydrog9  hydrog ?    ? A U   8  O4    ? ? ? 1_555 B A   9  N6    ? ? A U   8   B A   9   1_555 ? ? ? ? ? ? WATSON-CRICK ?     ? ? 
hydrog10 hydrog ?    ? A A   9  N1    ? ? ? 1_555 B U   8  N3    ? ? A A   9   B U   8   1_555 ? ? ? ? ? ? WATSON-CRICK ?     ? ? 
hydrog11 hydrog ?    ? A A   9  N6    ? ? ? 1_555 B U   8  O4    ? ? A A   9   B U   8   1_555 ? ? ? ? ? ? WATSON-CRICK ?     ? ? 
hydrog12 hydrog ?    ? A A   10 N1    ? ? ? 1_555 B U   7  N3    ? ? A A   10  B U   7   1_555 ? ? ? ? ? ? WATSON-CRICK ?     ? ? 
hydrog13 hydrog ?    ? A A   10 N6    ? ? ? 1_555 B U   7  O4    ? ? A A   10  B U   7   1_555 ? ? ? ? ? ? WATSON-CRICK ?     ? ? 
hydrog14 hydrog ?    ? A G   11 N1    ? ? ? 1_555 B C   6  N3    ? ? A G   11  B C   6   1_555 ? ? ? ? ? ? WATSON-CRICK ?     ? ? 
hydrog15 hydrog ?    ? A G   11 N2    ? ? ? 1_555 B C   6  O2    ? ? A G   11  B C   6   1_555 ? ? ? ? ? ? WATSON-CRICK ?     ? ? 
hydrog16 hydrog ?    ? A G   11 O6    ? ? ? 1_555 B C   6  N4    ? ? A G   11  B C   6   1_555 ? ? ? ? ? ? WATSON-CRICK ?     ? ? 
hydrog17 hydrog ?    ? A U   12 N3    ? ? ? 1_555 B A   5  N1    ? ? A U   12  B A   5   1_555 ? ? ? ? ? ? WATSON-CRICK ?     ? ? 
hydrog18 hydrog ?    ? A U   12 O4    ? ? ? 1_555 B A   5  N6    ? ? A U   12  B A   5   1_555 ? ? ? ? ? ? WATSON-CRICK ?     ? ? 
# 
loop_
_struct_conn_type.id 
_struct_conn_type.criteria 
_struct_conn_type.reference 
covale ? ? 
hydrog ? ? 
# 
_atom_sites.entry_id                    7LNE 
_atom_sites.Cartn_transf_matrix[1][1]   ? 
_atom_sites.Cartn_transf_matrix[1][2]   ? 
_atom_sites.Cartn_transf_matrix[1][3]   ? 
_atom_sites.Cartn_transf_matrix[2][1]   ? 
_atom_sites.Cartn_transf_matrix[2][2]   ? 
_atom_sites.Cartn_transf_matrix[2][3]   ? 
_atom_sites.Cartn_transf_matrix[3][1]   ? 
_atom_sites.Cartn_transf_matrix[3][2]   ? 
_atom_sites.Cartn_transf_matrix[3][3]   ? 
_atom_sites.Cartn_transf_vector[1]      ? 
_atom_sites.Cartn_transf_vector[2]      ? 
_atom_sites.Cartn_transf_vector[3]      ? 
_atom_sites.fract_transf_matrix[1][1]   0.01485036 
_atom_sites.fract_transf_matrix[1][2]   0.01999773 
_atom_sites.fract_transf_matrix[1][3]   0.00933689 
_atom_sites.fract_transf_matrix[2][1]   0.01321337 
_atom_sites.fract_transf_matrix[2][2]   0.01575855 
_atom_sites.fract_transf_matrix[2][3]   -0.01687271 
_atom_sites.fract_transf_matrix[3][1]   -0.00913505 
_atom_sites.fract_transf_matrix[3][2]   0.00704969 
_atom_sites.fract_transf_matrix[3][3]   -0.00056967 
_atom_sites.fract_transf_vector[1]      0.629596 
_atom_sites.fract_transf_vector[2]      -0.152138 
_atom_sites.fract_transf_vector[3]      0.261652 
_atom_sites.solution_primary            ? 
_atom_sites.solution_secondary          ? 
_atom_sites.solution_hydrogens          ? 
_atom_sites.special_details             ? 
# 
loop_
_atom_type.symbol 
_atom_type.pdbx_scat_Z 
_atom_type.pdbx_N_electrons 
_atom_type.scat_Cromer_Mann_a1 
_atom_type.scat_Cromer_Mann_b1 
_atom_type.scat_Cromer_Mann_a2 
_atom_type.scat_Cromer_Mann_b2 
_atom_type.scat_Cromer_Mann_a3 
_atom_type.scat_Cromer_Mann_b3 
_atom_type.scat_Cromer_Mann_a4 
_atom_type.scat_Cromer_Mann_b4 
_atom_type.scat_Cromer_Mann_c 
C 6  6  2.310  20.844 1.020 10.208 1.589 0.569  0.865 51.651 0.216   
H 1  1  0.493  10.511 0.323 26.126 0.140 3.142  0.041 57.800 0.003   
N 7  7  12.222 0.006  3.135 9.893  2.014 28.997 1.167 0.583  -11.538 
O 8  8  3.049  13.277 2.287 5.701  1.546 0.324  0.867 32.909 0.251   
P 15 15 6.435  1.907  4.179 27.157 1.780 0.526  1.491 68.164 1.115   
S ?  ?  ?      ?      ?     ?      ?     ?      ?     ?      ?       
# 
loop_
_atom_site.group_PDB 
_atom_site.id 
_atom_site.type_symbol 
_atom_site.label_atom_id 
_atom_site.label_alt_id 
_atom_site.label_comp_id 
_atom_site.label_asym_id 
_atom_site.label_entity_id 
_atom_site.label_seq_id 
_atom_site.pdbx_PDB_ins_code 
_atom_site.Cartn_x 
_atom_site.Cartn_y 
_atom_site.Cartn_z 
_atom_site.occupancy 
_atom_site.B_iso_or_equiv 
_atom_site.pdbx_formal_charge 
_atom_site.auth_seq_id 
_atom_site.auth_comp_id 
_atom_site.auth_asym_id 
_atom_site.auth_atom_id 
_atom_site.pdbx_PDB_model_num 
_atom_site.calc_flag 
ATOM   1   P P     . A   A 1 5  ? 1.223   -8.938  -2.938  1.000 15.008  0 5   A   A P     1 ? 
ATOM   2   O OP1   . A   A 1 5  ? -0.167  -8.805  -3.539  1.000 18.558  0 5   A   A OP1   1 ? 
ATOM   3   O OP2   . A   A 1 5  ? 2.195   -7.886  -3.107  1.000 16.741  0 5   A   A OP2   1 ? 
ATOM   4   O "O5'" . A   A 1 5  ? 1.001   -9.143  -1.355  1.000 15.386  0 5   A   A "O5'" 1 ? 
ATOM   5   C "C5'" . A   A 1 5  ? 0.184   -10.191 -0.835  1.000 13.193  0 5   A   A "C5'" 1 ? 
ATOM   6   C "C4'" . A   A 1 5  ? 0.414   -10.271 0.663   1.000 11.945  0 5   A   A "C4'" 1 ? 
ATOM   7   O "O4'" . A   A 1 5  ? 1.756   -10.769 0.913   1.000 12.351  0 5   A   A "O4'" 1 ? 
ATOM   8   C "C3'" . A   A 1 5  ? 0.344   -8.960  1.442   1.000 11.530  0 5   A   A "C3'" 1 ? 
ATOM   9   O "O3'" . A   A 1 5  ? -0.995  -8.617  1.762   1.000 12.704  0 5   A   A "O3'" 1 ? 
ATOM   10  C "C2'" . A   A 1 5  ? 1.152   -9.356  2.674   1.000 10.726  0 5   A   A "C2'" 1 ? 
ATOM   11  O "O2'" . A   A 1 5  ? 0.349   -10.225 3.480   1.000 12.288  0 5   A   A "O2'" 1 ? 
ATOM   12  C "C1'" . A   A 1 5  ? 2.303   -10.146 2.052   1.000 11.165  0 5   A   A "C1'" 1 ? 
ATOM   13  N N9    . A   A 1 5  ? 3.406   -9.276  1.615   1.000 10.141  0 5   A   A N9    1 ? 
ATOM   14  C C8    . A   A 1 5  ? 3.597   -8.733  0.358   1.000 11.112  0 5   A   A C8    1 ? 
ATOM   15  N N7    . A   A 1 5  ? 4.620   -7.908  0.286   1.000 11.898  0 5   A   A N7    1 ? 
ATOM   16  C C5    . A   A 1 5  ? 5.177   -7.963  1.557   1.000 10.060  0 5   A   A C5    1 ? 
ATOM   17  C C6    . A   A 1 5  ? 6.288   -7.317  2.134   1.000 10.108  0 5   A   A C6    1 ? 
ATOM   18  N N6    . A   A 1 5  ? 7.101   -6.511  1.462   1.000 10.741  0 5   A   A N6    1 ? 
ATOM   19  N N1    . A   A 1 5  ? 6.550   -7.558  3.435   1.000 10.063  0 5   A   A N1    1 ? 
ATOM   20  C C2    . A   A 1 5  ? 5.731   -8.369  4.119   1.000 10.484  0 5   A   A C2    1 ? 
ATOM   21  N N3    . A   A 1 5  ? 4.642   -9.016  3.694   1.000 11.035  0 5   A   A N3    1 ? 
ATOM   22  C C4    . A   A 1 5  ? 4.405   -8.749  2.401   1.000 10.411  0 5   A   A C4    1 ? 
ATOM   23  P P     . C   A 1 6  ? -1.453  -7.120  1.982   1.000 14.472  0 6   C   A P     1 ? 
ATOM   24  O OP1   . C   A 1 6  ? -2.985  -7.114  2.071   1.000 17.159  0 6   C   A OP1   1 ? 
ATOM   25  O OP2   . C   A 1 6  ? -0.779  -6.196  1.044   1.000 15.640  0 6   C   A OP2   1 ? 
ATOM   26  O "O5'" . C   A 1 6  ? -0.848  -6.707  3.384   1.000 13.134  0 6   C   A "O5'" 1 ? 
ATOM   27  C "C5'" . C   A 1 6  ? -1.202  -7.399  4.596   1.000 11.962  0 6   C   A "C5'" 1 ? 
ATOM   28  C "C4'" . C   A 1 6  ? -0.195  -7.106  5.668   1.000 11.887  0 6   C   A "C4'" 1 ? 
ATOM   29  O "O4'" . C   A 1 6  ? 1.121   -7.523  5.238   1.000 12.228  0 6   C   A "O4'" 1 ? 
ATOM   30  C "C3'" . C   A 1 6  ? 0.003   -5.637  6.004   1.000 12.768  0 6   C   A "C3'" 1 ? 
ATOM   31  O "O3'" . C   A 1 6  ? -0.997  -5.173  6.893   1.000 14.381  0 6   C   A "O3'" 1 ? 
ATOM   32  C "C2'" . C   A 1 6  ? 1.349   -5.683  6.676   1.000 12.249  0 6   C   A "C2'" 1 ? 
ATOM   33  O "O2'" . C   A 1 6  ? 1.351   -6.240  7.988   1.000 14.348  0 6   C   A "O2'" 1 ? 
ATOM   34  C "C1'" . C   A 1 6  ? 2.105   -6.617  5.740   1.000 11.372  0 6   C   A "C1'" 1 ? 
ATOM   35  N N1    . C   A 1 6  ? 2.770   -5.947  4.597   1.000 11.673  0 6   C   A N1    1 ? 
ATOM   36  C C2    . C   A 1 6  ? 4.017   -5.375  4.849   1.000 11.941  0 6   C   A C2    1 ? 
ATOM   37  O O2    . C   A 1 6  ? 4.473   -5.425  5.999   1.000 13.432  0 6   C   A O2    1 ? 
ATOM   38  N N3    . C   A 1 6  ? 4.702   -4.796  3.837   1.000 11.525  0 6   C   A N3    1 ? 
ATOM   39  C C4    . C   A 1 6  ? 4.192   -4.794  2.608   1.000 12.061  0 6   C   A C4    1 ? 
ATOM   40  N N4    . C   A 1 6  ? 4.900   -4.214  1.640   1.000 12.158  0 6   C   A N4    1 ? 
ATOM   41  C C5    . C   A 1 6  ? 2.901   -5.323  2.326   1.000 10.353  0 6   C   A C5    1 ? 
ATOM   42  C C6    . C   A 1 6  ? 2.224   -5.884  3.348   1.000 11.040  0 6   C   A C6    1 ? 
ATOM   43  P P     . U   A 1 7  ? -1.373  -3.653  6.965   1.000 15.603  0 7   U   A P     1 ? 
ATOM   44  O OP1   . U   A 1 7  ? -2.583  -3.585  7.890   1.000 19.009  0 7   U   A OP1   1 ? 
ATOM   45  O OP2   . U   A 1 7  ? -1.506  -3.079  5.669   1.000 15.286  0 7   U   A OP2   1 ? 
ATOM   46  O "O5'" . U   A 1 7  ? -0.153  -2.983  7.717   1.000 14.735  0 7   U   A "O5'" 1 ? 
ATOM   47  C "C5'" . U   A 1 7  ? 0.145   -3.201  9.068   1.000 14.591  0 7   U   A "C5'" 1 ? 
ATOM   48  C "C4'" . U   A 1 7  ? 1.412   -2.466  9.406   1.000 14.372  0 7   U   A "C4'" 1 ? 
ATOM   49  O "O4'" . U   A 1 7  ? 2.509   -2.936  8.584   1.000 14.724  0 7   U   A "O4'" 1 ? 
ATOM   50  C "C3'" . U   A 1 7  ? 1.372   -0.970  9.137   1.000 16.020  0 7   U   A "C3'" 1 ? 
ATOM   51  O "O3'" . U   A 1 7  ? 0.663   -0.331  10.171  1.000 15.951  0 7   U   A "O3'" 1 ? 
ATOM   52  C "C2'" . U   A 1 7  ? 2.856   -0.649  9.114   1.000 13.577  0 7   U   A "C2'" 1 ? 
ATOM   53  O "O2'" . U   A 1 7  ? 3.481   -0.735  10.373  1.000 16.239  0 7   U   A "O2'" 1 ? 
ATOM   54  C "C1'" . U   A 1 7  ? 3.385   -1.832  8.309   1.000 14.178  0 7   U   A "C1'" 1 ? 
ATOM   55  N N1    . U   A 1 7  ? 3.456   -1.622  6.859   1.000 11.911  0 7   U   A N1    1 ? 
ATOM   56  C C2    . U   A 1 7  ? 4.550   -0.911  6.411   1.000 11.641  0 7   U   A C2    1 ? 
ATOM   57  O O2    . U   A 1 7  ? 5.323   -0.350  7.180   1.000 14.489  0 7   U   A O2    1 ? 
ATOM   58  N N3    . U   A 1 7  ? 4.683   -0.859  5.045   1.000 12.553  0 7   U   A N3    1 ? 
ATOM   59  C C4    . U   A 1 7  ? 3.843   -1.422  4.103   1.000 11.936  0 7   U   A C4    1 ? 
ATOM   60  O O4    . U   A 1 7  ? 4.089   -1.305  2.907   1.000 14.034  0 7   U   A O4    1 ? 
ATOM   61  C C5    . U   A 1 7  ? 2.720   -2.111  4.650   1.000 10.968  0 7   U   A C5    1 ? 
ATOM   62  C C6    . U   A 1 7  ? 2.572   -2.188  5.970   1.000 11.700  0 7   U   A C6    1 ? 
ATOM   63  P P     . U   A 1 8  ? -0.274  0.871   9.838   1.000 16.419  0 8   U   A P     1 ? 
ATOM   64  O OP1   . U   A 1 8  ? -0.974  1.203   11.140  1.000 21.886  0 8   U   A OP1   1 ? 
ATOM   65  O OP2   . U   A 1 8  ? -1.052  0.670   8.634   1.000 17.963  0 8   U   A OP2   1 ? 
ATOM   66  O "O5'" . U   A 1 8  ? 0.735   2.072   9.497   1.000 13.758  0 8   U   A "O5'" 1 ? 
ATOM   67  C "C5'" . U   A 1 8  ? 1.439   2.658   10.570  1.000 13.340  0 8   U   A "C5'" 1 ? 
ATOM   68  C "C4'" . U   A 1 8  ? 2.450   3.630   10.046  1.000 12.998  0 8   U   A "C4'" 1 ? 
ATOM   69  O "O4'" . U   A 1 8  ? 3.477   2.914   9.307   1.000 13.812  0 8   U   A "O4'" 1 ? 
ATOM   70  C "C3'" . U   A 1 8  ? 1.950   4.684   9.072   1.000 12.118  0 8   U   A "C3'" 1 ? 
ATOM   71  O "O3'" . U   A 1 8  ? 1.216   5.744   9.725   1.000 12.191  0 8   U   A "O3'" 1 ? 
ATOM   72  C "C2'" . U   A 1 8  ? 3.276   5.124   8.462   1.000 12.583  0 8   U   A "C2'" 1 ? 
ATOM   73  O "O2'" . U   A 1 8  ? 4.056   5.933   9.324   1.000 14.224  0 8   U   A "O2'" 1 ? 
ATOM   74  C "C1'" . U   A 1 8  ? 3.957   3.770   8.271   1.000 12.732  0 8   U   A "C1'" 1 ? 
ATOM   75  N N1    . U   A 1 8  ? 3.634   3.185   6.961   1.000 11.549  0 8   U   A N1    1 ? 
ATOM   76  C C2    . U   A 1 8  ? 4.411   3.591   5.898   1.000 12.050  0 8   U   A C2    1 ? 
ATOM   77  O O2    . U   A 1 8  ? 5.285   4.439   6.011   1.000 14.104  0 8   U   A O2    1 ? 
ATOM   78  N N3    . U   A 1 8  ? 4.089   3.015   4.693   1.000 11.655  0 8   U   A N3    1 ? 
ATOM   79  C C4    . U   A 1 8  ? 3.123   2.066   4.456   1.000 11.510  0 8   U   A C4    1 ? 
ATOM   80  O O4    . U   A 1 8  ? 2.940   1.647   3.302   1.000 13.559  0 8   U   A O4    1 ? 
ATOM   81  C C5    . U   A 1 8  ? 2.365   1.692   5.608   1.000 11.106  0 8   U   A C5    1 ? 
ATOM   82  C C6    . U   A 1 8  ? 2.655   2.230   6.798   1.000 11.920  0 8   U   A C6    1 ? 
ATOM   83  P P     . A   A 1 9  ? 0.086   6.494   9.022   1.000 13.509  0 9   A   A P     1 ? 
ATOM   84  O OP1   . A   A 1 9  ? -0.498  7.405   10.068  1.000 13.632  0 9   A   A OP1   1 ? 
ATOM   85  O OP2   . A   A 1 9  ? -0.805  5.550   8.259   1.000 14.815  0 9   A   A OP2   1 ? 
ATOM   86  O "O5'" . A   A 1 9  ? 0.779   7.359   7.879   1.000 12.268  0 9   A   A "O5'" 1 ? 
ATOM   87  C "C5'" . A   A 1 9  ? 1.673   8.426   8.287   1.000 12.147  0 9   A   A "C5'" 1 ? 
ATOM   88  C "C4'" . A   A 1 9  ? 2.426   8.957   7.083   1.000 10.835  0 9   A   A "C4'" 1 ? 
ATOM   89  O "O4'" . A   A 1 9  ? 3.243   7.892   6.529   1.000 11.862  0 9   A   A "O4'" 1 ? 
ATOM   90  C "C3'" . A   A 1 9  ? 1.587   9.448   5.906   1.000 11.762  0 9   A   A "C3'" 1 ? 
ATOM   91  O "O3'" . A   A 1 9  ? 1.127   10.774  6.106   1.000 11.388  0 9   A   A "O3'" 1 ? 
ATOM   92  C "C2'" . A   A 1 9  ? 2.597   9.392   4.782   1.000 10.974  0 9   A   A "C2'" 1 ? 
ATOM   93  O "O2'" . A   A 1 9  ? 3.560   10.410  4.941   1.000 12.168  0 9   A   A "O2'" 1 ? 
ATOM   94  C "C1'" . A   A 1 9  ? 3.290   8.056   5.103   1.000 10.737  0 9   A   A "C1'" 1 ? 
ATOM   95  N N9    . A   A 1 9  ? 2.686   6.888   4.454   1.000 10.743  0 9   A   A N9    1 ? 
ATOM   96  C C8    . A   A 1 9  ? 1.813   5.951   4.946   1.000 11.122  0 9   A   A C8    1 ? 
ATOM   97  N N7    . A   A 1 9  ? 1.443   5.055   4.061   1.000 11.943  0 9   A   A N7    1 ? 
ATOM   98  C C5    . A   A 1 9  ? 2.146   5.407   2.920   1.000 10.495  0 9   A   A C5    1 ? 
ATOM   99  C C6    . A   A 1 9  ? 2.205   4.851   1.631   1.000 10.419  0 9   A   A C6    1 ? 
ATOM   100 N N6    . A   A 1 9  ? 1.540   3.765   1.255   1.000 10.923  0 9   A   A N6    1 ? 
ATOM   101 N N1    . A   A 1 9  ? 2.957   5.490   0.716   1.000 10.351  0 9   A   A N1    1 ? 
ATOM   102 C C2    . A   A 1 9  ? 3.626   6.575   1.075   1.000 10.821  0 9   A   A C2    1 ? 
ATOM   103 N N3    . A   A 1 9  ? 3.657   7.195   2.244   1.000 10.833  0 9   A   A N3    1 ? 
ATOM   104 C C4    . A   A 1 9  ? 2.896   6.546   3.139   1.000 10.574  0 9   A   A C4    1 ? 
ATOM   105 P P     . A   A 1 10 ? -0.182  11.285  5.435   1.000 12.004  0 10  A   A P     1 ? 
ATOM   106 O OP1   . A   A 1 10 ? -0.469  12.640  5.980   1.000 13.255  0 10  A   A OP1   1 ? 
ATOM   107 O OP2   . A   A 1 10 ? -1.229  10.220  5.463   1.000 14.814  0 10  A   A OP2   1 ? 
ATOM   108 O "O5'" . A   A 1 10 ? 0.203   11.478  3.903   1.000 11.979  0 10  A   A "O5'" 1 ? 
ATOM   109 C "C5'" . A   A 1 10 ? 1.038   12.567  3.536   1.000 11.972  0 10  A   A "C5'" 1 ? 
ATOM   110 C "C4'" . A   A 1 10 ? 1.449   12.460  2.099   1.000 11.834  0 10  A   A "C4'" 1 ? 
ATOM   111 O "O4'" . A   A 1 10 ? 2.215   11.242  1.863   1.000 11.402  0 10  A   A "O4'" 1 ? 
ATOM   112 C "C3'" . A   A 1 10 ? 0.359   12.369  1.041   1.000 12.671  0 10  A   A "C3'" 1 ? 
ATOM   113 O "O3'" . A   A 1 10 ? -0.181  13.652  0.805   1.000 13.080  0 10  A   A "O3'" 1 ? 
ATOM   114 C "C2'" . A   A 1 10 ? 1.177   11.874  -0.139  1.000 11.629  0 10  A   A "C2'" 1 ? 
ATOM   115 O "O2'" . A   A 1 10 ? 1.978   12.942  -0.637  1.000 13.237  0 10  A   A "O2'" 1 ? 
ATOM   116 C "C1'" . A   A 1 10 ? 1.944   10.763  0.549   1.000 11.898  0 10  A   A "C1'" 1 ? 
ATOM   117 N N9    . A   A 1 10 ? 1.178   9.524   0.648   1.000 11.887  0 10  A   A N9    1 ? 
ATOM   118 C C8    . A   A 1 10 ? 0.469   9.020   1.711   1.000 12.056  0 10  A   A C8    1 ? 
ATOM   119 N N7    . A   A 1 10 ? -0.059  7.842   1.483   1.000 13.637  0 10  A   A N7    1 ? 
ATOM   120 C C5    . A   A 1 10 ? 0.252   7.595   0.153   1.000 11.442  0 10  A   A C5    1 ? 
ATOM   121 C C6    . A   A 1 10 ? 0.007   6.498   -0.676  1.000 11.081  0 10  A   A C6    1 ? 
ATOM   122 N N6    . A   A 1 10 ? -0.728  5.469   -0.304  1.000 13.062  0 10  A   A N6    1 ? 
ATOM   123 N N1    . A   A 1 10 ? 0.466   6.553   -1.945  1.000 11.156  0 10  A   A N1    1 ? 
ATOM   124 C C2    . A   A 1 10 ? 1.155   7.626   -2.329  1.000 11.197  0 10  A   A C2    1 ? 
ATOM   125 N N3    . A   A 1 10 ? 1.529   8.689   -1.611  1.000 11.999  0 10  A   A N3    1 ? 
ATOM   126 C C4    . A   A 1 10 ? 1.051   8.596   -0.359  1.000 11.661  0 10  A   A C4    1 ? 
ATOM   127 P P     . G   A 1 11 ? -1.735  13.820  0.310   1.000 15.382  0 11  G   A P     1 ? 
ATOM   128 O OP1   . G   A 1 11 ? -2.068  15.317  0.368   1.000 18.550  0 11  G   A OP1   1 ? 
ATOM   129 O OP2   . G   A 1 11 ? -2.625  12.799  0.983   1.000 18.662  0 11  G   A OP2   1 ? 
ATOM   130 O "O5'" . G   A 1 11 ? -1.662  13.353  -1.189  1.000 16.231  0 11  G   A "O5'" 1 ? 
ATOM   131 C "C5'" . G   A 1 11 ? -0.880  14.072  -2.171  1.000 14.187  0 11  G   A "C5'" 1 ? 
ATOM   132 C "C4'" . G   A 1 11 ? -0.814  13.284  -3.453  1.000 15.542  0 11  G   A "C4'" 1 ? 
ATOM   133 O "O4'" . G   A 1 11 ? -0.170  11.998  -3.233  1.000 14.655  0 11  G   A "O4'" 1 ? 
ATOM   134 C "C3'" . G   A 1 11 ? -2.181  12.927  -4.060  1.000 16.326  0 11  G   A "C3'" 1 ? 
ATOM   135 O "O3'" . G   A 1 11 ? -2.731  14.039  -4.765  1.000 18.042  0 11  G   A "O3'" 1 ? 
ATOM   136 C "C2'" . G   A 1 11 ? -1.736  11.799  -4.976  1.000 14.380  0 11  G   A "C2'" 1 ? 
ATOM   137 O "O2'" . G   A 1 11 ? -1.025  12.208  -6.119  1.000 16.212  0 11  G   A "O2'" 1 ? 
ATOM   138 C "C1'" . G   A 1 11 ? -0.800  11.025  -4.049  1.000 13.940  0 11  G   A "C1'" 1 ? 
ATOM   139 N N9    . G   A 1 11 ? -1.474  10.035  -3.220  1.000 12.131  0 11  G   A N9    1 ? 
ATOM   140 C C8    . G   A 1 11 ? -1.875  10.102  -1.925  1.000 12.136  0 11  G   A C8    1 ? 
ATOM   141 N N7    . G   A 1 11 ? -2.483  9.013   -1.492  1.000 11.961  0 11  G   A N7    1 ? 
ATOM   142 C C5    . G   A 1 11 ? -2.478  8.177   -2.595  1.000 11.488  0 11  G   A C5    1 ? 
ATOM   143 C C6    . G   A 1 11 ? -2.927  6.827   -2.734  1.000 11.472  0 11  G   A C6    1 ? 
ATOM   144 O O6    . G   A 1 11 ? -3.465  6.102   -1.891  1.000 14.152  0 11  G   A O6    1 ? 
ATOM   145 N N1    . G   A 1 11 ? -2.749  6.378   -4.040  1.000 12.091  0 11  G   A N1    1 ? 
ATOM   146 C C2    . G   A 1 11 ? -2.156  7.067   -5.073  1.000 11.830  0 11  G   A C2    1 ? 
ATOM   147 N N2    . G   A 1 11 ? -2.112  6.470   -6.263  1.000 12.918  0 11  G   A N2    1 ? 
ATOM   148 N N3    . G   A 1 11 ? -1.696  8.315   -4.928  1.000 12.500  0 11  G   A N3    1 ? 
ATOM   149 C C4    . G   A 1 11 ? -1.863  8.783   -3.670  1.000 12.273  0 11  G   A C4    1 ? 
ATOM   150 P P     . U   A 1 12 ? -4.300  14.150  -4.984  1.000 17.755  0 12  U   A P     1 ? 
ATOM   151 O OP1   . U   A 1 12 ? -4.619  15.506  -5.571  1.000 22.515  0 12  U   A OP1   1 ? 
ATOM   152 O OP2   . U   A 1 12 ? -5.024  13.769  -3.765  1.000 16.402  0 12  U   A OP2   1 ? 
ATOM   153 O "O5'" . U   A 1 12 ? -4.640  13.044  -6.099  1.000 15.037  0 12  U   A "O5'" 1 ? 
ATOM   154 C "C5'" . U   A 1 12 ? -4.102  13.073  -7.405  1.000 15.353  0 12  U   A "C5'" 1 ? 
ATOM   155 C "C4'" . U   A 1 12 ? -4.476  11.798  -8.095  1.000 13.612  0 12  U   A "C4'" 1 ? 
ATOM   156 O "O4'" . U   A 1 12 ? -3.823  10.675  -7.445  1.000 12.724  0 12  U   A "O4'" 1 ? 
ATOM   157 C "C3'" . U   A 1 12 ? -5.943  11.423  -8.088  1.000 13.667  0 12  U   A "C3'" 1 ? 
ATOM   158 O "O3'" . U   A 1 12 ? -6.674  12.151  -9.091  1.000 13.375  0 12  U   A "O3'" 1 ? 
ATOM   159 C "C2'" . U   A 1 12 ? -5.839  9.945   -8.454  1.000 12.620  0 12  U   A "C2'" 1 ? 
ATOM   160 O "O2'" . U   A 1 12 ? -5.515  9.728   -9.803  1.000 14.763  0 12  U   A "O2'" 1 ? 
ATOM   161 C "C1'" . U   A 1 12 ? -4.666  9.527   -7.571  1.000 12.399  0 12  U   A "C1'" 1 ? 
ATOM   162 N N1    . U   A 1 12 ? -5.050  9.109   -6.219  1.000 11.428  0 12  U   A N1    1 ? 
ATOM   163 C C2    . U   A 1 12 ? -5.488  7.804   -6.098  1.000 11.803  0 12  U   A C2    1 ? 
ATOM   164 O O2    . U   A 1 12 ? -5.567  7.052   -7.067  1.000 13.733  0 12  U   A O2    1 ? 
ATOM   165 N N3    . U   A 1 12 ? -5.801  7.420   -4.813  1.000 11.086  0 12  U   A N3    1 ? 
ATOM   166 C C4    . U   A 1 12 ? -5.750  8.199   -3.675  1.000 10.718  0 12  U   A C4    1 ? 
ATOM   167 O O4    . U   A 1 12 ? -6.036  7.712   -2.582  1.000 11.733  0 12  U   A O4    1 ? 
ATOM   168 C C5    . U   A 1 12 ? -5.336  9.554   -3.899  1.000 12.482  0 12  U   A C5    1 ? 
ATOM   169 C C6    . U   A 1 12 ? -4.990  9.945   -5.130  1.000 11.944  0 12  U   A C6    1 ? 
ATOM   170 P P     . C   A 1 13 ? -8.197  12.410  -8.878  1.000 13.583  0 13  C   A P     1 ? 
ATOM   171 O OP1   . C   A 1 13 ? -8.644  13.312  -9.987  1.000 17.069  0 13  C   A OP1   1 ? 
ATOM   172 O OP2   . C   A 1 13 ? -8.512  12.769  -7.517  1.000 14.619  0 13  C   A OP2   1 ? 
ATOM   173 O "O5'" . C   A 1 13 ? -8.921  11.002  -9.079  1.000 11.863  0 13  C   A "O5'" 1 ? 
ATOM   174 C "C5'" . C   A 1 13 ? -8.832  10.354  -10.355 1.000 12.187  0 13  C   A "C5'" 1 ? 
ATOM   175 C "C4'" . C   A 1 13 ? -9.278  8.911   -10.226 1.000 11.042  0 13  C   A "C4'" 1 ? 
ATOM   176 O "O4'" . C   A 1 13 ? -8.411  8.230   -9.260  1.000 11.148  0 13  C   A "O4'" 1 ? 
ATOM   177 C "C3'" . C   A 1 13 ? -10.670 8.647   -9.686  1.000 11.543  0 13  C   A "C3'" 1 ? 
ATOM   178 O "O3'" . C   A 1 13 ? -11.608 8.764   -10.764 1.000 11.613  0 13  C   A "O3'" 1 ? 
ATOM   179 C "C2'" . C   A 1 13 ? -10.535 7.194   -9.263  1.000 11.343  0 13  C   A "C2'" 1 ? 
ATOM   180 O "O2'" . C   A 1 13 ? -10.477 6.324   -10.363 1.000 12.520  0 13  C   A "O2'" 1 ? 
ATOM   181 C "C1'" . C   A 1 13 ? -9.160  7.202   -8.619  1.000 11.031  0 13  C   A "C1'" 1 ? 
ATOM   182 N N1    . C   A 1 13 ? -9.184  7.473   -7.172  1.000 10.092  0 13  C   A N1    1 ? 
ATOM   183 C C2    . C   A 1 13 ? -9.467  6.408   -6.321  1.000 10.054  0 13  C   A C2    1 ? 
ATOM   184 O O2    . C   A 1 13 ? -9.703  5.309   -6.809  1.000 10.823  0 13  C   A O2    1 ? 
ATOM   185 N N3    . C   A 1 13 ? -9.477  6.612   -4.986  1.000 9.861   0 13  C   A N3    1 ? 
ATOM   186 C C4    . C   A 1 13 ? -9.181  7.809   -4.489  1.000 9.964   0 13  C   A C4    1 ? 
ATOM   187 N N4    . C   A 1 13 ? -9.209  7.949   -3.165  1.000 10.119  0 13  C   A N4    1 ? 
ATOM   188 C C5    . C   A 1 13 ? -8.936  8.932   -5.332  1.000 10.019  0 13  C   A C5    1 ? 
ATOM   189 C C6    . C   A 1 13 ? -8.956  8.722   -6.657  1.000 9.862   0 13  C   A C6    1 ? 
ATOM   190 P P     . A   B 1 5  ? -8.409  -2.655  -0.396  1.000 13.018  0 5   A   B P     1 ? 
ATOM   191 O OP1   . A   B 1 5  ? -8.036  -4.101  -0.196  1.000 18.478  0 5   A   B OP1   1 ? 
ATOM   192 O OP2   . A   B 1 5  ? -7.799  -1.619  0.375   1.000 13.100  0 5   A   B OP2   1 ? 
ATOM   193 O "O5'" . A   B 1 5  ? -8.083  -2.302  -1.930  1.000 11.496  0 5   A   B "O5'" 1 ? 
ATOM   194 C "C5'" . A   B 1 5  ? -8.568  -3.100  -3.005  1.000 11.501  0 5   A   B "C5'" 1 ? 
ATOM   195 C "C4'" . A   B 1 5  ? -8.274  -2.405  -4.315  1.000 10.649  0 5   A   B "C4'" 1 ? 
ATOM   196 O "O4'" . A   B 1 5  ? -9.034  -1.159  -4.363  1.000 10.481  0 5   A   B "O4'" 1 ? 
ATOM   197 C "C3'" . A   B 1 5  ? -6.849  -1.934  -4.550  1.000 11.118  0 5   A   B "C3'" 1 ? 
ATOM   198 O "O3'" . A   B 1 5  ? -6.092  -3.067  -4.978  1.000 11.762  0 5   A   B "O3'" 1 ? 
ATOM   199 C "C2'" . A   B 1 5  ? -7.099  -0.935  -5.660  1.000 10.280  0 5   A   B "C2'" 1 ? 
ATOM   200 O "O2'" . A   B 1 5  ? -7.468  -1.674  -6.824  1.000 10.458  0 5   A   B "O2'" 1 ? 
ATOM   201 C "C1'" . A   B 1 5  ? -8.284  -0.174  -5.071  1.000 9.802   0 5   A   B "C1'" 1 ? 
ATOM   202 N N9    . A   B 1 5  ? -7.900  0.859   -4.133  1.000 8.917   0 5   A   B N9    1 ? 
ATOM   203 C C8    . A   B 1 5  ? -7.930  0.800   -2.764  1.000 9.176   0 5   A   B C8    1 ? 
ATOM   204 N N7    . A   B 1 5  ? -7.567  1.917   -2.176  1.000 9.906   0 5   A   B N7    1 ? 
ATOM   205 C C5    . A   B 1 5  ? -7.299  2.773   -3.234  1.000 9.247   0 5   A   B C5    1 ? 
ATOM   206 C C6    . A   B 1 5  ? -6.885  4.117   -3.279  1.000 10.083  0 5   A   B C6    1 ? 
ATOM   207 N N6    . A   B 1 5  ? -6.650  4.840   -2.182  1.000 10.361  0 5   A   B N6    1 ? 
ATOM   208 N N1    . A   B 1 5  ? -6.680  4.675   -4.491  1.000 10.631  0 5   A   B N1    1 ? 
ATOM   209 C C2    . A   B 1 5  ? -6.921  3.933   -5.587  1.000 11.056  0 5   A   B C2    1 ? 
ATOM   210 N N3    . A   B 1 5  ? -7.323  2.660   -5.671  1.000 10.222  0 5   A   B N3    1 ? 
ATOM   211 C C4    . A   B 1 5  ? -7.478  2.130   -4.444  1.000 9.566   0 5   A   B C4    1 ? 
ATOM   212 P P     . C   B 1 6  ? -4.510  -3.151  -4.756  1.000 12.316  0 6   C   B P     1 ? 
ATOM   213 O OP1   . C   B 1 6  ? -4.054  -4.557  -5.173  1.000 14.406  0 6   C   B OP1   1 ? 
ATOM   214 O OP2   . C   B 1 6  ? -4.120  -2.638  -3.440  1.000 13.709  0 6   C   B OP2   1 ? 
ATOM   215 O "O5'" . C   B 1 6  ? -3.864  -2.142  -5.777  1.000 12.506  0 6   C   B "O5'" 1 ? 
ATOM   216 C "C5'" . C   B 1 6  ? -4.040  -2.229  -7.202  1.000 12.134  0 6   C   B "C5'" 1 ? 
ATOM   217 C "C4'" . C   B 1 6  ? -3.702  -0.918  -7.858  1.000 12.300  0 6   C   B "C4'" 1 ? 
ATOM   218 O "O4'" . C   B 1 6  ? -4.587  0.126   -7.369  1.000 12.058  0 6   C   B "O4'" 1 ? 
ATOM   219 C "C3'" . C   B 1 6  ? -2.330  -0.361  -7.544  1.000 13.176  0 6   C   B "C3'" 1 ? 
ATOM   220 O "O3'" . C   B 1 6  ? -1.357  -1.028  -8.333  1.000 15.134  0 6   C   B "O3'" 1 ? 
ATOM   221 C "C2'" . C   B 1 6  ? -2.523  1.078   -7.941  1.000 12.325  0 6   C   B "C2'" 1 ? 
ATOM   222 O "O2'" . C   B 1 6  ? -2.561  1.282   -9.362  1.000 15.649  0 6   C   B "O2'" 1 ? 
ATOM   223 C "C1'" . C   B 1 6  ? -3.883  1.356   -7.306  1.000 11.949  0 6   C   B "C1'" 1 ? 
ATOM   224 N N1    . C   B 1 6  ? -3.810  1.783   -5.901  1.000 11.709  0 6   C   B N1    1 ? 
ATOM   225 C C2    . C   B 1 6  ? -3.560  3.130   -5.670  1.000 11.449  0 6   C   B C2    1 ? 
ATOM   226 O O2    . C   B 1 6  ? -3.366  3.876   -6.650  1.000 13.209  0 6   C   B O2    1 ? 
ATOM   227 N N3    . C   B 1 6  ? -3.510  3.589   -4.401  1.000 10.745  0 6   C   B N3    1 ? 
ATOM   228 C C4    . C   B 1 6  ? -3.761  2.765   -3.384  1.000 11.592  0 6   C   B C4    1 ? 
ATOM   229 N N4    . C   B 1 6  ? -3.748  3.273   -2.151  1.000 12.028  0 6   C   B N4    1 ? 
ATOM   230 C C5    . C   B 1 6  ? -3.966  1.373   -3.581  1.000 11.240  0 6   C   B C5    1 ? 
ATOM   231 C C6    . C   B 1 6  ? -4.030  0.933   -4.850  1.000 11.079  0 6   C   B C6    1 ? 
ATOM   232 P P     . U   B 1 7  ? 0.152   -1.142  -7.863  1.000 15.634  0 7   U   B P     1 ? 
ATOM   233 O OP1   . U   B 1 7  ? 0.856   -1.949  -8.908  1.000 20.808  0 7   U   B OP1   1 ? 
ATOM   234 O OP2   . U   B 1 7  ? 0.256   -1.501  -6.453  1.000 15.440  0 7   U   B OP2   1 ? 
ATOM   235 O "O5'" . U   B 1 7  ? 0.673   0.360   -8.022  1.000 15.213  0 7   U   B "O5'" 1 ? 
ATOM   236 C "C5'" . U   B 1 7  ? 0.751   1.026   -9.265  1.000 14.640  0 7   U   B "C5'" 1 ? 
ATOM   237 C "C4'" . U   B 1 7  ? 1.182   2.447   -9.047  1.000 14.443  0 7   U   B "C4'" 1 ? 
ATOM   238 O "O4'" . U   B 1 7  ? 0.157   3.163   -8.309  1.000 14.760  0 7   U   B "O4'" 1 ? 
ATOM   239 C "C3'" . U   B 1 7  ? 2.441   2.643   -8.219  1.000 14.747  0 7   U   B "C3'" 1 ? 
ATOM   240 O "O3'" . U   B 1 7  ? 3.632   2.499   -8.971  1.000 16.706  0 7   U   B "O3'" 1 ? 
ATOM   241 C "C2'" . U   B 1 7  ? 2.269   4.094   -7.814  1.000 14.505  0 7   U   B "C2'" 1 ? 
ATOM   242 O "O2'" . U   B 1 7  ? 2.525   4.972   -8.893  1.000 19.182  0 7   U   B "O2'" 1 ? 
ATOM   243 C "C1'" . U   B 1 7  ? 0.785   4.119   -7.457  1.000 14.311  0 7   U   B "C1'" 1 ? 
ATOM   244 N N1    . U   B 1 7  ? 0.469   3.773   -6.055  1.000 13.285  0 7   U   B N1    1 ? 
ATOM   245 C C2    . U   B 1 7  ? 0.583   4.802   -5.148  1.000 12.327  0 7   U   B C2    1 ? 
ATOM   246 O O2    . U   B 1 7  ? 0.971   5.905   -5.465  1.000 15.483  0 7   U   B O2    1 ? 
ATOM   247 N N3    . U   B 1 7  ? 0.190   4.494   -3.874  1.000 12.848  0 7   U   B N3    1 ? 
ATOM   248 C C4    . U   B 1 7  ? -0.281  3.290   -3.416  1.000 13.166  0 7   U   B C4    1 ? 
ATOM   249 O O4    . U   B 1 7  ? -0.586  3.172   -2.234  1.000 14.706  0 7   U   B O4    1 ? 
ATOM   250 C C5    . U   B 1 7  ? -0.316  2.245   -4.405  1.000 13.079  0 7   U   B C5    1 ? 
ATOM   251 C C6    . U   B 1 7  ? 0.026   2.529   -5.666  1.000 13.316  0 7   U   B C6    1 ? 
ATOM   252 P P     . U   B 1 8  ? 4.960   2.029   -8.271  1.000 17.734  0 8   U   B P     1 ? 
ATOM   253 O OP1   . U   B 1 8  ? 5.988   1.830   -9.356  1.000 20.495  0 8   U   B OP1   1 ? 
ATOM   254 O OP2   . U   B 1 8  ? 4.656   0.974   -7.305  1.000 18.973  0 8   U   B OP2   1 ? 
ATOM   255 O "O5'" . U   B 1 8  ? 5.384   3.306   -7.419  1.000 16.223  0 8   U   B "O5'" 1 ? 
ATOM   256 C "C5'" . U   B 1 8  ? 5.745   4.539   -8.045  1.000 16.338  0 8   U   B "C5'" 1 ? 
ATOM   257 C "C4'" . U   B 1 8  ? 5.909   5.626   -7.017  1.000 14.769  0 8   U   B "C4'" 1 ? 
ATOM   258 O "O4'" . U   B 1 8  ? 4.637   5.874   -6.324  1.000 14.128  0 8   U   B "O4'" 1 ? 
ATOM   259 C "C3'" . U   B 1 8  ? 6.868   5.323   -5.885  1.000 14.330  0 8   U   B "C3'" 1 ? 
ATOM   260 O "O3'" . U   B 1 8  ? 8.231   5.537   -6.289  1.000 15.253  0 8   U   B "O3'" 1 ? 
ATOM   261 C "C2'" . U   B 1 8  ? 6.414   6.365   -4.861  1.000 13.958  0 8   U   B "C2'" 1 ? 
ATOM   262 O "O2'" . U   B 1 8  ? 6.690   7.725   -5.153  1.000 15.332  0 8   U   B "O2'" 1 ? 
ATOM   263 C "C1'" . U   B 1 8  ? 4.904   6.225   -4.959  1.000 13.648  0 8   U   B "C1'" 1 ? 
ATOM   264 N N1    . U   B 1 8  ? 4.301   5.226   -4.053  1.000 12.183  0 8   U   B N1    1 ? 
ATOM   265 C C2    . U   B 1 8  ? 4.030   5.652   -2.757  1.000 11.421  0 8   U   B C2    1 ? 
ATOM   266 O O2    . U   B 1 8  ? 4.348   6.751   -2.353  1.000 12.751  0 8   U   B O2    1 ? 
ATOM   267 N N3    . U   B 1 8  ? 3.389   4.726   -1.971  1.000 10.786  0 8   U   B N3    1 ? 
ATOM   268 C C4    . U   B 1 8  ? 3.034   3.447   -2.315  1.000 11.703  0 8   U   B C4    1 ? 
ATOM   269 O O4    . U   B 1 8  ? 2.489   2.718   -1.492  1.000 13.665  0 8   U   B O4    1 ? 
ATOM   270 C C5    . U   B 1 8  ? 3.350   3.083   -3.657  1.000 11.393  0 8   U   B C5    1 ? 
ATOM   271 C C6    . U   B 1 8  ? 3.964   3.962   -4.456  1.000 11.751  0 8   U   B C6    1 ? 
ATOM   272 P P     . A   B 1 9  ? 9.371   4.670   -5.703  1.000 15.983  0 9   A   B P     1 ? 
ATOM   273 O OP1   . A   B 1 9  ? 10.646  4.996   -6.415  1.000 19.861  0 9   A   B OP1   1 ? 
ATOM   274 O OP2   . A   B 1 9  ? 8.955   3.289   -5.563  1.000 18.379  0 9   A   B OP2   1 ? 
ATOM   275 O "O5'" . A   B 1 9  ? 9.522   5.204   -4.229  1.000 14.424  0 9   A   B "O5'" 1 ? 
ATOM   276 C "C5'" . A   B 1 9  ? 10.038  6.493   -3.972  1.000 13.230  0 9   A   B "C5'" 1 ? 
ATOM   277 C "C4'" . A   B 1 9  ? 10.038  6.793   -2.499  1.000 13.996  0 9   A   B "C4'" 1 ? 
ATOM   278 O "O4'" . A   B 1 9  ? 8.669   6.995   -2.049  1.000 14.595  0 9   A   B "O4'" 1 ? 
ATOM   279 C "C3'" . A   B 1 9  ? 10.568  5.717   -1.554  1.000 14.819  0 9   A   B "C3'" 1 ? 
ATOM   280 O "O3'" . A   B 1 9  ? 11.996  5.629   -1.586  1.000 16.063  0 9   A   B "O3'" 1 ? 
ATOM   281 C "C2'" . A   B 1 9  ? 9.987   6.215   -0.242  1.000 15.065  0 9   A   B "C2'" 1 ? 
ATOM   282 O "O2'" . A   B 1 9  ? 10.663  7.331   0.266   1.000 14.701  0 9   A   B "O2'" 1 ? 
ATOM   283 C "C1'" . A   B 1 9  ? 8.568   6.599   -0.687  1.000 14.209  0 9   A   B "C1'" 1 ? 
ATOM   284 N N9    . A   B 1 9  ? 7.660   5.469   -0.597  1.000 13.517  0 9   A   B N9    1 ? 
ATOM   285 C C8    . A   B 1 9  ? 7.269   4.572   -1.558  1.000 12.970  0 9   A   B C8    1 ? 
ATOM   286 N N7    . A   B 1 9  ? 6.434   3.654   -1.120  1.000 13.052  0 9   A   B N7    1 ? 
ATOM   287 C C5    . A   B 1 9  ? 6.253   3.983   0.217   1.000 11.403  0 9   A   B C5    1 ? 
ATOM   288 C C6    . A   B 1 9  ? 5.461   3.419   1.224   1.000 11.236  0 9   A   B C6    1 ? 
ATOM   289 N N6    . A   B 1 9  ? 4.703   2.354   1.039   1.000 11.973  0 9   A   B N6    1 ? 
ATOM   290 N N1    . A   B 1 9  ? 5.554   3.947   2.466   1.000 11.279  0 9   A   B N1    1 ? 
ATOM   291 C C2    . A   B 1 9  ? 6.303   5.042   2.643   1.000 12.543  0 9   A   B C2    1 ? 
ATOM   292 N N3    . A   B 1 9  ? 7.092   5.677   1.765   1.000 13.053  0 9   A   B N3    1 ? 
ATOM   293 C C4    . A   B 1 9  ? 7.003   5.093   0.555   1.000 12.739  0 9   A   B C4    1 ? 
ATOM   294 P P     . A   B 1 10 ? 12.773  4.289   -1.293  1.000 15.923  0 10  A   B P     1 ? 
ATOM   295 O OP1   . A   B 1 10 ? 14.254  4.516   -1.612  1.000 18.333  0 10  A   B OP1   1 ? 
ATOM   296 O OP2   . A   B 1 10 ? 12.103  3.131   -1.831  1.000 17.093  0 10  A   B OP2   1 ? 
ATOM   297 O "O5'" . A   B 1 10 ? 12.617  4.098   0.302   1.000 14.642  0 10  A   B "O5'" 1 ? 
ATOM   298 C "C5'" . A   B 1 10 ? 13.193  5.012   1.233   1.000 12.648  0 10  A   B "C5'" 1 ? 
ATOM   299 C "C4'" . A   B 1 10 ? 12.606  4.815   2.631   1.000 12.387  0 10  A   B "C4'" 1 ? 
ATOM   300 O "O4'" . A   B 1 10 ? 11.180  4.978   2.589   1.000 11.691  0 10  A   B "O4'" 1 ? 
ATOM   301 C "C3'" . A   B 1 10 ? 12.808  3.451   3.234   1.000 13.937  0 10  A   B "C3'" 1 ? 
ATOM   302 O "O3'" . A   B 1 10 ? 14.099  3.340   3.810   1.000 14.284  0 10  A   B "O3'" 1 ? 
ATOM   303 C "C2'" . A   B 1 10 ? 11.717  3.419   4.284   1.000 11.544  0 10  A   B "C2'" 1 ? 
ATOM   304 O "O2'" . A   B 1 10 ? 12.100  4.175   5.377   1.000 14.349  0 10  A   B "O2'" 1 ? 
ATOM   305 C "C1'" . A   B 1 10 ? 10.567  4.118   3.559   1.000 12.103  0 10  A   B "C1'" 1 ? 
ATOM   306 N N9    . A   B 1 10 ? 9.719   3.168   2.849   1.000 12.046  0 10  A   B N9    1 ? 
ATOM   307 C C8    . A   B 1 10 ? 9.769   2.773   1.538   1.000 13.037  0 10  A   B C8    1 ? 
ATOM   308 N N7    . A   B 1 10 ? 8.893   1.843   1.227   1.000 12.809  0 10  A   B N7    1 ? 
ATOM   309 C C5    . A   B 1 10 ? 8.219   1.616   2.415   1.000 12.028  0 10  A   B C5    1 ? 
ATOM   310 C C6    . A   B 1 10 ? 7.170   0.743   2.759   1.000 12.526  0 10  A   B C6    1 ? 
ATOM   311 N N6    . A   B 1 10 ? 6.581   -0.071  1.889   1.000 13.287  0 10  A   B N6    1 ? 
ATOM   312 N N1    . A   B 1 10 ? 6.744   0.754   4.038   1.000 12.811  0 10  A   B N1    1 ? 
ATOM   313 C C2    . A   B 1 10 ? 7.341   1.570   4.914   1.000 14.150  0 10  A   B C2    1 ? 
ATOM   314 N N3    . A   B 1 10 ? 8.348   2.428   4.714   1.000 13.866  0 10  A   B N3    1 ? 
ATOM   315 C C4    . A   B 1 10 ? 8.735   2.402   3.431   1.000 12.556  0 10  A   B C4    1 ? 
ATOM   316 P P     . G   B 1 11 ? 14.806  1.927   3.906   1.000 18.356  0 11  G   B P     1 ? 
ATOM   317 O OP1   . G   B 1 11 ? 16.175  2.177   4.518   1.000 21.398  0 11  G   B OP1   1 ? 
ATOM   318 O OP2   . G   B 1 11 ? 14.610  1.106   2.733   1.000 17.725  0 11  G   B OP2   1 ? 
ATOM   319 O "O5'" . G   B 1 11 ? 13.759  1.062   4.888   1.000 19.687  0 11  G   B "O5'" 1 ? 
ATOM   320 C "C5'" . G   B 1 11 ? 14.060  0.827   6.200   1.000 19.970  0 11  G   B "C5'" 1 ? 
ATOM   321 C "C4'" . G   B 1 11 ? 12.879  0.214   6.894   1.000 14.256  0 11  G   B "C4'" 1 ? 
ATOM   322 O "O4'" . G   B 1 11 ? 11.600  0.656   6.364   1.000 12.658  0 11  G   B "O4'" 1 ? 
ATOM   323 C "C3'" . G   B 1 11 ? 12.720  -1.302  6.862   1.000 12.472  0 11  G   B "C3'" 1 ? 
ATOM   324 O "O3'" . G   B 1 11 ? 13.721  -1.815  7.726   1.000 12.510  0 11  G   B "O3'" 1 ? 
ATOM   325 C "C2'" . G   B 1 11 ? 11.319  -1.377  7.463   1.000 11.504  0 11  G   B "C2'" 1 ? 
ATOM   326 O "O2'" . G   B 1 11 ? 11.316  -1.025  8.834   1.000 12.548  0 11  G   B "O2'" 1 ? 
ATOM   327 C "C1'" . G   B 1 11 ? 10.606  -0.337  6.609   1.000 11.463  0 11  G   B "C1'" 1 ? 
ATOM   328 N N9    . G   B 1 11 ? 10.090  -0.876  5.354   1.000 10.659  0 11  G   B N9    1 ? 
ATOM   329 C C8    . G   B 1 11 ? 10.538  -0.661  4.064   1.000 11.149  0 11  G   B C8    1 ? 
ATOM   330 N N7    . G   B 1 11 ? 9.855   -1.305  3.145   1.000 10.824  0 11  G   B N7    1 ? 
ATOM   331 C C5    . G   B 1 11 ? 8.856   -1.967  3.866   1.000 10.153  0 11  G   B C5    1 ? 
ATOM   332 C C6    . G   B 1 11 ? 7.828   -2.824  3.410   1.000 9.833   0 11  G   B C6    1 ? 
ATOM   333 O O6    . G   B 1 11 ? 7.487   -3.140  2.251   1.000 10.098  0 11  G   B O6    1 ? 
ATOM   334 N N1    . G   B 1 11 ? 7.071   -3.282  4.491   1.000 10.300  0 11  G   B N1    1 ? 
ATOM   335 C C2    . G   B 1 11 ? 7.320   -3.026  5.802   1.000 10.775  0 11  G   B C2    1 ? 
ATOM   336 N N2    . G   B 1 11 ? 6.487   -3.593  6.675   1.000 12.285  0 11  G   B N2    1 ? 
ATOM   337 N N3    . G   B 1 11 ? 8.292   -2.221  6.254   1.000 11.322  0 11  G   B N3    1 ? 
ATOM   338 C C4    . G   B 1 11 ? 9.023   -1.744  5.221   1.000 10.574  0 11  G   B C4    1 ? 
ATOM   339 P P     . U   B 1 12 ? 14.176  -3.331  7.627   1.000 13.694  0 12  U   B P     1 ? 
ATOM   340 O OP1   . U   B 1 12 ? 15.360  -3.489  8.534   1.000 17.596  0 12  U   B OP1   1 ? 
ATOM   341 O OP2   . U   B 1 12 ? 14.278  -3.752  6.183   1.000 13.991  0 12  U   B OP2   1 ? 
ATOM   342 O "O5'" . U   B 1 12 ? 12.952  -4.176  8.193   1.000 14.779  0 12  U   B "O5'" 1 ? 
ATOM   343 C "C5'" . U   B 1 12 ? 12.501  -4.141  9.565   1.000 12.968  0 12  U   B "C5'" 1 ? 
ATOM   344 C "C4'" . U   B 1 12 ? 11.300  -5.037  9.710   1.000 13.562  0 12  U   B "C4'" 1 ? 
ATOM   345 O "O4'" . U   B 1 12 ? 10.237  -4.538  8.877   1.000 13.457  0 12  U   B "O4'" 1 ? 
ATOM   346 C "C3'" . U   B 1 12 ? 11.464  -6.471  9.224   1.000 13.980  0 12  U   B "C3'" 1 ? 
ATOM   347 O "O3'" . U   B 1 12 ? 12.166  -7.239  10.184  1.000 14.690  0 12  U   B "O3'" 1 ? 
ATOM   348 C "C2'" . U   B 1 12 ? 10.013  -6.881  9.062   1.000 13.622  0 12  U   B "C2'" 1 ? 
ATOM   349 O "O2'" . U   B 1 12 ? 9.280   -7.019  10.277  1.000 16.643  0 12  U   B "O2'" 1 ? 
ATOM   350 C "C1'" . U   B 1 12 ? 9.467   -5.635  8.369   1.000 14.092  0 12  U   B "C1'" 1 ? 
ATOM   351 N N1    . U   B 1 12 ? 9.548   -5.633  6.896   1.000 12.271  0 12  U   B N1    1 ? 
ATOM   352 C C2    . U   B 1 12 ? 8.604   -6.392  6.231   1.000 13.437  0 12  U   B C2    1 ? 
ATOM   353 O O2    . U   B 1 12 ? 7.727   -7.014  6.821   1.000 13.461  0 12  U   B O2    1 ? 
ATOM   354 N N3    . U   B 1 12 ? 8.657   -6.301  4.856   1.000 11.898  0 12  U   B N3    1 ? 
ATOM   355 C C4    . U   B 1 12 ? 9.591   -5.610  4.105   1.000 12.521  0 12  U   B C4    1 ? 
ATOM   356 O O4    . U   B 1 12 ? 9.506   -5.606  2.882   1.000 13.011  0 12  U   B O4    1 ? 
ATOM   357 C C5    . U   B 1 12 ? 10.594  -4.934  4.874   1.000 12.019  0 12  U   B C5    1 ? 
ATOM   358 C C6    . U   B 1 12 ? 10.511  -4.937  6.211   1.000 11.313  0 12  U   B C6    1 ? 
ATOM   359 P P     . C   B 1 13 ? 13.006  -8.499  9.753   1.000 16.328  0 13  C   B P     1 ? 
ATOM   360 O OP1   . C   B 1 13 ? 13.770  -8.958  10.991  1.000 18.043  0 13  C   B OP1   1 ? 
ATOM   361 O OP2   . C   B 1 13 ? 13.722  -8.260  8.500   1.000 17.169  0 13  C   B OP2   1 ? 
ATOM   362 O "O5'" . C   B 1 13 ? 11.887  -9.576  9.393   1.000 16.524  0 13  C   B "O5'" 1 ? 
ATOM   363 C "C5'" . C   B 1 13 ? 10.930  -10.005 10.356  1.000 15.386  0 13  C   B "C5'" 1 ? 
ATOM   364 C "C4'" . C   B 1 13 ? 9.864   -10.857 9.692   1.000 15.026  0 13  C   B "C4'" 1 ? 
ATOM   365 O "O4'" . C   B 1 13 ? 9.137   -10.002 8.736   1.000 14.554  0 13  C   B "O4'" 1 ? 
ATOM   366 C "C3'" . C   B 1 13 ? 10.303  -12.018 8.838   1.000 15.814  0 13  C   B "C3'" 1 ? 
ATOM   367 O "O3'" . C   B 1 13 ? 10.526  -13.165 9.658   1.000 18.647  0 13  C   B "O3'" 1 ? 
ATOM   368 C "C2'" . C   B 1 13 ? 9.056   -12.238 7.984   1.000 14.690  0 13  C   B "C2'" 1 ? 
ATOM   369 O "O2'" . C   B 1 13 ? 7.972   -12.807 8.692   1.000 15.047  0 13  C   B "O2'" 1 ? 
ATOM   370 C "C1'" . C   B 1 13 ? 8.666   -10.794 7.669   1.000 13.530  0 13  C   B "C1'" 1 ? 
ATOM   371 N N1    . C   B 1 13 ? 9.204   -10.248 6.414   1.000 12.293  0 13  C   B N1    1 ? 
ATOM   372 C C2    . C   B 1 13 ? 8.505   -10.479 5.222   1.000 12.684  0 13  C   B C2    1 ? 
ATOM   373 O O2    . C   B 1 13 ? 7.475   -11.170 5.254   1.000 12.895  0 13  C   B O2    1 ? 
ATOM   374 N N3    . C   B 1 13 ? 8.978   -9.956  4.074   1.000 11.860  0 13  C   B N3    1 ? 
ATOM   375 C C4    . C   B 1 13 ? 10.082  -9.210  4.081   1.000 11.624  0 13  C   B C4    1 ? 
ATOM   376 N N4    . C   B 1 13 ? 10.512  -8.716  2.924   1.000 12.531  0 13  C   B N4    1 ? 
ATOM   377 C C5    . C   B 1 13 ? 10.825  -8.969  5.276   1.000 13.022  0 13  C   B C5    1 ? 
ATOM   378 C C6    . C   B 1 13 ? 10.359  -9.508  6.407   1.000 12.107  0 13  C   B C6    1 ? 
HETATM 379 O "O5'" . LCC C 2 .  ? 8.852   -9.848  -8.861  1.000 17.072  0 101 LCC A "O5'" 1 ? 
HETATM 380 C "C5'" . LCC C 2 .  ? 8.179   -10.936 -9.506  1.000 14.651  0 101 LCC A "C5'" 1 ? 
HETATM 381 C "C4'" . LCC C 2 .  ? 7.832   -11.849 -8.344  1.000 13.048  0 101 LCC A "C4'" 1 ? 
HETATM 382 O "O4'" . LCC C 2 .  ? 8.992   -12.304 -7.611  1.000 13.685  0 101 LCC A "O4'" 1 ? 
HETATM 383 C "C1'" . LCC C 2 .  ? 8.466   -12.725 -6.312  1.000 12.363  0 101 LCC A "C1'" 1 ? 
HETATM 384 N N1    . LCC C 2 .  ? 9.175   -11.911 -5.299  1.000 12.694  0 101 LCC A N1    1 ? 
HETATM 385 C C6    . LCC C 2 .  ? 9.877   -10.767 -5.693  1.000 14.306  0 101 LCC A C6    1 ? 
HETATM 386 C C5    . LCC C 2 .  ? 10.546  -10.080 -4.717  1.000 13.946  0 101 LCC A C5    1 ? 
HETATM 387 C C5M   . LCC C 2 .  ? 11.223  -8.908  -5.121  1.000 14.927  0 101 LCC A C5M   1 ? 
HETATM 388 C C4    . LCC C 2 .  ? 10.501  -10.546 -3.405  1.000 13.860  0 101 LCC A C4    1 ? 
HETATM 389 N N4    . LCC C 2 .  ? 11.209  -9.847  -2.522  1.000 15.222  0 101 LCC A N4    1 ? 
HETATM 390 N N3    . LCC C 2 .  ? 9.795   -11.639 -3.047  1.000 12.987  0 101 LCC A N3    1 ? 
HETATM 391 C C2    . LCC C 2 .  ? 9.106   -12.323 -4.017  1.000 12.712  0 101 LCC A C2    1 ? 
HETATM 392 O O2    . LCC C 2 .  ? 8.473   -13.323 -3.726  1.000 13.516  0 101 LCC A O2    1 ? 
HETATM 393 C "C3'" . LCC C 2 .  ? 6.954   -11.272 -7.260  1.000 13.267  0 101 LCC A "C3'" 1 ? 
HETATM 394 C "C2'" . LCC C 2 .  ? 6.998   -12.527 -6.427  1.000 12.639  0 101 LCC A "C2'" 1 ? 
HETATM 395 O "O2'" . LCC C 2 .  ? 6.550   -13.591 -7.383  1.000 13.405  0 101 LCC A "O2'" 1 ? 
HETATM 396 O "O3'" . LCC C 2 .  ? 5.631   -10.945 -7.731  1.000 13.162  0 101 LCC A "O3'" 1 ? 
HETATM 397 C "C6'" . LCC C 2 .  ? 7.057   -13.096 -8.765  1.000 13.223  0 101 LCC A "C6'" 1 ? 
HETATM 398 P P     . LCC C 2 .  ? 9.725   -8.763  -9.671  1.000 20.201  0 101 LCC A P     1 ? 
HETATM 399 O O1P   . LCC C 2 .  ? 8.754   -8.187  -10.684 1.000 21.883  0 101 LCC A O1P   1 ? 
HETATM 400 O O2P   . LCC C 2 .  ? 10.352  -7.874  -8.702  1.000 24.061  0 101 LCC A O2P   1 ? 
HETATM 401 P P     . LCG D 3 .  ? 4.769   -9.807  -7.077  1.000 13.666  0 102 LCG A P     1 ? 
HETATM 402 O OP1   . LCG D 3 .  ? 5.551   -8.635  -6.828  1.000 14.097  0 102 LCG A OP1   1 ? 
HETATM 403 O "O5'" . LCG D 3 .  ? 4.407   -10.517 -5.700  1.000 14.188  0 102 LCG A "O5'" 1 ? 
HETATM 404 C "C5'" . LCG D 3 .  ? 3.524   -11.617 -5.573  1.000 14.486  0 102 LCG A "C5'" 1 ? 
HETATM 405 C "C3'" . LCG D 3 .  ? 3.044   -10.837 -3.187  1.000 13.716  0 102 LCG A "C3'" 1 ? 
HETATM 406 C "C6'" . LCG D 3 .  ? 2.436   -13.090 -3.793  1.000 15.658  0 102 LCG A "C6'" 1 ? 
HETATM 407 N N9    . LCG D 3 .  ? 5.668   -11.292 -1.768  1.000 11.531  0 102 LCG A N9    1 ? 
HETATM 408 C C8    . LCG D 3 .  ? 6.316   -10.484 -2.608  1.000 12.414  0 102 LCG A C8    1 ? 
HETATM 409 C C4    . LCG D 3 .  ? 6.221   -11.169 -0.517  1.000 10.418  0 102 LCG A C4    1 ? 
HETATM 410 N N7    . LCG D 3 .  ? 7.263   -9.784  -1.970  1.000 11.105  0 102 LCG A N7    1 ? 
HETATM 411 C C5    . LCG D 3 .  ? 7.199   -10.196 -0.628  1.000 10.816  0 102 LCG A C5    1 ? 
HETATM 412 C C6    . LCG D 3 .  ? 7.936   -9.863  0.496   1.000 10.275  0 102 LCG A C6    1 ? 
HETATM 413 C "C2'" . LCG D 3 .  ? 3.237   -11.742 -1.985  1.000 14.055  0 102 LCG A "C2'" 1 ? 
HETATM 414 O O6    . LCG D 3 .  ? 8.846   -9.019  0.542   1.000 11.759  0 102 LCG A O6    1 ? 
HETATM 415 C "C4'" . LCG D 3 .  ? 3.429   -11.953 -4.058  1.000 13.578  0 102 LCG A "C4'" 1 ? 
HETATM 416 C "C1'" . LCG D 3 .  ? 4.625   -12.222 -2.154  1.000 13.221  0 102 LCG A "C1'" 1 ? 
HETATM 417 C C2    . LCG D 3 .  ? 6.486   -11.511 1.718   1.000 10.889  0 102 LCG A C2    1 ? 
HETATM 418 N N1    . LCG D 3 .  ? 7.516   -10.545 1.627   1.000 10.538  0 102 LCG A N1    1 ? 
HETATM 419 O "O4'" . LCG D 3 .  ? 4.705   -12.331 -3.646  1.000 14.264  0 102 LCG A "O4'" 1 ? 
HETATM 420 O OP2   . LCG D 3 .  ? 3.637   -9.844  -8.031  1.000 15.245  0 102 LCG A OP2   1 ? 
HETATM 421 N N2    . LCG D 3 .  ? 6.246   -12.076 2.904   1.000 11.730  0 102 LCG A N2    1 ? 
HETATM 422 N N3    . LCG D 3 .  ? 5.824   -11.841 0.593   1.000 10.639  0 102 LCG A N3    1 ? 
HETATM 423 O "O2'" . LCG D 3 .  ? 2.400   -12.911 -2.287  1.000 15.807  0 102 LCG A "O2'" 1 ? 
HETATM 424 O "O3'" . LCG D 3 .  ? 1.633   -10.335 -3.351  1.000 13.763  0 102 LCG A "O3'" 1 ? 
HETATM 425 P P     . GAO E 4 .  ? -13.098 9.210   -10.376 1.000 12.000  0 103 GAO A P     1 ? 
HETATM 426 O OP1   . GAO E 4 .  ? -13.815 9.154   -11.692 1.000 13.801  0 103 GAO A OP1   1 ? 
HETATM 427 O OP2   . GAO E 4 .  ? -13.088 10.459  -9.594  1.000 13.287  0 103 GAO A OP2   1 ? 
HETATM 428 O "O5'" . GAO E 4 .  ? -13.677 8.143   -9.366  1.000 11.446  0 103 GAO A "O5'" 1 ? 
HETATM 429 C "C5'" . GAO E 4 .  ? -13.880 6.817   -9.835  1.000 10.960  0 103 GAO A "C5'" 1 ? 
HETATM 430 C "C4'" . GAO E 4 .  ? -14.349 5.992   -8.612  1.000 10.523  0 103 GAO A "C4'" 1 ? 
HETATM 431 O "O4'" . GAO E 4 .  ? -13.309 5.995   -7.646  1.000 10.408  0 103 GAO A "O4'" 1 ? 
HETATM 432 C "C3'" . GAO E 4 .  ? -15.547 6.509   -7.794  1.000 10.797  0 103 GAO A "C3'" 1 ? 
HETATM 433 O "O3'" . GAO E 4 .  ? -16.786 6.057   -8.366  1.000 12.019  0 103 GAO A "O3'" 1 ? 
HETATM 434 C "C2'" . GAO E 4 .  ? -15.329 5.945   -6.403  1.000 11.758  0 103 GAO A "C2'" 1 ? 
HETATM 435 O "O2'" . GAO E 4 .  ? -15.675 6.959   -5.459  1.000 15.411  0 103 GAO A "O2'" 1 ? 
HETATM 436 C "C1'" . GAO E 4 .  ? -13.800 5.527   -6.371  1.000 9.841   0 103 GAO A "C1'" 1 ? 
HETATM 437 N N9    . GAO E 4 .  ? -13.199 6.209   -5.247  1.000 9.749   0 103 GAO A N9    1 ? 
HETATM 438 C C8    . GAO E 4 .  ? -12.690 7.468   -5.201  1.000 9.294   0 103 GAO A C8    1 ? 
HETATM 439 N N7    . GAO E 4 .  ? -12.427 7.835   -3.969  1.000 10.723  0 103 GAO A N7    1 ? 
HETATM 440 C C5    . GAO E 4 .  ? -12.787 6.794   -3.168  1.000 9.342   0 103 GAO A C5    1 ? 
HETATM 441 C C6    . GAO E 4 .  ? -12.840 6.659   -1.823  1.000 10.090  0 103 GAO A C6    1 ? 
HETATM 442 O O6    . GAO E 4 .  ? -12.418 7.474   -0.937  1.000 10.031  0 103 GAO A O6    1 ? 
HETATM 443 N N1    . GAO E 4 .  ? -13.348 5.485   -1.398  1.000 9.589   0 103 GAO A N1    1 ? 
HETATM 444 C C2    . GAO E 4 .  ? -13.859 4.515   -2.243  1.000 9.508   0 103 GAO A C2    1 ? 
HETATM 445 N N2    . GAO E 4 .  ? -14.328 3.384   -1.641  1.000 9.254   0 103 GAO A N2    1 ? 
HETATM 446 N N3    . GAO E 4 .  ? -13.823 4.642   -3.559  1.000 9.022   0 103 GAO A N3    1 ? 
HETATM 447 C C4    . GAO E 4 .  ? -13.317 5.826   -3.992  1.000 9.263   0 103 GAO A C4    1 ? 
HETATM 448 N N9A   . GP3 F 5 .  ? -17.113 5.857   -1.719  1.000 8.913   0 104 GP3 A N9A   1 ? 
HETATM 449 C C8A   . GP3 F 5 .  ? -16.483 6.896   -2.285  1.000 9.782   0 104 GP3 A C8A   1 ? 
HETATM 450 N N7A   . GP3 F 5 .  ? -15.871 7.694   -1.430  1.000 9.952   0 104 GP3 A N7A   1 ? 
HETATM 451 C C5A   . GP3 F 5 .  ? -16.121 7.114   -0.225  1.000 9.292   0 104 GP3 A C5A   1 ? 
HETATM 452 C C6A   . GP3 F 5 .  ? -15.718 7.415   1.036   1.000 9.844   0 104 GP3 A C6A   1 ? 
HETATM 453 O O6A   . GP3 F 5 .  ? -15.027 8.383   1.404   1.000 10.877  0 104 GP3 A O6A   1 ? 
HETATM 454 N N1A   . GP3 F 5 .  ? -16.169 6.549   2.035   1.000 8.721   0 104 GP3 A N1A   1 ? 
HETATM 455 C C2A   . GP3 F 5 .  ? -16.920 5.391   1.811   1.000 8.807   0 104 GP3 A C2A   1 ? 
HETATM 456 N N2A   . GP3 F 5 .  ? -17.301 4.665   2.848   1.000 9.484   0 104 GP3 A N2A   1 ? 
HETATM 457 N N3A   . GP3 F 5 .  ? -17.259 5.145   0.554   1.000 8.386   0 104 GP3 A N3A   1 ? 
HETATM 458 C C4A   . GP3 F 5 .  ? -16.835 5.982   -0.424  1.000 8.894   0 104 GP3 A C4A   1 ? 
HETATM 459 O O5D   . GP3 F 5 .  ? -18.685 7.570   -4.465  1.000 12.518  0 104 GP3 A O5D   1 ? 
HETATM 460 C C5D   . GP3 F 5 .  ? -19.165 6.464   -5.238  1.000 11.723  0 104 GP3 A C5D   1 ? 
HETATM 461 C C4D   . GP3 F 5 .  ? -19.015 5.221   -4.379  1.000 10.428  0 104 GP3 A C4D   1 ? 
HETATM 462 O O4D   . GP3 F 5 .  ? -17.679 5.026   -3.852  1.000 10.677  0 104 GP3 A O4D   1 ? 
HETATM 463 C C3D   . GP3 F 5 .  ? -19.880 5.328   -3.130  1.000 10.494  0 104 GP3 A C3D   1 ? 
HETATM 464 O O3D   . GP3 F 5 .  ? -21.226 4.831   -3.389  1.000 10.557  0 104 GP3 A O3D   1 ? 
HETATM 465 C C2D   . GP3 F 5 .  ? -19.149 4.425   -2.115  1.000 9.906   0 104 GP3 A C2D   1 ? 
HETATM 466 O O2D   . GP3 F 5 .  ? -19.509 3.025   -2.397  1.000 9.672   0 104 GP3 A O2D   1 ? 
HETATM 467 C C1D   . GP3 F 5 .  ? -17.762 4.712   -2.435  1.000 9.902   0 104 GP3 A C1D   1 ? 
HETATM 468 P PA    . GP3 F 5 .  ? -18.827 9.153   -4.810  1.000 12.849  0 104 GP3 A PA    1 ? 
HETATM 469 O O1A   . GP3 F 5 .  ? -17.763 9.983   -4.229  1.000 14.471  0 104 GP3 A O1A   1 ? 
HETATM 470 O O2A   . GP3 F 5 .  ? -19.135 9.175   -6.196  1.000 14.009  0 104 GP3 A O2A   1 ? 
HETATM 471 O O3A   . GP3 F 5 .  ? -20.126 9.530   -3.897  1.000 14.095  0 104 GP3 A O3A   1 ? 
HETATM 472 P PB    . GP3 F 5 .  ? -21.499 10.104  -4.464  1.000 13.979  0 104 GP3 A PB    1 ? 
HETATM 473 O O1B   . GP3 F 5 .  ? -21.249 11.523  -4.724  1.000 15.337  0 104 GP3 A O1B   1 ? 
HETATM 474 O O2B   . GP3 F 5 .  ? -22.010 9.251   -5.563  1.000 14.312  0 104 GP3 A O2B   1 ? 
HETATM 475 O O3B   . GP3 F 5 .  ? -22.417 9.863   -3.227  1.000 13.957  0 104 GP3 A O3B   1 ? 
HETATM 476 P PG    . GP3 F 5 .  ? -22.234 10.220  -1.649  1.000 14.121  0 104 GP3 A PG    1 ? 
HETATM 477 O O1G   . GP3 F 5 .  ? -21.311 11.325  -1.394  1.000 14.376  0 104 GP3 A O1G   1 ? 
HETATM 478 O O2G   . GP3 F 5 .  ? -23.623 10.423  -1.175  1.000 14.786  0 104 GP3 A O2G   1 ? 
HETATM 479 O O5E   . GP3 F 5 .  ? -21.668 8.895   -1.012  1.000 13.973  0 104 GP3 A O5E   1 ? 
HETATM 480 C C5E   . GP3 F 5 .  ? -22.287 7.574   -1.031  1.000 13.716  0 104 GP3 A C5E   1 ? 
HETATM 481 C C4E   . GP3 F 5 .  ? -22.096 6.829   0.246   1.000 12.714  0 104 GP3 A C4E   1 ? 
HETATM 482 O O4E   . GP3 F 5 .  ? -20.698 6.607   0.394   1.000 12.853  0 104 GP3 A O4E   1 ? 
HETATM 483 C C3E   . GP3 F 5 .  ? -22.438 7.636   1.430   1.000 11.911  0 104 GP3 A C3E   1 ? 
HETATM 484 O O3E   . GP3 F 5 .  ? -23.882 7.448   1.724   1.000 12.373  0 104 GP3 A O3E   1 ? 
HETATM 485 C C2E   . GP3 F 5 .  ? -21.621 7.020   2.547   1.000 12.088  0 104 GP3 A C2E   1 ? 
HETATM 486 O O2E   . GP3 F 5 .  ? -22.252 5.755   2.956   1.000 12.404  0 104 GP3 A O2E   1 ? 
HETATM 487 C C1E   . GP3 F 5 .  ? -20.337 6.762   1.783   1.000 11.273  0 104 GP3 A C1E   1 ? 
HETATM 488 N N9B   . GP3 F 5 .  ? -19.361 7.961   1.815   1.000 10.878  0 104 GP3 A N9B   1 ? 
HETATM 489 C C8B   . GP3 F 5 .  ? -18.963 8.779   0.859   1.000 10.757  0 104 GP3 A C8B   1 ? 
HETATM 490 N N7B   . GP3 F 5 .  ? -18.156 9.666   1.356   1.000 10.967  0 104 GP3 A N7B   1 ? 
HETATM 491 C C5B   . GP3 F 5 .  ? -18.018 9.448   2.704   1.000 10.572  0 104 GP3 A C5B   1 ? 
HETATM 492 C C6B   . GP3 F 5 .  ? -17.338 10.067  3.726   1.000 10.478  0 104 GP3 A C6B   1 ? 
HETATM 493 O O6B   . GP3 F 5 .  ? -16.627 11.140  3.653   1.000 12.135  0 104 GP3 A O6B   1 ? 
HETATM 494 N N1B   . GP3 F 5 .  ? -17.490 9.523   4.967   1.000 9.389   0 104 GP3 A N1B   1 ? 
HETATM 495 C C2B   . GP3 F 5 .  ? -18.268 8.384   5.216   1.000 9.758   0 104 GP3 A C2B   1 ? 
HETATM 496 N N2B   . GP3 F 5 .  ? -18.300 7.891   6.452   1.000 11.463  0 104 GP3 A N2B   1 ? 
HETATM 497 N N3B   . GP3 F 5 .  ? -18.926 7.774   4.218   1.000 9.975   0 104 GP3 A N3B   1 ? 
HETATM 498 C C4B   . GP3 F 5 .  ? -18.795 8.342   2.993   1.000 9.735   0 104 GP3 A C4B   1 ? 
HETATM 499 N N1    . LKC G 6 .  ? -15.793 10.718  9.606   1.000 11.893  0 105 LKC A N1    1 ? 
HETATM 500 C C2    . LKC G 6 .  ? -16.399 10.233  8.474   1.000 11.194  0 105 LKC A C2    1 ? 
HETATM 501 N N3    . LKC G 6 .  ? -16.149 10.713  7.246   1.000 11.645  0 105 LKC A N3    1 ? 
HETATM 502 C C4    . LKC G 6 .  ? -15.333 11.768  7.099   1.000 12.543  0 105 LKC A C4    1 ? 
HETATM 503 C C5    . LKC G 6 .  ? -14.666 12.339  8.219   1.000 12.794  0 105 LKC A C5    1 ? 
HETATM 504 C C6    . LKC G 6 .  ? -14.928 11.783  9.439   1.000 12.325  0 105 LKC A C6    1 ? 
HETATM 505 O O2    . LKC G 6 .  ? -17.135 9.277   8.647   1.000 13.318  0 105 LKC A O2    1 ? 
HETATM 506 N N4    . LKC G 6 .  ? -15.138 12.243  5.878   1.000 13.850  0 105 LKC A N4    1 ? 
HETATM 507 C "C1'" . LKC G 6 .  ? -16.126 10.112  10.921  1.000 11.584  0 105 LKC A "C1'" 1 ? 
HETATM 508 C "C2'" . LKC G 6 .  ? -15.424 8.830   11.221  1.000 11.947  0 105 LKC A "C2'" 1 ? 
HETATM 509 C "C3'" . LKC G 6 .  ? -14.113 9.332   11.714  1.000 12.145  0 105 LKC A "C3'" 1 ? 
HETATM 510 C "C4'" . LKC G 6 .  ? -14.753 10.174  12.778  1.000 12.721  0 105 LKC A "C4'" 1 ? 
HETATM 511 O "O4'" . LKC G 6 .  ? -15.582 10.997  11.940  1.000 12.482  0 105 LKC A "O4'" 1 ? 
HETATM 512 O "O3'" . LKC G 6 .  ? -13.360 8.301   12.313  1.000 13.240  0 105 LKC A "O3'" 1 ? 
HETATM 513 C "C5'" . LKC G 6 .  ? -13.887 11.019  13.678  1.000 13.521  0 105 LKC A "C5'" 1 ? 
HETATM 514 O "O5'" . LKC G 6 .  ? -13.184 11.918  12.780  1.000 17.616  0 105 LKC A "O5'" 1 ? 
HETATM 515 C C5A   . LKC G 6 .  ? -13.723 13.398  8.101   1.000 14.021  0 105 LKC A C5A   1 ? 
HETATM 516 O "O2'" . LKC G 6 .  ? -16.084 8.320   12.419  1.000 13.021  0 105 LKC A "O2'" 1 ? 
HETATM 517 C "C6'" . LKC G 6 .  ? -15.623 9.148   13.547  1.000 13.919  0 105 LKC A "C6'" 1 ? 
HETATM 518 O "O5'" . LCC H 2 .  ? -13.154 6.484   10.623  1.000 11.812  0 106 LCC A "O5'" 1 ? 
HETATM 519 C "C5'" . LCC H 2 .  ? -13.948 5.434   11.145  1.000 11.047  0 106 LCC A "C5'" 1 ? 
HETATM 520 C "C4'" . LCC H 2 .  ? -14.672 4.856   9.962   1.000 11.626  0 106 LCC A "C4'" 1 ? 
HETATM 521 O "O4'" . LCC H 2 .  ? -15.537 5.842   9.333   1.000 11.097  0 106 LCC A "O4'" 1 ? 
HETATM 522 C "C1'" . LCC H 2 .  ? -15.871 5.367   8.027   1.000 11.601  0 106 LCC A "C1'" 1 ? 
HETATM 523 N N1    . LCC H 2 .  ? -15.292 6.305   7.027   1.000 9.762   0 106 LCC A N1    1 ? 
HETATM 524 C C6    . LCC H 2 .  ? -14.383 7.325   7.345   1.000 8.620   0 106 LCC A C6    1 ? 
HETATM 525 C C5    . LCC H 2 .  ? -13.878 8.216   6.400   1.000 9.043   0 106 LCC A C5    1 ? 
HETATM 526 C C5M   . LCC H 2 .  ? -12.946 9.254   6.743   1.000 9.672   0 106 LCC A C5M   1 ? 
HETATM 527 C C4    . LCC H 2 .  ? -14.413 8.082   5.110   1.000 9.522   0 106 LCC A C4    1 ? 
HETATM 528 N N4    . LCC H 2 .  ? -14.011 8.832   4.107   1.000 10.103  0 106 LCC A N4    1 ? 
HETATM 529 N N3    . LCC H 2 .  ? -15.276 7.054   4.785   1.000 8.878   0 106 LCC A N3    1 ? 
HETATM 530 C C2    . LCC H 2 .  ? -15.730 6.207   5.741   1.000 9.139   0 106 LCC A C2    1 ? 
HETATM 531 O O2    . LCC H 2 .  ? -16.518 5.316   5.457   1.000 10.130  0 106 LCC A O2    1 ? 
HETATM 532 C "C3'" . LCC H 2 .  ? -13.836 4.333   8.773   1.000 12.238  0 106 LCC A "C3'" 1 ? 
HETATM 533 C "C2'" . LCC H 2 .  ? -15.143 4.059   7.975   1.000 10.781  0 106 LCC A "C2'" 1 ? 
HETATM 534 O "O2'" . LCC H 2 .  ? -15.889 3.183   8.875   1.000 12.662  0 106 LCC A "O2'" 1 ? 
HETATM 535 O "O3'" . LCC H 2 .  ? -13.142 3.140   9.111   1.000 12.373  0 106 LCC A "O3'" 1 ? 
HETATM 536 C "C6'" . LCC H 2 .  ? -15.593 3.688   10.309  1.000 12.128  0 106 LCC A "C6'" 1 ? 
HETATM 537 P P     . LCC H 2 .  ? -12.248 7.431   11.553  1.000 12.958  0 106 LCC A P     1 ? 
HETATM 538 O O1P   . LCC H 2 .  ? -11.527 8.215   10.559  1.000 14.764  0 106 LCC A O1P   1 ? 
HETATM 539 O O2P   . LCC H 2 .  ? -11.538 6.613   12.560  1.000 16.021  0 106 LCC A O2P   1 ? 
HETATM 540 S S     . SO4 I 7 .  ? 4.100   -3.094  -1.781  1.000 38.384  0 107 SO4 A S     1 ? 
HETATM 541 O O1    . SO4 I 7 .  ? 5.496   -2.760  -1.673  1.000 40.764  0 107 SO4 A O1    1 ? 
HETATM 542 O O2    . SO4 I 7 .  ? 3.820   -4.304  -1.026  1.000 32.499  0 107 SO4 A O2    1 ? 
HETATM 543 O O3    . SO4 I 7 .  ? 3.759   -3.296  -3.159  1.000 42.162  0 107 SO4 A O3    1 ? 
HETATM 544 O O4    . SO4 I 7 .  ? 3.306   -2.014  -1.249  1.000 47.992  0 107 SO4 A O4    1 ? 
HETATM 545 N N1    . LKC J 6 .  ? 18.255  -11.257 -8.014  1.000 25.786  0 101 LKC B N1    1 ? 
HETATM 546 C C2    . LKC J 6 .  ? 17.469  -12.263 -7.519  1.000 28.052  0 101 LKC B C2    1 ? 
HETATM 547 N N3    . LKC J 6 .  ? 17.194  -12.435 -6.254  1.000 29.363  0 101 LKC B N3    1 ? 
HETATM 548 C C4    . LKC J 6 .  ? 17.768  -11.579 -5.397  1.000 35.707  0 101 LKC B C4    1 ? 
HETATM 549 C C5    . LKC J 6 .  ? 18.574  -10.521 -5.791  1.000 31.231  0 101 LKC B C5    1 ? 
HETATM 550 C C6    . LKC J 6 .  ? 18.862  -10.308 -7.157  1.000 33.015  0 101 LKC B C6    1 ? 
HETATM 551 O O2    . LKC J 6 .  ? 16.901  -13.105 -8.185  1.000 27.547  0 101 LKC B O2    1 ? 
HETATM 552 N N4    . LKC J 6 .  ? 17.556  -11.692 -4.099  1.000 31.389  0 101 LKC B N4    1 ? 
HETATM 553 C "C1'" . LKC J 6 .  ? 18.445  -11.191 -9.478  1.000 28.751  0 101 LKC B "C1'" 1 ? 
HETATM 554 C "C2'" . LKC J 6 .  ? 17.264  -10.592 -10.219 1.000 25.505  0 101 LKC B "C2'" 1 ? 
HETATM 555 C "C3'" . LKC J 6 .  ? 17.638  -9.193  -10.158 1.000 28.833  0 101 LKC B "C3'" 1 ? 
HETATM 556 C "C4'" . LKC J 6 .  ? 18.931  -9.400  -10.802 1.000 29.883  0 101 LKC B "C4'" 1 ? 
HETATM 557 O "O4'" . LKC J 6 .  ? 19.528  -10.340 -9.929  1.000 31.019  0 101 LKC B "O4'" 1 ? 
HETATM 558 O "O3'" . LKC J 6 .  ? 16.783  -8.336  -11.027 1.000 30.665  0 101 LKC B "O3'" 1 ? 
HETATM 559 C "C5'" . LKC J 6 .  ? 19.673  -8.071  -10.944 1.000 33.021  0 101 LKC B "C5'" 1 ? 
HETATM 560 O "O5'" . LKC J 6 .  ? 19.788  -7.623  -9.567  1.000 35.281  0 101 LKC B "O5'" 1 ? 
HETATM 561 C C5A   . LKC J 6 .  ? 19.061  -9.713  -4.768  1.000 35.773  0 101 LKC B C5A   1 ? 
HETATM 562 O "O2'" . LKC J 6 .  ? 17.442  -10.973 -11.623 1.000 26.957  0 101 LKC B "O2'" 1 ? 
HETATM 563 C "C6'" . LKC J 6 .  ? 18.620  -10.142 -12.140 1.000 27.811  0 101 LKC B "C6'" 1 ? 
HETATM 564 O "O5'" . LCC K 2 .  ? 14.355  -8.809  -10.302 1.000 24.751  0 102 LCC B "O5'" 1 ? 
HETATM 565 C "C5'" . LCC K 2 .  ? 13.841  -9.491  -11.418 1.000 23.450  0 102 LCC B "C5'" 1 ? 
HETATM 566 C "C4'" . LCC K 2 .  ? 13.130  -10.628 -10.684 1.000 21.440  0 102 LCC B "C4'" 1 ? 
HETATM 567 O "O4'" . LCC K 2 .  ? 14.004  -11.354 -9.723  1.000 20.543  0 102 LCC B "O4'" 1 ? 
HETATM 568 C "C1'" . LCC K 2 .  ? 13.096  -12.118 -8.913  1.000 21.092  0 102 LCC B "C1'" 1 ? 
HETATM 569 N N1    . LCC K 2 .  ? 13.330  -11.882 -7.493  1.000 20.509  0 102 LCC B N1    1 ? 
HETATM 570 C C6    . LCC K 2 .  ? 14.073  -10.790 -6.979  1.000 21.637  0 102 LCC B C6    1 ? 
HETATM 571 C C5    . LCC K 2 .  ? 14.224  -10.676 -5.611  1.000 21.770  0 102 LCC B C5    1 ? 
HETATM 572 C C5M   . LCC K 2 .  ? 14.939  -9.576  -5.088  1.000 25.305  0 102 LCC B C5M   1 ? 
HETATM 573 C C4    . LCC K 2 .  ? 13.636  -11.661 -4.802  1.000 22.383  0 102 LCC B C4    1 ? 
HETATM 574 N N4    . LCC K 2 .  ? 13.717  -11.586 -3.468  1.000 24.658  0 102 LCC B N4    1 ? 
HETATM 575 N N3    . LCC K 2 .  ? 12.947  -12.660 -5.325  1.000 21.739  0 102 LCC B N3    1 ? 
HETATM 576 C C2    . LCC K 2 .  ? 12.810  -12.780 -6.652  1.000 21.819  0 102 LCC B C2    1 ? 
HETATM 577 O O2    . LCC K 2 .  ? 12.132  -13.704 -7.085  1.000 19.648  0 102 LCC B O2    1 ? 
HETATM 578 C "C3'" . LCC K 2 .  ? 11.991  -10.237 -9.744  1.000 20.091  0 102 LCC B "C3'" 1 ? 
HETATM 579 C "C2'" . LCC K 2 .  ? 11.717  -11.708 -9.484  1.000 20.225  0 102 LCC B "C2'" 1 ? 
HETATM 580 O "O2'" . LCC K 2 .  ? 11.611  -12.307 -10.777 1.000 22.029  0 102 LCC B "O2'" 1 ? 
HETATM 581 O "O3'" . LCC K 2 .  ? 10.821  -9.596  -10.393 1.000 19.404  0 102 LCC B "O3'" 1 ? 
HETATM 582 C "C6'" . LCC K 2 .  ? 12.545  -11.551 -11.715 1.000 21.460  0 102 LCC B "C6'" 1 ? 
HETATM 583 P P     . LCC K 2 .  ? 15.444  -7.589  -10.461 1.000 28.026  0 102 LCC B P     1 ? 
HETATM 584 O O1P   . LCC K 2 .  ? 15.095  -6.844  -11.720 1.000 31.937  0 102 LCC B O1P   1 ? 
HETATM 585 O O2P   . LCC K 2 .  ? 15.412  -7.046  -9.088  1.000 23.125  0 102 LCC B O2P   1 ? 
HETATM 586 O "O5'" . LCC L 2 .  ? -12.599 2.163   6.932   1.000 11.552  0 103 LCC B "O5'" 1 ? 
HETATM 587 C "C5'" . LCC L 2 .  ? -13.524 1.081   6.901   1.000 10.991  0 103 LCC B "C5'" 1 ? 
HETATM 588 C "C4'" . LCC L 2 .  ? -14.059 1.002   5.513   1.000 10.515  0 103 LCC B "C4'" 1 ? 
HETATM 589 O "O4'" . LCC L 2 .  ? -14.743 2.216   5.122   1.000 10.612  0 103 LCC B "O4'" 1 ? 
HETATM 590 C "C1'" . LCC L 2 .  ? -14.650 2.194   3.681   1.000 10.399  0 103 LCC B "C1'" 1 ? 
HETATM 591 N N1    . LCC L 2 .  ? -13.846 3.372   3.231   1.000 9.502   0 103 LCC B N1    1 ? 
HETATM 592 C C6    . LCC L 2 .  ? -13.058 4.132   4.149   1.000 10.106  0 103 LCC B C6    1 ? 
HETATM 593 C C5    . LCC L 2 .  ? -12.371 5.235   3.710   1.000 9.441   0 103 LCC B C5    1 ? 
HETATM 594 C C5M   . LCC L 2 .  ? -11.605 6.038   4.607   1.000 11.151  0 103 LCC B C5M   1 ? 
HETATM 595 C C4    . LCC L 2 .  ? -12.574 5.572   2.321   1.000 9.184   0 103 LCC B C4    1 ? 
HETATM 596 N N4    . LCC L 2 .  ? -11.915 6.644   1.876   1.000 10.247  0 103 LCC B N4    1 ? 
HETATM 597 N N3    . LCC L 2 .  ? -13.289 4.832   1.441   1.000 9.334   0 103 LCC B N3    1 ? 
HETATM 598 C C2    . LCC L 2 .  ? -13.954 3.714   1.893   1.000 9.601   0 103 LCC B C2    1 ? 
HETATM 599 O O2    . LCC L 2 .  ? -14.602 2.982   1.132   1.000 10.458  0 103 LCC B O2    1 ? 
HETATM 600 C "C3'" . LCC L 2 .  ? -13.012 0.764   4.405   1.000 10.868  0 103 LCC B "C3'" 1 ? 
HETATM 601 C "C2'" . LCC L 2 .  ? -14.054 0.833   3.372   1.000 10.957  0 103 LCC B "C2'" 1 ? 
HETATM 602 O "O2'" . LCC L 2 .  ? -15.056 -0.124  3.770   1.000 11.951  0 103 LCC B "O2'" 1 ? 
HETATM 603 O "O3'" . LCC L 2 .  ? -12.483 -0.566  4.570   1.000 11.675  0 103 LCC B "O3'" 1 ? 
HETATM 604 C "C6'" . LCC L 2 .  ? -15.008 -0.109  5.246   1.000 11.899  0 103 LCC B "C6'" 1 ? 
HETATM 605 P P     . LCC L 2 .  ? -11.887 2.726   8.229   1.000 12.900  0 103 LCC B P     1 ? 
HETATM 606 O O1P   . LCC L 2 .  ? -11.018 3.796   7.775   1.000 14.235  0 103 LCC B O1P   1 ? 
HETATM 607 O O2P   . LCC L 2 .  ? -11.318 1.600   9.024   1.000 16.222  0 103 LCC B O2P   1 ? 
HETATM 608 P P     . LCG M 3 .  ? -11.015 -0.867  4.005   1.000 11.439  0 104 LCG B P     1 ? 
HETATM 609 O OP1   . LCG M 3 .  ? -10.124 0.231   4.262   1.000 12.369  0 104 LCG B OP1   1 ? 
HETATM 610 O "O5'" . LCG M 3 .  ? -11.214 -0.878  2.478   1.000 11.771  0 104 LCG B "O5'" 1 ? 
HETATM 611 C "C5'" . LCG M 3 .  ? -12.029 -1.889  1.876   1.000 11.471  0 104 LCG B "C5'" 1 ? 
HETATM 612 C "C3'" . LCG M 3 .  ? -10.736 -1.353  -0.307  1.000 10.905  0 104 LCG B "C3'" 1 ? 
HETATM 613 C "C6'" . LCG M 3 .  ? -12.779 -2.546  -0.566  1.000 11.432  0 104 LCG B "C6'" 1 ? 
HETATM 614 N N9    . LCG M 3 .  ? -11.492 1.383   -0.964  1.000 9.978   0 104 LCG B N9    1 ? 
HETATM 615 C C8    . LCG M 3 .  ? -11.220 1.972   0.258   1.000 9.684   0 104 LCG B C8    1 ? 
HETATM 616 C C4    . LCG M 3 .  ? -11.145 2.285   -1.930  1.000 9.277   0 104 LCG B C4    1 ? 
HETATM 617 N N7    . LCG M 3 .  ? -10.617 3.149   0.039   1.000 10.647  0 104 LCG B N7    1 ? 
HETATM 618 C C5    . LCG M 3 .  ? -10.639 3.393   -1.279  1.000 9.112   0 104 LCG B C5    1 ? 
HETATM 619 C C6    . LCG M 3 .  ? -10.201 4.502   -2.004  1.000 9.248   0 104 LCG B C6    1 ? 
HETATM 620 C "C2'" . LCG M 3 .  ? -11.319 -1.029  -1.607  1.000 10.869  0 104 LCG B "C2'" 1 ? 
HETATM 621 O O6    . LCG M 3 .  ? -9.686  5.574   -1.562  1.000 10.920  0 104 LCG B O6    1 ? 
HETATM 622 C "C4'" . LCG M 3 .  ? -12.060 -1.552  0.365   1.000 11.362  0 104 LCG B "C4'" 1 ? 
HETATM 623 C "C1'" . LCG M 3 .  ? -12.166 0.148   -1.237  1.000 10.172  0 104 LCG B "C1'" 1 ? 
HETATM 624 C C2    . LCG M 3 .  ? -10.839 3.229   -3.998  1.000 10.032  0 104 LCG B C2    1 ? 
HETATM 625 N N1    . LCG M 3 .  ? -10.280 4.348   -3.352  1.000 9.016   0 104 LCG B N1    1 ? 
HETATM 626 O "O4'" . LCG M 3 .  ? -12.692 -0.253  0.085   1.000 11.386  0 104 LCG B "O4'" 1 ? 
HETATM 627 O OP2   . LCG M 3 .  ? -10.843 -2.207  4.601   1.000 13.466  0 104 LCG B OP2   1 ? 
HETATM 628 N N2    . LCG M 3 .  ? -10.945 3.211   -5.302  1.000 10.271  0 104 LCG B N2    1 ? 
HETATM 629 N N3    . LCG M 3 .  ? -11.283 2.167   -3.264  1.000 9.968   0 104 LCG B N3    1 ? 
HETATM 630 O "O2'" . LCG M 3 .  ? -12.229 -2.069  -1.883  1.000 12.301  0 104 LCG B "O2'" 1 ? 
HETATM 631 O "O3'" . LCG M 3 .  ? -9.983  -2.602  -0.256  1.000 11.731  0 104 LCG B "O3'" 1 ? 
HETATM 632 P P     . GAO N 4 .  ? 11.358  -14.369 8.964   1.000 21.910  0 105 GAO B P     1 ? 
HETATM 633 O OP1   . GAO N 4 .  ? 11.484  -15.224 10.211  1.000 27.429  0 105 GAO B OP1   1 ? 
HETATM 634 O OP2   . GAO N 4 .  ? 12.493  -14.080 8.179   1.000 22.295  0 105 GAO B OP2   1 ? 
HETATM 635 O "O5'" . GAO N 4 .  ? 10.161  -14.915 8.050   1.000 20.393  0 105 GAO B "O5'" 1 ? 
HETATM 636 C "C5'" . GAO N 4 .  ? 10.332  -15.896 7.058   1.000 18.707  0 105 GAO B "C5'" 1 ? 
HETATM 637 C "C4'" . GAO N 4 .  ? 9.153   -15.882 6.116   1.000 18.213  0 105 GAO B "C4'" 1 ? 
HETATM 638 O "O4'" . GAO N 4 .  ? 9.120   -14.600 5.521   1.000 16.667  0 105 GAO B "O4'" 1 ? 
HETATM 639 C "C3'" . GAO N 4 .  ? 9.296   -16.944 5.019   1.000 18.161  0 105 GAO B "C3'" 1 ? 
HETATM 640 O "O3'" . GAO N 4 .  ? 8.023   -17.573 4.848   1.000 18.770  0 105 GAO B "O3'" 1 ? 
HETATM 641 C "C2'" . GAO N 4 .  ? 9.702   -16.151 3.854   1.000 17.085  0 105 GAO B "C2'" 1 ? 
HETATM 642 O "O2'" . GAO N 4 .  ? 11.146  -15.995 3.897   1.000 17.800  0 105 GAO B "O2'" 1 ? 
HETATM 643 C "C1'" . GAO N 4 .  ? 9.033   -14.778 4.098   1.000 16.070  0 105 GAO B "C1'" 1 ? 
HETATM 644 N N9    . GAO N 4 .  ? 9.801   -13.743 3.429   1.000 14.758  0 105 GAO B N9    1 ? 
HETATM 645 C C8    . GAO N 4 .  ? 10.783  -12.986 3.880   1.000 13.157  0 105 GAO B C8    1 ? 
HETATM 646 N N7    . GAO N 4 .  ? 11.239  -12.209 2.962   1.000 13.816  0 105 GAO B N7    1 ? 
HETATM 647 C C5    . GAO N 4 .  ? 10.572  -12.465 1.816   1.000 12.732  0 105 GAO B C5    1 ? 
HETATM 648 C C6    . GAO N 4 .  ? 10.681  -11.945 0.544   1.000 11.208  0 105 GAO B C6    1 ? 
HETATM 649 O O6    . GAO N 4 .  ? 11.494  -11.053 0.082   1.000 12.512  0 105 GAO B O6    1 ? 
HETATM 650 N N1    . GAO N 4 .  ? 9.786   -12.488 -0.328  1.000 10.992  0 105 GAO B N1    1 ? 
HETATM 651 C C2    . GAO N 4 .  ? 8.895   -13.445 -0.008  1.000 11.105  0 105 GAO B C2    1 ? 
HETATM 652 N N2    . GAO N 4 .  ? 8.097   -13.913 -0.985  1.000 12.342  0 105 GAO B N2    1 ? 
HETATM 653 N N3    . GAO N 4 .  ? 8.770   -13.931 1.227   1.000 11.601  0 105 GAO B N3    1 ? 
HETATM 654 C C4    . GAO N 4 .  ? 9.662   -13.402 2.126   1.000 13.237  0 105 GAO B C4    1 ? 
HETATM 655 N N9A   . GP3 O 5 .  ? 14.139  -17.545 -2.332  1.000 39.714  0 106 GP3 B N9A   1 ? 
HETATM 656 C C8A   . GP3 O 5 .  ? 13.449  -18.240 -3.244  1.000 38.344  0 106 GP3 B C8A   1 ? 
HETATM 657 N N7A   . GP3 O 5 .  ? 13.596  -17.661 -4.437  1.000 34.821  0 106 GP3 B N7A   1 ? 
HETATM 658 C C5A   . GP3 O 5 .  ? 14.385  -16.610 -4.312  1.000 40.274  0 106 GP3 B C5A   1 ? 
HETATM 659 C C6A   . GP3 O 5 .  ? 14.847  -15.714 -5.221  1.000 39.467  0 106 GP3 B C6A   1 ? 
HETATM 660 O O6A   . GP3 O 5 .  ? 14.562  -15.750 -6.425  1.000 39.304  0 106 GP3 B O6A   1 ? 
HETATM 661 N N1A   . GP3 O 5 .  ? 15.704  -14.713 -4.789  1.000 37.972  0 106 GP3 B N1A   1 ? 
HETATM 662 C C2A   . GP3 O 5 .  ? 16.014  -14.680 -3.413  1.000 40.503  0 106 GP3 B C2A   1 ? 
HETATM 663 N N2A   . GP3 O 5 .  ? 16.811  -13.776 -2.907  1.000 44.603  0 106 GP3 B N2A   1 ? 
HETATM 664 N N3A   . GP3 O 5 .  ? 15.548  -15.587 -2.568  1.000 36.253  0 106 GP3 B N3A   1 ? 
HETATM 665 C C4A   . GP3 O 5 .  ? 14.733  -16.548 -3.003  1.000 36.826  0 106 GP3 B C4A   1 ? 
HETATM 666 O O5D   . GP3 O 5 .  ? 15.252  -17.129 3.210   1.000 74.160  0 106 GP3 B O5D   1 ? 
HETATM 667 C C5D   . GP3 O 5 .  ? 14.532  -18.314 2.902   1.000 72.637  0 106 GP3 B C5D   1 ? 
HETATM 668 C C4D   . GP3 O 5 .  ? 14.664  -18.395 1.383   1.000 71.006  0 106 GP3 B C4D   1 ? 
HETATM 669 O O4D   . GP3 O 5 .  ? 14.153  -17.299 0.490   1.000 63.994  0 106 GP3 B O4D   1 ? 
HETATM 670 C C3D   . GP3 O 5 .  ? 16.101  -18.276 0.861   1.000 70.270  0 106 GP3 B C3D   1 ? 
HETATM 671 O O3D   . GP3 O 5 .  ? 17.068  -19.242 1.378   1.000 64.076  0 106 GP3 B O3D   1 ? 
HETATM 672 C C2D   . GP3 O 5 .  ? 15.757  -18.512 -0.607  1.000 67.298  0 106 GP3 B C2D   1 ? 
HETATM 673 O O2D   . GP3 O 5 .  ? 15.928  -19.932 -0.977  1.000 69.214  0 106 GP3 B O2D   1 ? 
HETATM 674 C C1D   . GP3 O 5 .  ? 14.253  -18.002 -0.833  1.000 58.912  0 106 GP3 B C1D   1 ? 
HETATM 675 P PA    . GP3 O 5 .  ? 16.635  -17.172 3.963   1.000 71.160  0 106 GP3 B PA    1 ? 
HETATM 676 O O1A   . GP3 O 5 .  ? 16.390  -17.665 5.343   1.000 69.249  0 106 GP3 B O1A   1 ? 
HETATM 677 O O2A   . GP3 O 5 .  ? 17.656  -17.833 3.129   1.000 70.818  0 106 GP3 B O2A   1 ? 
HETATM 678 O O3A   . GP3 O 5 .  ? 16.929  -15.593 3.859   1.000 76.118  0 106 GP3 B O3A   1 ? 
HETATM 679 P PB    . GP3 O 5 .  ? 16.399  -14.329 4.801   1.000 78.917  0 106 GP3 B PB    1 ? 
HETATM 680 O O1B   . GP3 O 5 .  ? 15.629  -13.326 4.021   1.000 75.087  0 106 GP3 B O1B   1 ? 
HETATM 681 O O2B   . GP3 O 5 .  ? 15.806  -14.863 6.048   1.000 83.173  0 106 GP3 B O2B   1 ? 
HETATM 682 O O3B   . GP3 O 5 .  ? 17.862  -13.667 5.111   1.000 81.508  0 106 GP3 B O3B   1 ? 
HETATM 683 P PG    . GP3 O 5 .  ? 19.053  -13.660 3.962   1.000 84.514  0 106 GP3 B PG    1 ? 
HETATM 684 O O1G   . GP3 O 5 .  ? 20.138  -12.759 4.420   1.000 78.582  0 106 GP3 B O1G   1 ? 
HETATM 685 O O2G   . GP3 O 5 .  ? 19.412  -15.048 3.538   1.000 74.542  0 106 GP3 B O2G   1 ? 
HETATM 686 O O5E   . GP3 O 5 .  ? 18.180  -12.923 2.732   1.000 64.583  0 106 GP3 B O5E   1 ? 
HETATM 687 C C5E   . GP3 O 5 .  ? 17.634  -13.746 1.707   1.000 46.398  0 106 GP3 B C5E   1 ? 
HETATM 688 C C4E   . GP3 O 5 .  ? 16.865  -12.988 0.628   1.000 37.737  0 106 GP3 B C4E   1 ? 
HETATM 689 O O4E   . GP3 O 5 .  ? 15.766  -13.882 0.327   1.000 32.762  0 106 GP3 B O4E   1 ? 
HETATM 690 C C3E   . GP3 O 5 .  ? 16.240  -11.653 0.967   1.000 37.135  0 106 GP3 B C3E   1 ? 
HETATM 691 O O3E   . GP3 O 5 .  ? 16.607  -10.779 -0.122  1.000 36.149  0 106 GP3 B O3E   1 ? 
HETATM 692 C C2E   . GP3 O 5 .  ? 14.693  -11.848 0.903   1.000 31.091  0 106 GP3 B C2E   1 ? 
HETATM 693 O O2E   . GP3 O 5 .  ? 14.062  -10.807 0.185   1.000 34.153  0 106 GP3 B O2E   1 ? 
HETATM 694 C C1E   . GP3 O 5 .  ? 14.513  -13.062 0.047   1.000 27.152  0 106 GP3 B C1E   1 ? 
HETATM 695 N N9B   . GP3 O 5 .  ? 13.448  -14.030 0.409   1.000 21.914  0 106 GP3 B N9B   1 ? 
HETATM 696 C C8B   . GP3 O 5 .  ? 13.235  -14.570 1.605   1.000 22.686  0 106 GP3 B C8B   1 ? 
HETATM 697 N N7B   . GP3 O 5 .  ? 12.244  -15.404 1.455   1.000 20.371  0 106 GP3 B N7B   1 ? 
HETATM 698 C C5B   . GP3 O 5 .  ? 11.842  -15.451 0.178   1.000 16.708  0 106 GP3 B C5B   1 ? 
HETATM 699 C C6B   . GP3 O 5 .  ? 10.901  -16.138 -0.474  1.000 17.459  0 106 GP3 B C6B   1 ? 
HETATM 700 O O6B   . GP3 O 5 .  ? 10.128  -16.997 0.046   1.000 19.128  0 106 GP3 B O6B   1 ? 
HETATM 701 N N1B   . GP3 O 5 .  ? 10.820  -15.871 -1.844  1.000 17.073  0 106 GP3 B N1B   1 ? 
HETATM 702 C C2B   . GP3 O 5 .  ? 11.577  -14.965 -2.448  1.000 17.016  0 106 GP3 B C2B   1 ? 
HETATM 703 N N2B   . GP3 O 5 .  ? 11.439  -14.792 -3.758  1.000 16.090  0 106 GP3 B N2B   1 ? 
HETATM 704 N N3B   . GP3 O 5 .  ? 12.532  -14.264 -1.767  1.000 17.968  0 106 GP3 B N3B   1 ? 
HETATM 705 C C4B   . GP3 O 5 .  ? 12.596  -14.545 -0.437  1.000 16.879  0 106 GP3 B C4B   1 ? 
HETATM 706 S S     . SO4 P 7 .  ? -3.528  1.903   1.399   1.000 37.979  0 107 SO4 B S     1 ? 
HETATM 707 O O1    . SO4 P 7 .  ? -2.102  2.015   1.164   1.000 44.844  0 107 SO4 B O1    1 ? 
HETATM 708 O O2    . SO4 P 7 .  ? -3.777  0.848   2.343   1.000 47.834  0 107 SO4 B O2    1 ? 
HETATM 709 O O3    . SO4 P 7 .  ? -4.259  1.615   0.164   1.000 34.007  0 107 SO4 B O3    1 ? 
HETATM 710 O O4    . SO4 P 7 .  ? -3.979  3.178   1.963   1.000 44.513  0 107 SO4 B O4    1 ? 
HETATM 711 O O     . HOH Q 8 .  ? -6.323  8.794   -0.511  1.000 33.022  0 201 HOH A O     1 ? 
HETATM 712 O O     . HOH Q 8 .  ? 2.078   -1.902  0.872   1.000 32.050  0 202 HOH A O     1 ? 
HETATM 713 O O     . HOH Q 8 .  ? -4.374  6.621   0.360   1.000 30.391  0 203 HOH A O     1 ? 
HETATM 714 O O     . HOH Q 8 .  ? -17.765 8.014   -9.715  1.000 21.695  0 204 HOH A O     1 ? 
HETATM 715 O O     . HOH Q 8 .  ? -13.542 10.410  -13.947 1.000 20.221  0 205 HOH A O     1 ? 
HETATM 716 O O     . HOH Q 8 .  ? -13.365 10.142  0.370   1.000 23.224  0 206 HOH A O     1 ? 
HETATM 717 O O     . HOH Q 8 .  ? 2.408   -1.381  12.699  1.000 24.658  0 207 HOH A O     1 ? 
HETATM 718 O O     . HOH Q 8 .  ? -16.461 8.934   -12.027 1.000 15.276  0 208 HOH A O     1 ? 
HETATM 719 O O     . HOH Q 8 .  ? -5.814  7.282   -10.863 1.000 25.054  0 209 HOH A O     1 ? 
HETATM 720 O O     . HOH Q 8 .  ? 3.677   -10.943 -10.481 1.000 18.613  0 210 HOH A O     1 ? 
HETATM 721 O O     . HOH Q 8 .  ? -11.897 10.154  -2.723  1.000 18.960  0 211 HOH A O     1 ? 
HETATM 722 O O     . HOH Q 8 .  ? -22.706 6.692   -4.648  1.000 14.902  0 212 HOH A O     1 ? 
HETATM 723 O O     . HOH Q 8 .  ? -14.911 9.933   -2.584  1.000 19.657  0 213 HOH A O     1 ? 
HETATM 724 O O     . HOH Q 8 .  ? 10.165  -6.905  -0.508  1.000 27.875  0 214 HOH A O     1 ? 
HETATM 725 O O     . HOH Q 8 .  ? 2.274   15.641  -0.648  1.000 18.346  0 215 HOH A O     1 ? 
HETATM 726 O O     . HOH Q 8 .  ? -16.957 5.852   13.173  1.000 20.736  0 216 HOH A O     1 ? 
HETATM 727 O O     . HOH Q 8 .  ? -2.344  -10.450 -3.432  1.000 26.477  0 217 HOH A O     1 ? 
HETATM 728 O O     . HOH Q 8 .  ? -0.002  -7.924  -6.131  1.000 20.225  0 218 HOH A O     1 ? 
HETATM 729 O O     . HOH Q 8 .  ? -8.072  5.808   -11.582 1.000 22.956  0 219 HOH A O     1 ? 
HETATM 730 O O     . HOH Q 8 .  ? -0.375  7.488   12.812  1.000 26.249  0 220 HOH A O     1 ? 
HETATM 731 O O     . HOH Q 8 .  ? 3.744   12.940  6.001   0.330 12.705  0 221 HOH A O     1 ? 
HETATM 732 O O     . HOH Q 8 .  ? -12.634 10.312  -6.880  1.000 16.284  0 222 HOH A O     1 ? 
HETATM 733 O O     . HOH Q 8 .  ? 5.793   -6.289  -1.620  1.000 24.891  0 223 HOH A O     1 ? 
HETATM 734 O O     . HOH Q 8 .  ? 8.085   -7.680  -6.213  1.000 21.973  0 224 HOH A O     1 ? 
HETATM 735 O O     . HOH Q 8 .  ? -21.717 13.896  -2.377  1.000 22.487  0 225 HOH A O     1 ? 
HETATM 736 O O     . HOH Q 8 .  ? -18.560 11.072  -1.731  1.000 26.434  0 226 HOH A O     1 ? 
HETATM 737 O O     . HOH Q 8 .  ? 8.152   -7.562  -3.392  1.000 20.036  0 227 HOH A O     1 ? 
HETATM 738 O O     . HOH Q 8 .  ? -16.869 11.423  -0.400  1.000 32.950  0 228 HOH A O     1 ? 
HETATM 739 O O     . HOH Q 8 .  ? 5.055   9.589   2.643   1.000 21.136  0 229 HOH A O     1 ? 
HETATM 740 O O     . HOH Q 8 .  ? -16.948 13.052  1.621   1.000 24.590  0 230 HOH A O     1 ? 
HETATM 741 O O     . HOH Q 8 .  ? -24.753 9.662   -6.056  1.000 25.620  0 231 HOH A O     1 ? 
HETATM 742 O O     . HOH Q 8 .  ? 1.619   -6.113  -0.994  1.000 24.151  0 232 HOH A O     1 ? 
HETATM 743 O O     . HOH Q 8 .  ? -10.776 6.881   8.182   1.000 20.558  0 233 HOH A O     1 ? 
HETATM 744 O O     . HOH Q 8 .  ? -0.559  3.059   4.041   1.000 30.408  0 234 HOH A O     1 ? 
HETATM 745 O O     . HOH Q 8 .  ? -0.405  14.842  -6.966  1.000 27.842  0 235 HOH A O     1 ? 
HETATM 746 O O     . HOH Q 8 .  ? -1.291  7.656   4.251   1.000 29.021  0 236 HOH A O     1 ? 
HETATM 747 O O     . HOH Q 8 .  ? 4.841   -7.647  -4.122  1.000 27.405  0 237 HOH A O     1 ? 
HETATM 748 O O     . HOH Q 8 .  ? -18.347 2.532   0.153   1.000 15.091  0 238 HOH A O     1 ? 
HETATM 749 O O     . HOH Q 8 .  ? -5.249  11.628  -11.905 1.000 27.053  0 239 HOH A O     1 ? 
HETATM 750 O O     . HOH Q 8 .  ? -11.364 11.015  9.956   1.000 27.664  0 240 HOH A O     1 ? 
HETATM 751 O O     . HOH Q 8 .  ? -15.138 9.723   -6.043  1.000 17.443  0 241 HOH A O     1 ? 
HETATM 752 O O     . HOH Q 8 .  ? 0.779   15.228  5.816   0.330 17.386  0 242 HOH A O     1 ? 
HETATM 753 O O     . HOH Q 8 .  ? -17.137 10.359  -7.896  1.000 19.878  0 243 HOH A O     1 ? 
HETATM 754 O O     . HOH Q 8 .  ? -0.681  3.030   6.866   1.000 32.107  0 244 HOH A O     1 ? 
HETATM 755 O O     . HOH Q 8 .  ? -23.771 12.919  -5.088  1.000 26.673  0 245 HOH A O     1 ? 
HETATM 756 O O     . HOH Q 8 .  ? -4.745  12.125  -1.355  1.000 28.899  0 246 HOH A O     1 ? 
HETATM 757 O O     . HOH Q 8 .  ? -0.644  -0.096  5.834   1.000 20.629  0 247 HOH A O     1 ? 
HETATM 758 O O     . HOH Q 8 .  ? -11.596 12.671  -10.833 1.000 19.476  0 248 HOH A O     1 ? 
HETATM 759 O O     . HOH Q 8 .  ? -1.334  7.563   -8.889  1.000 28.021  0 249 HOH A O     1 ? 
HETATM 760 O O     . HOH Q 8 .  ? -10.954 12.088  -5.958  1.000 32.188  0 250 HOH A O     1 ? 
HETATM 761 O O     . HOH Q 8 .  ? -11.853 10.910  3.727   1.000 26.319  0 251 HOH A O     1 ? 
HETATM 762 O O     . HOH Q 8 .  ? -7.603  12.383  -4.596  1.000 22.597  0 252 HOH A O     1 ? 
HETATM 763 O O     . HOH Q 8 .  ? -10.267 9.457   -0.020  1.000 27.082  0 253 HOH A O     1 ? 
HETATM 764 O O     . HOH Q 8 .  ? -13.546 14.625  4.749   1.000 29.641  0 254 HOH A O     1 ? 
HETATM 765 O O     . HOH Q 8 .  ? -8.453  10.699  -1.995  1.000 23.049  0 255 HOH A O     1 ? 
HETATM 766 O O     . HOH Q 8 .  ? -15.009 0.865   -3.286  1.000 23.902  0 256 HOH A O     1 ? 
HETATM 767 O O     . HOH Q 8 .  ? -3.120  8.204   1.886   1.000 33.892  0 257 HOH A O     1 ? 
HETATM 768 O O     . HOH Q 8 .  ? 12.760  -7.129  -2.339  1.000 32.135  0 258 HOH A O     1 ? 
HETATM 769 O O     . HOH Q 8 .  ? -25.124 6.374   4.398   1.000 17.900  0 259 HOH A O     1 ? 
HETATM 770 O O     . HOH Q 8 .  ? -0.820  -13.175 -2.208  0.330 17.834  0 260 HOH A O     1 ? 
HETATM 771 O O     . HOH Q 8 .  ? -11.382 10.277  -13.623 1.000 100.032 0 261 HOH A O     1 ? 
HETATM 772 O O     . HOH Q 8 .  ? -17.854 0.397   -1.412  1.000 24.690  0 262 HOH A O     1 ? 
HETATM 773 O O     . HOH Q 8 .  ? -9.510  10.844  -13.735 1.000 33.519  0 263 HOH A O     1 ? 
HETATM 774 O O     . HOH Q 8 .  ? -9.316  8.398   6.255   1.000 30.635  0 264 HOH A O     1 ? 
HETATM 775 O O     . HOH R 8 .  ? 12.855  -12.770 6.496   1.000 31.059  0 201 HOH B O     1 ? 
HETATM 776 O O     . HOH R 8 .  ? -8.653  -6.135  -1.252  1.000 33.188  0 202 HOH B O     1 ? 
HETATM 777 O O     . HOH R 8 .  ? 16.747  2.905   6.811   0.330 23.413  0 203 HOH B O     1 ? 
HETATM 778 O O     . HOH R 8 .  ? -2.201  5.036   2.265   1.000 29.667  0 204 HOH B O     1 ? 
HETATM 779 O O     . HOH R 8 .  ? 11.181  8.275   2.640   1.000 34.880  0 205 HOH B O     1 ? 
HETATM 780 O O     . HOH R 8 .  ? 6.122   1.315   -2.245  1.000 31.994  0 206 HOH B O     1 ? 
HETATM 781 O O     . HOH R 8 .  ? 9.661   3.586   6.686   1.000 24.356  0 207 HOH B O     1 ? 
HETATM 782 O O     . HOH R 8 .  ? 10.336  -1.160  0.555   1.000 23.768  0 208 HOH B O     1 ? 
HETATM 783 O O     . HOH R 8 .  ? 3.258   7.531   -8.800  1.000 32.218  0 209 HOH B O     1 ? 
HETATM 784 O O     . HOH R 8 .  ? 4.967   9.753   -4.819  1.000 28.950  0 210 HOH B O     1 ? 
HETATM 785 O O     . HOH R 8 .  ? 16.025  6.460   -2.203  1.000 27.999  0 211 HOH B O     1 ? 
HETATM 786 O O     . HOH R 8 .  ? -8.648  7.012   0.475   1.000 24.616  0 212 HOH B O     1 ? 
HETATM 787 O O     . HOH R 8 .  ? 14.440  4.685   6.668   0.330 16.978  0 213 HOH B O     1 ? 
HETATM 788 O O     . HOH R 8 .  ? 6.326   -11.330 10.298  1.000 28.362  0 214 HOH B O     1 ? 
HETATM 789 O O     . HOH R 8 .  ? -12.403 -3.288  6.601   1.000 18.540  0 215 HOH B O     1 ? 
HETATM 790 O O     . HOH R 8 .  ? -9.223  4.283   2.147   1.000 17.949  0 216 HOH B O     1 ? 
HETATM 791 O O     . HOH R 8 .  ? 8.195   8.602   -7.345  1.000 22.182  0 217 HOH B O     1 ? 
HETATM 792 O O     . HOH R 8 .  ? 4.869   9.151   -0.985  1.000 20.857  0 218 HOH B O     1 ? 
HETATM 793 O O     . HOH R 8 .  ? -7.041  -4.249  -7.870  1.000 19.944  0 219 HOH B O     1 ? 
HETATM 794 O O     . HOH R 8 .  ? 13.510  7.843   -0.714  1.000 23.520  0 220 HOH B O     1 ? 
HETATM 795 O O     . HOH R 8 .  ? 13.293  -0.660  10.844  1.000 21.035  0 221 HOH B O     1 ? 
HETATM 796 O O     . HOH R 8 .  ? 8.872   -16.728 -3.733  1.000 28.906  0 222 HOH B O     1 ? 
HETATM 797 O O     . HOH R 8 .  ? 13.376  -10.401 3.554   1.000 27.936  0 223 HOH B O     1 ? 
HETATM 798 O O     . HOH R 8 .  ? -9.860  2.978   5.020   1.000 19.795  0 224 HOH B O     1 ? 
HETATM 799 O O     . HOH R 8 .  ? 13.796  -6.589  5.998   1.000 20.949  0 225 HOH B O     1 ? 
HETATM 800 O O     . HOH R 8 .  ? -6.938  3.054   0.416   1.000 22.691  0 226 HOH B O     1 ? 
HETATM 801 O O     . HOH R 8 .  ? -5.235  -4.207  -1.050  1.000 28.981  0 227 HOH B O     1 ? 
HETATM 802 O O     . HOH R 8 .  ? -5.266  -0.944  -0.988  1.000 19.558  0 228 HOH B O     1 ? 
HETATM 803 O O     . HOH R 8 .  ? -1.481  -1.330  -3.689  1.000 22.325  0 229 HOH B O     1 ? 
HETATM 804 O O     . HOH R 8 .  ? 2.540   -0.061  -5.222  1.000 24.987  0 230 HOH B O     1 ? 
HETATM 805 O O     . HOH R 8 .  ? -10.275 8.843   3.023   1.000 27.871  0 231 HOH B O     1 ? 
HETATM 806 O O     . HOH R 8 .  ? 13.317  -3.073  3.423   1.000 28.142  0 232 HOH B O     1 ? 
HETATM 807 O O     . HOH R 8 .  ? 13.092  -7.202  3.298   1.000 21.821  0 233 HOH B O     1 ? 
HETATM 808 O O     . HOH R 8 .  ? -9.443  0.052   7.236   1.000 30.669  0 234 HOH B O     1 ? 
HETATM 809 O O     . HOH R 8 .  ? 6.247   -4.153  9.635   1.000 19.622  0 235 HOH B O     1 ? 
HETATM 810 O O     . HOH R 8 .  ? -15.323 -1.983  -3.113  0.330 20.340  0 236 HOH B O     1 ? 
HETATM 811 O O     . HOH R 8 .  ? -8.180  7.009   2.976   1.000 33.322  0 237 HOH B O     1 ? 
# 
loop_
_pdbx_poly_seq_scheme.asym_id 
_pdbx_poly_seq_scheme.entity_id 
_pdbx_poly_seq_scheme.seq_id 
_pdbx_poly_seq_scheme.mon_id 
_pdbx_poly_seq_scheme.ndb_seq_num 
_pdbx_poly_seq_scheme.pdb_seq_num 
_pdbx_poly_seq_scheme.auth_seq_num 
_pdbx_poly_seq_scheme.pdb_mon_id 
_pdbx_poly_seq_scheme.auth_mon_id 
_pdbx_poly_seq_scheme.pdb_strand_id 
_pdbx_poly_seq_scheme.pdb_ins_code 
_pdbx_poly_seq_scheme.hetero 
A 1 1  C 1  1  ?  ? ? A . n 
A 1 2  C 2  2  ?  ? ? A . n 
A 1 3  C 3  3  ?  ? ? A . n 
A 1 4  G 4  4  ?  ? ? A . n 
A 1 5  A 5  5  5  A A A . n 
A 1 6  C 6  6  6  C C A . n 
A 1 7  U 7  7  7  U U A . n 
A 1 8  U 8  8  8  U U A . n 
A 1 9  A 9  9  9  A A A . n 
A 1 10 A 10 10 10 A A A . n 
A 1 11 G 11 11 11 G G A . n 
A 1 12 U 12 12 12 U U A . n 
A 1 13 C 13 13 13 C C A . n 
A 1 14 G 14 14 ?  ? ? A . n 
B 1 1  C 1  1  ?  ? ? B . n 
B 1 2  C 2  2  ?  ? ? B . n 
B 1 3  C 3  3  ?  ? ? B . n 
B 1 4  G 4  4  ?  ? ? B . n 
B 1 5  A 5  5  5  A A B . n 
B 1 6  C 6  6  6  C C B . n 
B 1 7  U 7  7  7  U U B . n 
B 1 8  U 8  8  8  U U B . n 
B 1 9  A 9  9  9  A A B . n 
B 1 10 A 10 10 10 A A B . n 
B 1 11 G 11 11 11 G G B . n 
B 1 12 U 12 12 12 U U B . n 
B 1 13 C 13 13 13 C C B . n 
B 1 14 G 14 14 ?  ? ? B . n 
# 
loop_
_pdbx_nonpoly_scheme.asym_id 
_pdbx_nonpoly_scheme.entity_id 
_pdbx_nonpoly_scheme.mon_id 
_pdbx_nonpoly_scheme.ndb_seq_num 
_pdbx_nonpoly_scheme.pdb_seq_num 
_pdbx_nonpoly_scheme.auth_seq_num 
_pdbx_nonpoly_scheme.pdb_mon_id 
_pdbx_nonpoly_scheme.auth_mon_id 
_pdbx_nonpoly_scheme.pdb_strand_id 
_pdbx_nonpoly_scheme.pdb_ins_code 
C 2 LCC 1  101 3   LCC LCC A . 
D 3 LCG 1  102 4   LCG LCG A . 
E 4 GAO 1  103 14  GAO ANG A . 
F 5 GP3 1  104 101 GP3 GP3 A . 
G 6 LKC 1  105 1   LKC LCC A . 
H 2 LCC 1  106 2   LCC LCC A . 
I 7 SO4 1  107 1   SO4 SO4 A . 
J 6 LKC 1  101 1   LKC LCC B . 
K 2 LCC 1  102 2   LCC LCC B . 
L 2 LCC 1  103 3   LCC LCC B . 
M 3 LCG 1  104 4   LCG LCG B . 
N 4 GAO 1  105 14  GAO ANG B . 
O 5 GP3 1  106 101 GP3 GP3 B . 
P 7 SO4 1  107 2   SO4 SO4 B . 
Q 8 HOH 1  201 101 HOH HOH A . 
Q 8 HOH 2  202 104 HOH HOH A . 
Q 8 HOH 3  203 64  HOH HOH A . 
Q 8 HOH 4  204 56  HOH HOH A . 
Q 8 HOH 5  205 50  HOH HOH A . 
Q 8 HOH 6  206 38  HOH HOH A . 
Q 8 HOH 7  207 80  HOH HOH A . 
Q 8 HOH 8  208 55  HOH HOH A . 
Q 8 HOH 9  209 84  HOH HOH A . 
Q 8 HOH 10 210 13  HOH HOH A . 
Q 8 HOH 11 211 36  HOH HOH A . 
Q 8 HOH 12 212 53  HOH HOH A . 
Q 8 HOH 13 213 44  HOH HOH A . 
Q 8 HOH 14 214 71  HOH HOH A . 
Q 8 HOH 15 215 76  HOH HOH A . 
Q 8 HOH 16 216 94  HOH HOH A . 
Q 8 HOH 17 217 59  HOH HOH A . 
Q 8 HOH 18 218 60  HOH HOH A . 
Q 8 HOH 19 219 85  HOH HOH A . 
Q 8 HOH 20 220 82  HOH HOH A . 
Q 8 HOH 21 221 29  HOH HOH A . 
Q 8 HOH 22 222 47  HOH HOH A . 
Q 8 HOH 23 223 105 HOH HOH A . 
Q 8 HOH 24 224 15  HOH HOH A . 
Q 8 HOH 25 225 63  HOH HOH A . 
Q 8 HOH 26 226 92  HOH HOH A . 
Q 8 HOH 27 227 14  HOH HOH A . 
Q 8 HOH 28 228 93  HOH HOH A . 
Q 8 HOH 29 229 28  HOH HOH A . 
Q 8 HOH 30 230 91  HOH HOH A . 
Q 8 HOH 31 231 54  HOH HOH A . 
Q 8 HOH 32 232 61  HOH HOH A . 
Q 8 HOH 33 233 41  HOH HOH A . 
Q 8 HOH 34 234 65  HOH HOH A . 
Q 8 HOH 35 235 96  HOH HOH A . 
Q 8 HOH 36 236 107 HOH HOH A . 
Q 8 HOH 37 237 16  HOH HOH A . 
Q 8 HOH 38 238 57  HOH HOH A . 
Q 8 HOH 39 239 97  HOH HOH A . 
Q 8 HOH 40 240 69  HOH HOH A . 
Q 8 HOH 41 241 45  HOH HOH A . 
Q 8 HOH 42 242 30  HOH HOH A . 
Q 8 HOH 43 243 46  HOH HOH A . 
Q 8 HOH 44 244 78  HOH HOH A . 
Q 8 HOH 45 245 52  HOH HOH A . 
Q 8 HOH 46 246 100 HOH HOH A . 
Q 8 HOH 47 247 11  HOH HOH A . 
Q 8 HOH 48 248 48  HOH HOH A . 
Q 8 HOH 49 249 83  HOH HOH A . 
Q 8 HOH 50 250 35  HOH HOH A . 
Q 8 HOH 51 251 40  HOH HOH A . 
Q 8 HOH 52 252 34  HOH HOH A . 
Q 8 HOH 53 253 37  HOH HOH A . 
Q 8 HOH 54 254 43  HOH HOH A . 
Q 8 HOH 55 255 33  HOH HOH A . 
Q 8 HOH 56 256 99  HOH HOH A . 
Q 8 HOH 57 257 77  HOH HOH A . 
Q 8 HOH 58 258 17  HOH HOH A . 
Q 8 HOH 59 259 49  HOH HOH A . 
Q 8 HOH 60 260 87  HOH HOH A . 
Q 8 HOH 61 261 90  HOH HOH A . 
Q 8 HOH 62 262 98  HOH HOH A . 
Q 8 HOH 63 263 51  HOH HOH A . 
Q 8 HOH 64 264 42  HOH HOH A . 
R 8 HOH 1  201 20  HOH HOH B . 
R 8 HOH 2  202 4   HOH HOH B . 
R 8 HOH 3  203 32  HOH HOH B . 
R 8 HOH 4  204 106 HOH HOH B . 
R 8 HOH 5  205 75  HOH HOH B . 
R 8 HOH 6  206 66  HOH HOH B . 
R 8 HOH 7  207 67  HOH HOH B . 
R 8 HOH 8  208 24  HOH HOH B . 
R 8 HOH 9  209 25  HOH HOH B . 
R 8 HOH 10 210 81  HOH HOH B . 
R 8 HOH 11 211 73  HOH HOH B . 
R 8 HOH 12 212 102 HOH HOH B . 
R 8 HOH 13 213 31  HOH HOH B . 
R 8 HOH 14 214 58  HOH HOH B . 
R 8 HOH 15 215 86  HOH HOH B . 
R 8 HOH 16 216 7   HOH HOH B . 
R 8 HOH 17 217 79  HOH HOH B . 
R 8 HOH 18 218 27  HOH HOH B . 
R 8 HOH 19 219 5   HOH HOH B . 
R 8 HOH 20 220 74  HOH HOH B . 
R 8 HOH 21 221 72  HOH HOH B . 
R 8 HOH 22 222 26  HOH HOH B . 
R 8 HOH 23 223 19  HOH HOH B . 
R 8 HOH 24 224 6   HOH HOH B . 
R 8 HOH 25 225 21  HOH HOH B . 
R 8 HOH 26 226 8   HOH HOH B . 
R 8 HOH 27 227 62  HOH HOH B . 
R 8 HOH 28 228 10  HOH HOH B . 
R 8 HOH 29 229 3   HOH HOH B . 
R 8 HOH 30 230 2   HOH HOH B . 
R 8 HOH 31 231 39  HOH HOH B . 
R 8 HOH 32 232 22  HOH HOH B . 
R 8 HOH 33 233 18  HOH HOH B . 
R 8 HOH 34 234 95  HOH HOH B . 
R 8 HOH 35 235 12  HOH HOH B . 
R 8 HOH 36 236 68  HOH HOH B . 
R 8 HOH 37 237 103 HOH HOH B . 
# 
_pdbx_struct_assembly.id                   1 
_pdbx_struct_assembly.details              author_defined_assembly 
_pdbx_struct_assembly.method_details       ? 
_pdbx_struct_assembly.oligomeric_details   dimeric 
_pdbx_struct_assembly.oligomeric_count     2 
# 
_pdbx_struct_assembly_gen.assembly_id       1 
_pdbx_struct_assembly_gen.oper_expression   1 
_pdbx_struct_assembly_gen.asym_id_list      A,B,C,D,E,F,G,H,I,J,K,L,M,N,O,P,Q,R 
# 
loop_
_pdbx_struct_assembly_prop.biol_id 
_pdbx_struct_assembly_prop.type 
_pdbx_struct_assembly_prop.value 
_pdbx_struct_assembly_prop.details 
1 'ABSA (A^2)' 5290 ? 
1 MORE         2    ? 
1 'SSA (A^2)'  5450 ? 
# 
_pdbx_struct_oper_list.id                   1 
_pdbx_struct_oper_list.type                 'identity operation' 
_pdbx_struct_oper_list.name                 1_555 
_pdbx_struct_oper_list.symmetry_operation   x,y,z 
_pdbx_struct_oper_list.matrix[1][1]         1.0000000000 
_pdbx_struct_oper_list.matrix[1][2]         0.0000000000 
_pdbx_struct_oper_list.matrix[1][3]         0.0000000000 
_pdbx_struct_oper_list.vector[1]            0.0000000000 
_pdbx_struct_oper_list.matrix[2][1]         0.0000000000 
_pdbx_struct_oper_list.matrix[2][2]         1.0000000000 
_pdbx_struct_oper_list.matrix[2][3]         0.0000000000 
_pdbx_struct_oper_list.vector[2]            0.0000000000 
_pdbx_struct_oper_list.matrix[3][1]         0.0000000000 
_pdbx_struct_oper_list.matrix[3][2]         0.0000000000 
_pdbx_struct_oper_list.matrix[3][3]         1.0000000000 
_pdbx_struct_oper_list.vector[3]            0.0000000000 
# 
loop_
_pdbx_struct_special_symmetry.id 
_pdbx_struct_special_symmetry.PDB_model_num 
_pdbx_struct_special_symmetry.auth_asym_id 
_pdbx_struct_special_symmetry.auth_comp_id 
_pdbx_struct_special_symmetry.auth_seq_id 
_pdbx_struct_special_symmetry.PDB_ins_code 
_pdbx_struct_special_symmetry.label_asym_id 
_pdbx_struct_special_symmetry.label_comp_id 
_pdbx_struct_special_symmetry.label_seq_id 
1 1 A HOH 221 ? Q HOH . 
2 1 A HOH 242 ? Q HOH . 
3 1 A HOH 260 ? Q HOH . 
4 1 B HOH 203 ? R HOH . 
5 1 B HOH 213 ? R HOH . 
6 1 B HOH 236 ? R HOH . 
# 
loop_
_pdbx_audit_revision_history.ordinal 
_pdbx_audit_revision_history.data_content_type 
_pdbx_audit_revision_history.major_revision 
_pdbx_audit_revision_history.minor_revision 
_pdbx_audit_revision_history.revision_date 
1 'Structure model' 1 0 2021-09-08 
2 'Structure model' 1 1 2021-10-20 
3 'Structure model' 1 2 2022-03-23 
4 'Structure model' 1 3 2023-10-18 
# 
_pdbx_audit_revision_details.ordinal             1 
_pdbx_audit_revision_details.revision_ordinal    1 
_pdbx_audit_revision_details.data_content_type   'Structure model' 
_pdbx_audit_revision_details.provider            repository 
_pdbx_audit_revision_details.type                'Initial release' 
_pdbx_audit_revision_details.description         ? 
_pdbx_audit_revision_details.details             ? 
# 
loop_
_pdbx_audit_revision_group.ordinal 
_pdbx_audit_revision_group.revision_ordinal 
_pdbx_audit_revision_group.data_content_type 
_pdbx_audit_revision_group.group 
1 2 'Structure model' 'Database references'    
2 3 'Structure model' 'Database references'    
3 4 'Structure model' 'Data collection'        
4 4 'Structure model' 'Refinement description' 
# 
loop_
_pdbx_audit_revision_category.ordinal 
_pdbx_audit_revision_category.revision_ordinal 
_pdbx_audit_revision_category.data_content_type 
_pdbx_audit_revision_category.category 
1 2 'Structure model' citation                      
2 3 'Structure model' citation_author               
3 4 'Structure model' chem_comp_atom                
4 4 'Structure model' chem_comp_bond                
5 4 'Structure model' pdbx_initial_refinement_model 
# 
loop_
_pdbx_audit_revision_item.ordinal 
_pdbx_audit_revision_item.revision_ordinal 
_pdbx_audit_revision_item.data_content_type 
_pdbx_audit_revision_item.item 
1 2 'Structure model' '_citation.journal_volume'          
2 2 'Structure model' '_citation.page_first'              
3 2 'Structure model' '_citation.page_last'               
4 2 'Structure model' '_citation.title'                   
5 3 'Structure model' '_citation_author.identifier_ORCID' 
# 
loop_
_software.citation_id 
_software.classification 
_software.compiler_name 
_software.compiler_version 
_software.contact_author 
_software.contact_author_email 
_software.date 
_software.description 
_software.dependencies 
_software.hardware 
_software.language 
_software.location 
_software.mods 
_software.name 
_software.os 
_software.os_version 
_software.type 
_software.version 
_software.pdbx_ordinal 
? refinement       ? ? ? ? ? ? ? ? ? ? ? REFMAC   ? ? ? 5.8.0267 1 
? 'data reduction' ? ? ? ? ? ? ? ? ? ? ? HKL-2000 ? ? ? .        2 
? 'data scaling'   ? ? ? ? ? ? ? ? ? ? ? HKL-2000 ? ? ? .        3 
? phasing          ? ? ? ? ? ? ? ? ? ? ? PHASER   ? ? ? .        4 
# 
_pdbx_entry_details.entry_id                 7LNE 
_pdbx_entry_details.has_ligand_of_interest   Y 
_pdbx_entry_details.compound_details         ? 
_pdbx_entry_details.source_details           ? 
_pdbx_entry_details.nonpolymer_details       ? 
_pdbx_entry_details.sequence_details         ? 
# 
loop_
_pdbx_validate_close_contact.id 
_pdbx_validate_close_contact.PDB_model_num 
_pdbx_validate_close_contact.auth_atom_id_1 
_pdbx_validate_close_contact.auth_asym_id_1 
_pdbx_validate_close_contact.auth_comp_id_1 
_pdbx_validate_close_contact.auth_seq_id_1 
_pdbx_validate_close_contact.PDB_ins_code_1 
_pdbx_validate_close_contact.label_alt_id_1 
_pdbx_validate_close_contact.auth_atom_id_2 
_pdbx_validate_close_contact.auth_asym_id_2 
_pdbx_validate_close_contact.auth_comp_id_2 
_pdbx_validate_close_contact.auth_seq_id_2 
_pdbx_validate_close_contact.PDB_ins_code_2 
_pdbx_validate_close_contact.label_alt_id_2 
_pdbx_validate_close_contact.dist 
1 1 O   A HOH 261 ? ? O A HOH 263 ? ? 1.96 
2 1 OP2 B GAO 105 ? ? O B HOH 201 ? ? 2.16 
3 1 O   A HOH 226 ? ? O A HOH 228 ? ? 2.18 
4 1 O   A HOH 205 ? ? O A HOH 261 ? ? 2.19 
# 
_pdbx_validate_symm_contact.id                1 
_pdbx_validate_symm_contact.PDB_model_num     1 
_pdbx_validate_symm_contact.auth_atom_id_1    O 
_pdbx_validate_symm_contact.auth_asym_id_1    B 
_pdbx_validate_symm_contact.auth_comp_id_1    HOH 
_pdbx_validate_symm_contact.auth_seq_id_1     205 
_pdbx_validate_symm_contact.PDB_ins_code_1    ? 
_pdbx_validate_symm_contact.label_alt_id_1    ? 
_pdbx_validate_symm_contact.site_symmetry_1   1_555 
_pdbx_validate_symm_contact.auth_atom_id_2    O 
_pdbx_validate_symm_contact.auth_asym_id_2    B 
_pdbx_validate_symm_contact.auth_comp_id_2    HOH 
_pdbx_validate_symm_contact.auth_seq_id_2     207 
_pdbx_validate_symm_contact.PDB_ins_code_2    ? 
_pdbx_validate_symm_contact.label_alt_id_2    ? 
_pdbx_validate_symm_contact.site_symmetry_2   3_765 
_pdbx_validate_symm_contact.dist              2.10 
# 
loop_
_pdbx_validate_rmsd_bond.id 
_pdbx_validate_rmsd_bond.PDB_model_num 
_pdbx_validate_rmsd_bond.auth_atom_id_1 
_pdbx_validate_rmsd_bond.auth_asym_id_1 
_pdbx_validate_rmsd_bond.auth_comp_id_1 
_pdbx_validate_rmsd_bond.auth_seq_id_1 
_pdbx_validate_rmsd_bond.PDB_ins_code_1 
_pdbx_validate_rmsd_bond.label_alt_id_1 
_pdbx_validate_rmsd_bond.auth_atom_id_2 
_pdbx_validate_rmsd_bond.auth_asym_id_2 
_pdbx_validate_rmsd_bond.auth_comp_id_2 
_pdbx_validate_rmsd_bond.auth_seq_id_2 
_pdbx_validate_rmsd_bond.PDB_ins_code_2 
_pdbx_validate_rmsd_bond.label_alt_id_2 
_pdbx_validate_rmsd_bond.bond_value 
_pdbx_validate_rmsd_bond.bond_target_value 
_pdbx_validate_rmsd_bond.bond_deviation 
_pdbx_validate_rmsd_bond.bond_standard_deviation 
_pdbx_validate_rmsd_bond.linker_flag 
1 1 "O3'" A U 8  ? ? P     A A 9  ? ? 1.528 1.607 -0.079 0.012 Y 
2 1 P     B G 11 ? ? "O5'" B G 11 ? ? 1.675 1.593 0.082  0.010 N 
# 
_pdbx_validate_rmsd_angle.id                         1 
_pdbx_validate_rmsd_angle.PDB_model_num              1 
_pdbx_validate_rmsd_angle.auth_atom_id_1             "O5'" 
_pdbx_validate_rmsd_angle.auth_asym_id_1             B 
_pdbx_validate_rmsd_angle.auth_comp_id_1             G 
_pdbx_validate_rmsd_angle.auth_seq_id_1              11 
_pdbx_validate_rmsd_angle.PDB_ins_code_1             ? 
_pdbx_validate_rmsd_angle.label_alt_id_1             ? 
_pdbx_validate_rmsd_angle.auth_atom_id_2             P 
_pdbx_validate_rmsd_angle.auth_asym_id_2             B 
_pdbx_validate_rmsd_angle.auth_comp_id_2             G 
_pdbx_validate_rmsd_angle.auth_seq_id_2              11 
_pdbx_validate_rmsd_angle.PDB_ins_code_2             ? 
_pdbx_validate_rmsd_angle.label_alt_id_2             ? 
_pdbx_validate_rmsd_angle.auth_atom_id_3             OP2 
_pdbx_validate_rmsd_angle.auth_asym_id_3             B 
_pdbx_validate_rmsd_angle.auth_comp_id_3             G 
_pdbx_validate_rmsd_angle.auth_seq_id_3              11 
_pdbx_validate_rmsd_angle.PDB_ins_code_3             ? 
_pdbx_validate_rmsd_angle.label_alt_id_3             ? 
_pdbx_validate_rmsd_angle.angle_value                95.63 
_pdbx_validate_rmsd_angle.angle_target_value         105.70 
_pdbx_validate_rmsd_angle.angle_deviation            -10.07 
_pdbx_validate_rmsd_angle.angle_standard_deviation   0.90 
_pdbx_validate_rmsd_angle.linker_flag                N 
# 
loop_
_pdbx_unobs_or_zero_occ_residues.id 
_pdbx_unobs_or_zero_occ_residues.PDB_model_num 
_pdbx_unobs_or_zero_occ_residues.polymer_flag 
_pdbx_unobs_or_zero_occ_residues.occupancy_flag 
_pdbx_unobs_or_zero_occ_residues.auth_asym_id 
_pdbx_unobs_or_zero_occ_residues.auth_comp_id 
_pdbx_unobs_or_zero_occ_residues.auth_seq_id 
_pdbx_unobs_or_zero_occ_residues.PDB_ins_code 
_pdbx_unobs_or_zero_occ_residues.label_asym_id 
_pdbx_unobs_or_zero_occ_residues.label_comp_id 
_pdbx_unobs_or_zero_occ_residues.label_seq_id 
1  1 Y 1 A C 1  ? A C 1  
2  1 Y 1 A C 2  ? A C 2  
3  1 Y 1 A C 3  ? A C 3  
4  1 Y 1 A G 4  ? A G 4  
5  1 Y 1 A G 14 ? A G 14 
6  1 Y 1 B C 1  ? B C 1  
7  1 Y 1 B C 2  ? B C 2  
8  1 Y 1 B C 3  ? B C 3  
9  1 Y 1 B G 4  ? B G 4  
10 1 Y 1 B G 14 ? B G 14 
# 
loop_
_chem_comp_atom.comp_id 
_chem_comp_atom.atom_id 
_chem_comp_atom.type_symbol 
_chem_comp_atom.pdbx_aromatic_flag 
_chem_comp_atom.pdbx_stereo_config 
_chem_comp_atom.pdbx_ordinal 
A   OP3    O N N 1   
A   P      P N N 2   
A   OP1    O N N 3   
A   OP2    O N N 4   
A   "O5'"  O N N 5   
A   "C5'"  C N N 6   
A   "C4'"  C N R 7   
A   "O4'"  O N N 8   
A   "C3'"  C N S 9   
A   "O3'"  O N N 10  
A   "C2'"  C N R 11  
A   "O2'"  O N N 12  
A   "C1'"  C N R 13  
A   N9     N Y N 14  
A   C8     C Y N 15  
A   N7     N Y N 16  
A   C5     C Y N 17  
A   C6     C Y N 18  
A   N6     N N N 19  
A   N1     N Y N 20  
A   C2     C Y N 21  
A   N3     N Y N 22  
A   C4     C Y N 23  
A   HOP3   H N N 24  
A   HOP2   H N N 25  
A   "H5'"  H N N 26  
A   "H5''" H N N 27  
A   "H4'"  H N N 28  
A   "H3'"  H N N 29  
A   "HO3'" H N N 30  
A   "H2'"  H N N 31  
A   "HO2'" H N N 32  
A   "H1'"  H N N 33  
A   H8     H N N 34  
A   H61    H N N 35  
A   H62    H N N 36  
A   H2     H N N 37  
C   OP3    O N N 38  
C   P      P N N 39  
C   OP1    O N N 40  
C   OP2    O N N 41  
C   "O5'"  O N N 42  
C   "C5'"  C N N 43  
C   "C4'"  C N R 44  
C   "O4'"  O N N 45  
C   "C3'"  C N S 46  
C   "O3'"  O N N 47  
C   "C2'"  C N R 48  
C   "O2'"  O N N 49  
C   "C1'"  C N R 50  
C   N1     N N N 51  
C   C2     C N N 52  
C   O2     O N N 53  
C   N3     N N N 54  
C   C4     C N N 55  
C   N4     N N N 56  
C   C5     C N N 57  
C   C6     C N N 58  
C   HOP3   H N N 59  
C   HOP2   H N N 60  
C   "H5'"  H N N 61  
C   "H5''" H N N 62  
C   "H4'"  H N N 63  
C   "H3'"  H N N 64  
C   "HO3'" H N N 65  
C   "H2'"  H N N 66  
C   "HO2'" H N N 67  
C   "H1'"  H N N 68  
C   H41    H N N 69  
C   H42    H N N 70  
C   H5     H N N 71  
C   H6     H N N 72  
G   OP3    O N N 73  
G   P      P N N 74  
G   OP1    O N N 75  
G   OP2    O N N 76  
G   "O5'"  O N N 77  
G   "C5'"  C N N 78  
G   "C4'"  C N R 79  
G   "O4'"  O N N 80  
G   "C3'"  C N S 81  
G   "O3'"  O N N 82  
G   "C2'"  C N R 83  
G   "O2'"  O N N 84  
G   "C1'"  C N R 85  
G   N9     N Y N 86  
G   C8     C Y N 87  
G   N7     N Y N 88  
G   C5     C Y N 89  
G   C6     C N N 90  
G   O6     O N N 91  
G   N1     N N N 92  
G   C2     C N N 93  
G   N2     N N N 94  
G   N3     N N N 95  
G   C4     C Y N 96  
G   HOP3   H N N 97  
G   HOP2   H N N 98  
G   "H5'"  H N N 99  
G   "H5''" H N N 100 
G   "H4'"  H N N 101 
G   "H3'"  H N N 102 
G   "HO3'" H N N 103 
G   "H2'"  H N N 104 
G   "HO2'" H N N 105 
G   "H1'"  H N N 106 
G   H8     H N N 107 
G   H1     H N N 108 
G   H21    H N N 109 
G   H22    H N N 110 
GAO OP3    O N N 111 
GAO P      P N N 112 
GAO OP1    O N N 113 
GAO OP2    O N N 114 
GAO "O5'"  O N N 115 
GAO "C5'"  C N N 116 
GAO "C4'"  C N R 117 
GAO "O4'"  O N N 118 
GAO "C3'"  C N S 119 
GAO "O3'"  O N N 120 
GAO "C2'"  C N S 121 
GAO "O2'"  O N N 122 
GAO "C1'"  C N R 123 
GAO N9     N Y N 124 
GAO C8     C Y N 125 
GAO N7     N Y N 126 
GAO C5     C Y N 127 
GAO C6     C N N 128 
GAO O6     O N N 129 
GAO N1     N N N 130 
GAO C2     C N N 131 
GAO N2     N N N 132 
GAO N3     N N N 133 
GAO C4     C Y N 134 
GAO HOP3   H N N 135 
GAO HOP2   H N N 136 
GAO "H5'"  H N N 137 
GAO "H5''" H N N 138 
GAO "H4'"  H N N 139 
GAO "H3'"  H N N 140 
GAO "HO3'" H N N 141 
GAO "H2'"  H N N 142 
GAO "HO2'" H N N 143 
GAO "H1'"  H N N 144 
GAO H8     H N N 145 
GAO H1     H N N 146 
GAO H21    H N N 147 
GAO H22    H N N 148 
GP3 N9A    N Y N 149 
GP3 C8A    C Y N 150 
GP3 N7A    N Y N 151 
GP3 C5A    C Y N 152 
GP3 C6A    C N N 153 
GP3 O6A    O N N 154 
GP3 N1A    N N N 155 
GP3 C2A    C N N 156 
GP3 N2A    N N N 157 
GP3 N3A    N N N 158 
GP3 C4A    C Y N 159 
GP3 O5D    O N N 160 
GP3 C5D    C N N 161 
GP3 C4D    C N R 162 
GP3 O4D    O N N 163 
GP3 C3D    C N S 164 
GP3 O3D    O N N 165 
GP3 C2D    C N R 166 
GP3 O2D    O N N 167 
GP3 C1D    C N R 168 
GP3 PA     P N R 169 
GP3 O1A    O N N 170 
GP3 O2A    O N N 171 
GP3 O3A    O N N 172 
GP3 PB     P N N 173 
GP3 O1B    O N N 174 
GP3 O2B    O N N 175 
GP3 O3B    O N N 176 
GP3 PG     P N R 177 
GP3 O1G    O N N 178 
GP3 O2G    O N N 179 
GP3 O5E    O N N 180 
GP3 C5E    C N N 181 
GP3 C4E    C N R 182 
GP3 O4E    O N N 183 
GP3 C3E    C N S 184 
GP3 O3E    O N N 185 
GP3 C2E    C N R 186 
GP3 O2E    O N N 187 
GP3 C1E    C N R 188 
GP3 N9B    N Y N 189 
GP3 C8B    C Y N 190 
GP3 N7B    N Y N 191 
GP3 C5B    C Y N 192 
GP3 C6B    C N N 193 
GP3 O6B    O N N 194 
GP3 N1B    N N N 195 
GP3 C2B    C N N 196 
GP3 N2B    N N N 197 
GP3 N3B    N N N 198 
GP3 C4B    C Y N 199 
GP3 H8A    H N N 200 
GP3 H1A    H N N 201 
GP3 H21A   H N N 202 
GP3 H22A   H N N 203 
GP3 H51A   H N N 204 
GP3 H52A   H N N 205 
GP3 H4D    H N N 206 
GP3 H3D    H N N 207 
GP3 HO3A   H N N 208 
GP3 H2D    H N N 209 
GP3 HO2A   H N N 210 
GP3 H1D    H N N 211 
GP3 HOA2   H N N 212 
GP3 HOB2   H N N 213 
GP3 HOG2   H N N 214 
GP3 H51B   H N N 215 
GP3 H52B   H N N 216 
GP3 H4E    H N N 217 
GP3 H3E    H N N 218 
GP3 HO3B   H N N 219 
GP3 H2E    H N N 220 
GP3 HO2B   H N N 221 
GP3 H1E    H N N 222 
GP3 H8B    H N N 223 
GP3 H1B    H N N 224 
GP3 H21B   H N N 225 
GP3 H22B   H N N 226 
HOH O      O N N 227 
HOH H1     H N N 228 
HOH H2     H N N 229 
LCC "O5'"  O N N 230 
LCC "C5'"  C N N 231 
LCC "C4'"  C N R 232 
LCC "O4'"  O N N 233 
LCC "C1'"  C N R 234 
LCC N1     N N N 235 
LCC C6     C N N 236 
LCC C5     C N N 237 
LCC C5M    C N N 238 
LCC C4     C N N 239 
LCC N4     N N N 240 
LCC N3     N N N 241 
LCC C2     C N N 242 
LCC O2     O N N 243 
LCC "C3'"  C N S 244 
LCC "C2'"  C N R 245 
LCC "O2'"  O N N 246 
LCC "O3'"  O N N 247 
LCC "C6'"  C N N 248 
LCC P      P N N 249 
LCC O1P    O N N 250 
LCC O2P    O N N 251 
LCC OXT    O N N 252 
LCC "H5'1" H N N 253 
LCC "H5'2" H N N 254 
LCC "H1'"  H N N 255 
LCC H6     H N N 256 
LCC H5M1   H N N 257 
LCC H5M2   H N N 258 
LCC H5M3   H N N 259 
LCC H41    H N N 260 
LCC H42    H N N 261 
LCC "H3'"  H N N 262 
LCC "H2'1" H N N 263 
LCC H3T    H N N 264 
LCC "H6'1" H N N 265 
LCC "H6'2" H N N 266 
LCC H1P    H N N 267 
LCC HXT    H N N 268 
LCG P      P N N 269 
LCG OP1    O N N 270 
LCG "O5'"  O N N 271 
LCG "C5'"  C N N 272 
LCG "C3'"  C N S 273 
LCG "C6'"  C N N 274 
LCG N9     N Y N 275 
LCG C8     C Y N 276 
LCG C4     C Y N 277 
LCG N7     N Y N 278 
LCG C5     C Y N 279 
LCG C6     C N N 280 
LCG "C2'"  C N R 281 
LCG O6     O N N 282 
LCG "C4'"  C N R 283 
LCG "C1'"  C N R 284 
LCG C2     C N N 285 
LCG N1     N N N 286 
LCG "O4'"  O N N 287 
LCG OP2    O N N 288 
LCG N2     N N N 289 
LCG N3     N N N 290 
LCG "O2'"  O N N 291 
LCG "O3'"  O N N 292 
LCG OP3    O N N 293 
LCG "H5'"  H N N 294 
LCG "H5''" H N N 295 
LCG "H3'"  H N N 296 
LCG "H6'1" H N N 297 
LCG "H6'2" H N N 298 
LCG H8     H N N 299 
LCG "H2'"  H N N 300 
LCG "H1'"  H N N 301 
LCG H1     H N N 302 
LCG HOP2   H N N 303 
LCG H21    H N N 304 
LCG H22    H N N 305 
LCG "HO3'" H N N 306 
LCG HOP3   H N N 307 
LKC N1     N N N 308 
LKC C2     C N N 309 
LKC N3     N N N 310 
LKC C4     C N N 311 
LKC C5     C N N 312 
LKC C6     C N N 313 
LKC O2     O N N 314 
LKC N4     N N N 315 
LKC "C1'"  C N R 316 
LKC "C2'"  C N R 317 
LKC "C3'"  C N S 318 
LKC "C4'"  C N S 319 
LKC "O4'"  O N N 320 
LKC "O3'"  O N N 321 
LKC "C5'"  C N N 322 
LKC "O5'"  O N N 323 
LKC C5A    C N N 324 
LKC "O2'"  O N N 325 
LKC "C6'"  C N N 326 
LKC H6     H N N 327 
LKC H41    H N N 328 
LKC H42    H N N 329 
LKC "H1'"  H N N 330 
LKC "H2'1" H N N 331 
LKC "H3'"  H N N 332 
LKC H3T    H N N 333 
LKC "H5'1" H N N 334 
LKC "H5'2" H N N 335 
LKC H5T    H N N 336 
LKC H5M1   H N N 337 
LKC H5M2   H N N 338 
LKC H5M3   H N N 339 
LKC "H6'1" H N N 340 
LKC "H6'2" H N N 341 
SO4 S      S N N 342 
SO4 O1     O N N 343 
SO4 O2     O N N 344 
SO4 O3     O N N 345 
SO4 O4     O N N 346 
U   OP3    O N N 347 
U   P      P N N 348 
U   OP1    O N N 349 
U   OP2    O N N 350 
U   "O5'"  O N N 351 
U   "C5'"  C N N 352 
U   "C4'"  C N R 353 
U   "O4'"  O N N 354 
U   "C3'"  C N S 355 
U   "O3'"  O N N 356 
U   "C2'"  C N R 357 
U   "O2'"  O N N 358 
U   "C1'"  C N R 359 
U   N1     N N N 360 
U   C2     C N N 361 
U   O2     O N N 362 
U   N3     N N N 363 
U   C4     C N N 364 
U   O4     O N N 365 
U   C5     C N N 366 
U   C6     C N N 367 
U   HOP3   H N N 368 
U   HOP2   H N N 369 
U   "H5'"  H N N 370 
U   "H5''" H N N 371 
U   "H4'"  H N N 372 
U   "H3'"  H N N 373 
U   "HO3'" H N N 374 
U   "H2'"  H N N 375 
U   "HO2'" H N N 376 
U   "H1'"  H N N 377 
U   H3     H N N 378 
U   H5     H N N 379 
U   H6     H N N 380 
# 
loop_
_chem_comp_bond.comp_id 
_chem_comp_bond.atom_id_1 
_chem_comp_bond.atom_id_2 
_chem_comp_bond.value_order 
_chem_comp_bond.pdbx_aromatic_flag 
_chem_comp_bond.pdbx_stereo_config 
_chem_comp_bond.pdbx_ordinal 
A   OP3   P      sing N N 1   
A   OP3   HOP3   sing N N 2   
A   P     OP1    doub N N 3   
A   P     OP2    sing N N 4   
A   P     "O5'"  sing N N 5   
A   OP2   HOP2   sing N N 6   
A   "O5'" "C5'"  sing N N 7   
A   "C5'" "C4'"  sing N N 8   
A   "C5'" "H5'"  sing N N 9   
A   "C5'" "H5''" sing N N 10  
A   "C4'" "O4'"  sing N N 11  
A   "C4'" "C3'"  sing N N 12  
A   "C4'" "H4'"  sing N N 13  
A   "O4'" "C1'"  sing N N 14  
A   "C3'" "O3'"  sing N N 15  
A   "C3'" "C2'"  sing N N 16  
A   "C3'" "H3'"  sing N N 17  
A   "O3'" "HO3'" sing N N 18  
A   "C2'" "O2'"  sing N N 19  
A   "C2'" "C1'"  sing N N 20  
A   "C2'" "H2'"  sing N N 21  
A   "O2'" "HO2'" sing N N 22  
A   "C1'" N9     sing N N 23  
A   "C1'" "H1'"  sing N N 24  
A   N9    C8     sing Y N 25  
A   N9    C4     sing Y N 26  
A   C8    N7     doub Y N 27  
A   C8    H8     sing N N 28  
A   N7    C5     sing Y N 29  
A   C5    C6     sing Y N 30  
A   C5    C4     doub Y N 31  
A   C6    N6     sing N N 32  
A   C6    N1     doub Y N 33  
A   N6    H61    sing N N 34  
A   N6    H62    sing N N 35  
A   N1    C2     sing Y N 36  
A   C2    N3     doub Y N 37  
A   C2    H2     sing N N 38  
A   N3    C4     sing Y N 39  
C   OP3   P      sing N N 40  
C   OP3   HOP3   sing N N 41  
C   P     OP1    doub N N 42  
C   P     OP2    sing N N 43  
C   P     "O5'"  sing N N 44  
C   OP2   HOP2   sing N N 45  
C   "O5'" "C5'"  sing N N 46  
C   "C5'" "C4'"  sing N N 47  
C   "C5'" "H5'"  sing N N 48  
C   "C5'" "H5''" sing N N 49  
C   "C4'" "O4'"  sing N N 50  
C   "C4'" "C3'"  sing N N 51  
C   "C4'" "H4'"  sing N N 52  
C   "O4'" "C1'"  sing N N 53  
C   "C3'" "O3'"  sing N N 54  
C   "C3'" "C2'"  sing N N 55  
C   "C3'" "H3'"  sing N N 56  
C   "O3'" "HO3'" sing N N 57  
C   "C2'" "O2'"  sing N N 58  
C   "C2'" "C1'"  sing N N 59  
C   "C2'" "H2'"  sing N N 60  
C   "O2'" "HO2'" sing N N 61  
C   "C1'" N1     sing N N 62  
C   "C1'" "H1'"  sing N N 63  
C   N1    C2     sing N N 64  
C   N1    C6     sing N N 65  
C   C2    O2     doub N N 66  
C   C2    N3     sing N N 67  
C   N3    C4     doub N N 68  
C   C4    N4     sing N N 69  
C   C4    C5     sing N N 70  
C   N4    H41    sing N N 71  
C   N4    H42    sing N N 72  
C   C5    C6     doub N N 73  
C   C5    H5     sing N N 74  
C   C6    H6     sing N N 75  
G   OP3   P      sing N N 76  
G   OP3   HOP3   sing N N 77  
G   P     OP1    doub N N 78  
G   P     OP2    sing N N 79  
G   P     "O5'"  sing N N 80  
G   OP2   HOP2   sing N N 81  
G   "O5'" "C5'"  sing N N 82  
G   "C5'" "C4'"  sing N N 83  
G   "C5'" "H5'"  sing N N 84  
G   "C5'" "H5''" sing N N 85  
G   "C4'" "O4'"  sing N N 86  
G   "C4'" "C3'"  sing N N 87  
G   "C4'" "H4'"  sing N N 88  
G   "O4'" "C1'"  sing N N 89  
G   "C3'" "O3'"  sing N N 90  
G   "C3'" "C2'"  sing N N 91  
G   "C3'" "H3'"  sing N N 92  
G   "O3'" "HO3'" sing N N 93  
G   "C2'" "O2'"  sing N N 94  
G   "C2'" "C1'"  sing N N 95  
G   "C2'" "H2'"  sing N N 96  
G   "O2'" "HO2'" sing N N 97  
G   "C1'" N9     sing N N 98  
G   "C1'" "H1'"  sing N N 99  
G   N9    C8     sing Y N 100 
G   N9    C4     sing Y N 101 
G   C8    N7     doub Y N 102 
G   C8    H8     sing N N 103 
G   N7    C5     sing Y N 104 
G   C5    C6     sing N N 105 
G   C5    C4     doub Y N 106 
G   C6    O6     doub N N 107 
G   C6    N1     sing N N 108 
G   N1    C2     sing N N 109 
G   N1    H1     sing N N 110 
G   C2    N2     sing N N 111 
G   C2    N3     doub N N 112 
G   N2    H21    sing N N 113 
G   N2    H22    sing N N 114 
G   N3    C4     sing N N 115 
GAO OP3   P      sing N N 116 
GAO OP3   HOP3   sing N N 117 
GAO P     OP1    doub N N 118 
GAO P     OP2    sing N N 119 
GAO P     "O5'"  sing N N 120 
GAO OP2   HOP2   sing N N 121 
GAO "O5'" "C5'"  sing N N 122 
GAO "C5'" "C4'"  sing N N 123 
GAO "C5'" "H5'"  sing N N 124 
GAO "C5'" "H5''" sing N N 125 
GAO "C4'" "O4'"  sing N N 126 
GAO "C4'" "C3'"  sing N N 127 
GAO "C4'" "H4'"  sing N N 128 
GAO "O4'" "C1'"  sing N N 129 
GAO "C3'" "O3'"  sing N N 130 
GAO "C3'" "C2'"  sing N N 131 
GAO "C3'" "H3'"  sing N N 132 
GAO "O3'" "HO3'" sing N N 133 
GAO "C2'" "O2'"  sing N N 134 
GAO "C2'" "C1'"  sing N N 135 
GAO "C2'" "H2'"  sing N N 136 
GAO "O2'" "HO2'" sing N N 137 
GAO "C1'" N9     sing N N 138 
GAO "C1'" "H1'"  sing N N 139 
GAO N9    C8     sing Y N 140 
GAO N9    C4     sing Y N 141 
GAO C8    N7     doub Y N 142 
GAO C8    H8     sing N N 143 
GAO N7    C5     sing Y N 144 
GAO C5    C6     sing N N 145 
GAO C5    C4     doub Y N 146 
GAO C6    O6     doub N N 147 
GAO C6    N1     sing N N 148 
GAO N1    C2     sing N N 149 
GAO N1    H1     sing N N 150 
GAO C2    N2     sing N N 151 
GAO C2    N3     doub N N 152 
GAO N2    H21    sing N N 153 
GAO N2    H22    sing N N 154 
GAO N3    C4     sing N N 155 
GP3 N9A   C8A    sing Y N 156 
GP3 N9A   C4A    sing Y N 157 
GP3 N9A   C1D    sing N N 158 
GP3 C8A   N7A    doub Y N 159 
GP3 C8A   H8A    sing N N 160 
GP3 N7A   C5A    sing Y N 161 
GP3 C5A   C6A    sing N N 162 
GP3 C5A   C4A    doub Y N 163 
GP3 C6A   O6A    doub N N 164 
GP3 C6A   N1A    sing N N 165 
GP3 N1A   C2A    sing N N 166 
GP3 N1A   H1A    sing N N 167 
GP3 C2A   N2A    sing N N 168 
GP3 C2A   N3A    doub N N 169 
GP3 N2A   H21A   sing N N 170 
GP3 N2A   H22A   sing N N 171 
GP3 N3A   C4A    sing N N 172 
GP3 O5D   C5D    sing N N 173 
GP3 O5D   PA     sing N N 174 
GP3 C5D   C4D    sing N N 175 
GP3 C5D   H51A   sing N N 176 
GP3 C5D   H52A   sing N N 177 
GP3 C4D   O4D    sing N N 178 
GP3 C4D   C3D    sing N N 179 
GP3 C4D   H4D    sing N N 180 
GP3 O4D   C1D    sing N N 181 
GP3 C3D   O3D    sing N N 182 
GP3 C3D   C2D    sing N N 183 
GP3 C3D   H3D    sing N N 184 
GP3 O3D   HO3A   sing N N 185 
GP3 C2D   O2D    sing N N 186 
GP3 C2D   C1D    sing N N 187 
GP3 C2D   H2D    sing N N 188 
GP3 O2D   HO2A   sing N N 189 
GP3 C1D   H1D    sing N N 190 
GP3 PA    O1A    doub N N 191 
GP3 PA    O2A    sing N N 192 
GP3 PA    O3A    sing N N 193 
GP3 O2A   HOA2   sing N N 194 
GP3 O3A   PB     sing N N 195 
GP3 PB    O1B    doub N N 196 
GP3 PB    O2B    sing N N 197 
GP3 PB    O3B    sing N N 198 
GP3 O2B   HOB2   sing N N 199 
GP3 O3B   PG     sing N N 200 
GP3 PG    O1G    doub N N 201 
GP3 PG    O2G    sing N N 202 
GP3 PG    O5E    sing N N 203 
GP3 O2G   HOG2   sing N N 204 
GP3 O5E   C5E    sing N N 205 
GP3 C5E   C4E    sing N N 206 
GP3 C5E   H51B   sing N N 207 
GP3 C5E   H52B   sing N N 208 
GP3 C4E   O4E    sing N N 209 
GP3 C4E   C3E    sing N N 210 
GP3 C4E   H4E    sing N N 211 
GP3 O4E   C1E    sing N N 212 
GP3 C3E   O3E    sing N N 213 
GP3 C3E   C2E    sing N N 214 
GP3 C3E   H3E    sing N N 215 
GP3 O3E   HO3B   sing N N 216 
GP3 C2E   O2E    sing N N 217 
GP3 C2E   C1E    sing N N 218 
GP3 C2E   H2E    sing N N 219 
GP3 O2E   HO2B   sing N N 220 
GP3 C1E   N9B    sing N N 221 
GP3 C1E   H1E    sing N N 222 
GP3 N9B   C8B    sing Y N 223 
GP3 N9B   C4B    sing Y N 224 
GP3 C8B   N7B    doub Y N 225 
GP3 C8B   H8B    sing N N 226 
GP3 N7B   C5B    sing Y N 227 
GP3 C5B   C6B    sing N N 228 
GP3 C5B   C4B    doub Y N 229 
GP3 C6B   O6B    doub N N 230 
GP3 C6B   N1B    sing N N 231 
GP3 N1B   C2B    sing N N 232 
GP3 N1B   H1B    sing N N 233 
GP3 C2B   N2B    sing N N 234 
GP3 C2B   N3B    doub N N 235 
GP3 N2B   H21B   sing N N 236 
GP3 N2B   H22B   sing N N 237 
GP3 N3B   C4B    sing N N 238 
HOH O     H1     sing N N 239 
HOH O     H2     sing N N 240 
LCC "O5'" "C5'"  sing N N 241 
LCC "O5'" P      sing N N 242 
LCC "C5'" "C4'"  sing N N 243 
LCC "C5'" "H5'1" sing N N 244 
LCC "C5'" "H5'2" sing N N 245 
LCC "C4'" "O4'"  sing N N 246 
LCC "C4'" "C3'"  sing N N 247 
LCC "C4'" "C6'"  sing N N 248 
LCC "O4'" "C1'"  sing N N 249 
LCC "C1'" N1     sing N N 250 
LCC "C1'" "C2'"  sing N N 251 
LCC "C1'" "H1'"  sing N N 252 
LCC N1    C6     sing N N 253 
LCC N1    C2     sing N N 254 
LCC C6    C5     doub N N 255 
LCC C6    H6     sing N N 256 
LCC C5    C5M    sing N N 257 
LCC C5    C4     sing N N 258 
LCC C5M   H5M1   sing N N 259 
LCC C5M   H5M2   sing N N 260 
LCC C5M   H5M3   sing N N 261 
LCC C4    N4     sing N N 262 
LCC C4    N3     doub N N 263 
LCC N4    H41    sing N N 264 
LCC N4    H42    sing N N 265 
LCC N3    C2     sing N N 266 
LCC C2    O2     doub N N 267 
LCC "C3'" "C2'"  sing N N 268 
LCC "C3'" "O3'"  sing N N 269 
LCC "C3'" "H3'"  sing N N 270 
LCC "C2'" "O2'"  sing N N 271 
LCC "C2'" "H2'1" sing N N 272 
LCC "O2'" "C6'"  sing N N 273 
LCC "O3'" H3T    sing N N 274 
LCC "C6'" "H6'1" sing N N 275 
LCC "C6'" "H6'2" sing N N 276 
LCC P     O1P    sing N N 277 
LCC P     O2P    doub N N 278 
LCC P     OXT    sing N N 279 
LCC O1P   H1P    sing N N 280 
LCC OXT   HXT    sing N N 281 
LCG P     OP1    doub N N 282 
LCG P     "O5'"  sing N N 283 
LCG P     OP2    sing N N 284 
LCG P     OP3    sing N N 285 
LCG "O5'" "C5'"  sing N N 286 
LCG "C5'" "C4'"  sing N N 287 
LCG "C5'" "H5'"  sing N N 288 
LCG "C5'" "H5''" sing N N 289 
LCG "C3'" "C2'"  sing N N 290 
LCG "C3'" "C4'"  sing N N 291 
LCG "C3'" "O3'"  sing N N 292 
LCG "C3'" "H3'"  sing N N 293 
LCG "C6'" "C4'"  sing N N 294 
LCG "C6'" "O2'"  sing N N 295 
LCG "C6'" "H6'1" sing N N 296 
LCG "C6'" "H6'2" sing N N 297 
LCG N9    C8     sing Y N 298 
LCG N9    C4     sing Y N 299 
LCG N9    "C1'"  sing N N 300 
LCG C8    N7     doub Y N 301 
LCG C8    H8     sing N N 302 
LCG C4    C5     doub Y N 303 
LCG C4    N3     sing N N 304 
LCG N7    C5     sing Y N 305 
LCG C5    C6     sing N N 306 
LCG C6    O6     doub N N 307 
LCG C6    N1     sing N N 308 
LCG "C2'" "C1'"  sing N N 309 
LCG "C2'" "O2'"  sing N N 310 
LCG "C2'" "H2'"  sing N N 311 
LCG "C4'" "O4'"  sing N N 312 
LCG "C1'" "O4'"  sing N N 313 
LCG "C1'" "H1'"  sing N N 314 
LCG C2    N1     sing N N 315 
LCG C2    N2     sing N N 316 
LCG C2    N3     doub N N 317 
LCG N1    H1     sing N N 318 
LCG OP2   HOP2   sing N N 319 
LCG N2    H21    sing N N 320 
LCG N2    H22    sing N N 321 
LCG "O3'" "HO3'" sing N N 322 
LCG OP3   HOP3   sing N N 323 
LKC N1    C2     sing N N 324 
LKC N1    C6     sing N N 325 
LKC N1    "C1'"  sing N N 326 
LKC C2    N3     sing N N 327 
LKC C2    O2     doub N N 328 
LKC N3    C4     doub N N 329 
LKC C4    C5     sing N N 330 
LKC C4    N4     sing N N 331 
LKC C5    C6     doub N N 332 
LKC C5    C5A    sing N N 333 
LKC C6    H6     sing N N 334 
LKC N4    H41    sing N N 335 
LKC N4    H42    sing N N 336 
LKC "C1'" "C2'"  sing N N 337 
LKC "C1'" "O4'"  sing N N 338 
LKC "C1'" "H1'"  sing N N 339 
LKC "C2'" "C3'"  sing N N 340 
LKC "C2'" "O2'"  sing N N 341 
LKC "C2'" "H2'1" sing N N 342 
LKC "C3'" "C4'"  sing N N 343 
LKC "C3'" "O3'"  sing N N 344 
LKC "C3'" "H3'"  sing N N 345 
LKC "C4'" "O4'"  sing N N 346 
LKC "C4'" "C5'"  sing N N 347 
LKC "C4'" "C6'"  sing N N 348 
LKC "O3'" H3T    sing N N 349 
LKC "C5'" "O5'"  sing N N 350 
LKC "C5'" "H5'1" sing N N 351 
LKC "C5'" "H5'2" sing N N 352 
LKC "O5'" H5T    sing N N 353 
LKC C5A   H5M1   sing N N 354 
LKC C5A   H5M2   sing N N 355 
LKC C5A   H5M3   sing N N 356 
LKC "O2'" "C6'"  sing N N 357 
LKC "C6'" "H6'1" sing N N 358 
LKC "C6'" "H6'2" sing N N 359 
SO4 S     O1     doub N N 360 
SO4 S     O2     doub N N 361 
SO4 S     O3     sing N N 362 
SO4 S     O4     sing N N 363 
U   OP3   P      sing N N 364 
U   OP3   HOP3   sing N N 365 
U   P     OP1    doub N N 366 
U   P     OP2    sing N N 367 
U   P     "O5'"  sing N N 368 
U   OP2   HOP2   sing N N 369 
U   "O5'" "C5'"  sing N N 370 
U   "C5'" "C4'"  sing N N 371 
U   "C5'" "H5'"  sing N N 372 
U   "C5'" "H5''" sing N N 373 
U   "C4'" "O4'"  sing N N 374 
U   "C4'" "C3'"  sing N N 375 
U   "C4'" "H4'"  sing N N 376 
U   "O4'" "C1'"  sing N N 377 
U   "C3'" "O3'"  sing N N 378 
U   "C3'" "C2'"  sing N N 379 
U   "C3'" "H3'"  sing N N 380 
U   "O3'" "HO3'" sing N N 381 
U   "C2'" "O2'"  sing N N 382 
U   "C2'" "C1'"  sing N N 383 
U   "C2'" "H2'"  sing N N 384 
U   "O2'" "HO2'" sing N N 385 
U   "C1'" N1     sing N N 386 
U   "C1'" "H1'"  sing N N 387 
U   N1    C2     sing N N 388 
U   N1    C6     sing N N 389 
U   C2    O2     doub N N 390 
U   C2    N3     sing N N 391 
U   N3    C4     sing N N 392 
U   N3    H3     sing N N 393 
U   C4    O4     doub N N 394 
U   C4    C5     sing N N 395 
U   C5    C6     doub N N 396 
U   C5    H5     sing N N 397 
U   C6    H6     sing N N 398 
# 
_ndb_struct_conf_na.entry_id   7LNE 
_ndb_struct_conf_na.feature    'a-form double helix' 
# 
loop_
_ndb_struct_na_base_pair.model_number 
_ndb_struct_na_base_pair.i_label_asym_id 
_ndb_struct_na_base_pair.i_label_comp_id 
_ndb_struct_na_base_pair.i_label_seq_id 
_ndb_struct_na_base_pair.i_symmetry 
_ndb_struct_na_base_pair.j_label_asym_id 
_ndb_struct_na_base_pair.j_label_comp_id 
_ndb_struct_na_base_pair.j_label_seq_id 
_ndb_struct_na_base_pair.j_symmetry 
_ndb_struct_na_base_pair.shear 
_ndb_struct_na_base_pair.stretch 
_ndb_struct_na_base_pair.stagger 
_ndb_struct_na_base_pair.buckle 
_ndb_struct_na_base_pair.propeller 
_ndb_struct_na_base_pair.opening 
_ndb_struct_na_base_pair.pair_number 
_ndb_struct_na_base_pair.pair_name 
_ndb_struct_na_base_pair.i_auth_asym_id 
_ndb_struct_na_base_pair.i_auth_seq_id 
_ndb_struct_na_base_pair.i_PDB_ins_code 
_ndb_struct_na_base_pair.j_auth_asym_id 
_ndb_struct_na_base_pair.j_auth_seq_id 
_ndb_struct_na_base_pair.j_PDB_ins_code 
_ndb_struct_na_base_pair.hbond_type_28 
_ndb_struct_na_base_pair.hbond_type_12 
1 A A 5  1_555 B U 12 1_555 0.079  -0.103 0.313  8.852  -11.762 -0.537 1 A_A5:U12_B A 5  ? B 12 ? 20 1 
1 A C 6  1_555 B G 11 1_555 0.180  -0.120 -0.119 12.811 -15.099 0.097  2 A_C6:G11_B A 6  ? B 11 ? 19 1 
1 A U 7  1_555 B A 10 1_555 -0.077 -0.135 -0.061 3.920  -15.399 1.006  3 A_U7:A10_B A 7  ? B 10 ? 20 1 
1 A U 8  1_555 B A 9  1_555 -0.039 -0.120 -0.028 2.097  -10.107 0.857  4 A_U8:A9_B  A 8  ? B 9  ? 20 1 
1 A A 9  1_555 B U 8  1_555 0.087  -0.085 0.008  -3.229 -14.298 4.373  5 A_A9:U8_B  A 9  ? B 8  ? 20 1 
1 A A 10 1_555 B U 7  1_555 0.070  -0.105 0.056  -3.852 -12.775 1.164  6 A_A10:U7_B A 10 ? B 7  ? 20 1 
1 A G 11 1_555 B C 6  1_555 -0.251 -0.152 0.039  -6.272 -16.335 -1.947 7 A_G11:C6_B A 11 ? B 6  ? 19 1 
1 A U 12 1_555 B A 5  1_555 -0.029 -0.056 0.079  -1.224 -8.781  -1.293 8 A_U12:A5_B A 12 ? B 5  ? 20 1 
# 
loop_
_ndb_struct_na_base_pair_step.model_number 
_ndb_struct_na_base_pair_step.i_label_asym_id_1 
_ndb_struct_na_base_pair_step.i_label_comp_id_1 
_ndb_struct_na_base_pair_step.i_label_seq_id_1 
_ndb_struct_na_base_pair_step.i_symmetry_1 
_ndb_struct_na_base_pair_step.j_label_asym_id_1 
_ndb_struct_na_base_pair_step.j_label_comp_id_1 
_ndb_struct_na_base_pair_step.j_label_seq_id_1 
_ndb_struct_na_base_pair_step.j_symmetry_1 
_ndb_struct_na_base_pair_step.i_label_asym_id_2 
_ndb_struct_na_base_pair_step.i_label_comp_id_2 
_ndb_struct_na_base_pair_step.i_label_seq_id_2 
_ndb_struct_na_base_pair_step.i_symmetry_2 
_ndb_struct_na_base_pair_step.j_label_asym_id_2 
_ndb_struct_na_base_pair_step.j_label_comp_id_2 
_ndb_struct_na_base_pair_step.j_label_seq_id_2 
_ndb_struct_na_base_pair_step.j_symmetry_2 
_ndb_struct_na_base_pair_step.shift 
_ndb_struct_na_base_pair_step.slide 
_ndb_struct_na_base_pair_step.rise 
_ndb_struct_na_base_pair_step.tilt 
_ndb_struct_na_base_pair_step.roll 
_ndb_struct_na_base_pair_step.twist 
_ndb_struct_na_base_pair_step.x_displacement 
_ndb_struct_na_base_pair_step.y_displacement 
_ndb_struct_na_base_pair_step.helical_rise 
_ndb_struct_na_base_pair_step.inclination 
_ndb_struct_na_base_pair_step.tip 
_ndb_struct_na_base_pair_step.helical_twist 
_ndb_struct_na_base_pair_step.step_number 
_ndb_struct_na_base_pair_step.step_name 
_ndb_struct_na_base_pair_step.i_auth_asym_id_1 
_ndb_struct_na_base_pair_step.i_auth_seq_id_1 
_ndb_struct_na_base_pair_step.i_PDB_ins_code_1 
_ndb_struct_na_base_pair_step.j_auth_asym_id_1 
_ndb_struct_na_base_pair_step.j_auth_seq_id_1 
_ndb_struct_na_base_pair_step.j_PDB_ins_code_1 
_ndb_struct_na_base_pair_step.i_auth_asym_id_2 
_ndb_struct_na_base_pair_step.i_auth_seq_id_2 
_ndb_struct_na_base_pair_step.i_PDB_ins_code_2 
_ndb_struct_na_base_pair_step.j_auth_asym_id_2 
_ndb_struct_na_base_pair_step.j_auth_seq_id_2 
_ndb_struct_na_base_pair_step.j_PDB_ins_code_2 
1 A A 5  1_555 B U 12 1_555 A C 6  1_555 B G 11 1_555 0.398  -1.485 3.176 2.977  4.592  32.439 -3.366 -0.223 2.967 8.148  -5.282 
32.886 1 AA_A5C6:G11U12_BB A 5  ? B 12 ? A 6  ? B 11 ? 
1 A C 6  1_555 B G 11 1_555 A U 7  1_555 B A 10 1_555 -0.488 -1.827 3.438 -3.620 11.813 29.868 -5.300 0.261  2.589 21.782 6.676  
32.268 2 AA_C6U7:A10G11_BB A 6  ? B 11 ? A 7  ? B 10 ? 
1 A U 7  1_555 B A 10 1_555 A U 8  1_555 B A 9  1_555 -0.369 -1.271 3.337 -3.085 10.269 32.037 -3.804 0.150  2.830 17.988 5.404  
33.739 3 AA_U7U8:A9A10_BB  A 7  ? B 10 ? A 8  ? B 9  ? 
1 A U 8  1_555 B A 9  1_555 A A 9  1_555 B U 8  1_555 0.466  -1.397 3.307 1.504  14.622 31.604 -4.405 -0.566 2.461 25.212 -2.594 
34.776 4 AA_U8A9:U8A9_BB   A 8  ? B 9  ? A 9  ? B 8  ? 
1 A A 9  1_555 B U 8  1_555 A A 10 1_555 B U 7  1_555 -0.323 -1.356 3.244 0.484  6.183  32.833 -3.336 0.639  2.942 10.818 -0.847 
33.398 5 AA_A9A10:U7U8_BB  A 9  ? B 8  ? A 10 ? B 7  ? 
1 A A 10 1_555 B U 7  1_555 A G 11 1_555 B C 6  1_555 -0.017 -1.542 3.285 1.464  8.039  30.511 -4.247 0.289  2.794 14.943 -2.721 
31.561 6 AA_A10G11:C6U7_BB A 10 ? B 7  ? A 11 ? B 6  ? 
1 A G 11 1_555 B C 6  1_555 A U 12 1_555 B A 5  1_555 -0.058 -1.319 3.151 -0.816 4.499  32.123 -3.101 -0.030 2.945 8.079  1.466  
32.439 7 AA_G11U12:A5C6_BB A 11 ? B 6  ? A 12 ? B 5  ? 
# 
loop_
_pdbx_audit_support.funding_organization 
_pdbx_audit_support.country 
_pdbx_audit_support.grant_number 
_pdbx_audit_support.ordinal 
'National Science Foundation (NSF, United States)' 'United States' 1607034 1 
'Howard Hughes Medical Institute (HHMI)'           'United States' ?       2 
# 
loop_
_pdbx_entity_instance_feature.ordinal 
_pdbx_entity_instance_feature.comp_id 
_pdbx_entity_instance_feature.asym_id 
_pdbx_entity_instance_feature.seq_num 
_pdbx_entity_instance_feature.auth_comp_id 
_pdbx_entity_instance_feature.auth_asym_id 
_pdbx_entity_instance_feature.auth_seq_num 
_pdbx_entity_instance_feature.feature_type 
_pdbx_entity_instance_feature.details 
1 GAO ? ? GAO ? ? 'SUBJECT OF INVESTIGATION' ? 
2 GP3 ? ? GP3 ? ? 'SUBJECT OF INVESTIGATION' ? 
# 
loop_
_pdbx_entity_nonpoly.entity_id 
_pdbx_entity_nonpoly.name 
_pdbx_entity_nonpoly.comp_id 
2 '[(1R,3R,4R,7S)-7-HYDROXY-3-(5-METHYLCYTOSIN-1-YL)-2,5-DIOXABICYCLO[2.2.1]HEPT-1-YL]METHYL DIHYDROGEN PHOSPHATE'     LCC 
3 '[(1R,3R,4R,7S)-7-HYDROXY-3-(GUANIN-9-YL)-2,5-DIOXABICYCLO[2.2.1]HEPT-1-YL]METHYL DIHYDROGEN PHOSPHATE'              LCG 
4 
;GUANINE ARABINOSE-5'-PHOSPHATE
;
GAO 
5 "DIGUANOSINE-5'-TRIPHOSPHATE"                                                                                        GP3 
6 '4-AMINO-1-[(1S,3R,4R,7S)-7-HYDROXY-1-(HYDROXYMETHYL)-2,5-DIOXABICYCLO[2.2.1]HEPT-3-YL]-5-METHYLPYRIMIDIN-2(1H)-ONE' LKC 
7 'SULFATE ION'                                                                                                        SO4 
8 water                                                                                                                HOH 
# 
_pdbx_initial_refinement_model.id               1 
_pdbx_initial_refinement_model.entity_id_list   ? 
_pdbx_initial_refinement_model.type             'experimental model' 
_pdbx_initial_refinement_model.source_name      PDB 
_pdbx_initial_refinement_model.accession_code   5UEE 
_pdbx_initial_refinement_model.details          ? 
# 
_pdbx_struct_assembly_auth_evidence.id                     1 
_pdbx_struct_assembly_auth_evidence.assembly_id            1 
_pdbx_struct_assembly_auth_evidence.experimental_support   none 
_pdbx_struct_assembly_auth_evidence.details                ? 
# 
